data_1PMR
#
_entry.id   1PMR
#
_cell.length_a   1.000
_cell.length_b   1.000
_cell.length_c   1.000
_cell.angle_alpha   90.00
_cell.angle_beta   90.00
_cell.angle_gamma   90.00
#
_symmetry.space_group_name_H-M   'P 1'
#
_entity_poly.entity_id   1
_entity_poly.type   'polypeptide(L)'
_entity_poly.pdbx_seq_one_letter_code
;SSVDILVPDLPESVADATVATWHKKPGDAVVRDEVLVEIETDKVVLEVPASADGILDAVLEDEGTTVTSRQILGRLREGN
;
_entity_poly.pdbx_strand_id   A
#
# COMPACT_ATOMS: atom_id res chain seq x y z
N SER A 1 -2.90 -12.67 -9.83
CA SER A 1 -1.80 -12.59 -8.84
C SER A 1 -1.22 -11.16 -8.83
N SER A 2 -1.46 -10.41 -7.79
CA SER A 2 -0.94 -9.02 -7.73
C SER A 2 -0.62 -8.65 -6.28
N VAL A 3 0.05 -7.56 -6.06
CA VAL A 3 0.36 -7.15 -4.65
C VAL A 3 -0.93 -6.74 -3.96
N ASP A 4 -1.65 -7.69 -3.41
CA ASP A 4 -2.90 -7.33 -2.70
C ASP A 4 -2.50 -6.68 -1.38
N ILE A 5 -2.22 -5.40 -1.41
CA ILE A 5 -1.79 -4.71 -0.17
C ILE A 5 -2.91 -3.84 0.38
N LEU A 6 -3.09 -3.85 1.67
CA LEU A 6 -4.17 -3.03 2.29
C LEU A 6 -3.59 -2.30 3.52
N VAL A 7 -4.43 -1.90 4.44
CA VAL A 7 -3.92 -1.19 5.65
C VAL A 7 -4.44 -1.87 6.92
N PRO A 8 -3.97 -3.06 7.16
CA PRO A 8 -4.36 -3.84 8.35
C PRO A 8 -3.56 -3.40 9.58
N ASP A 9 -3.00 -2.23 9.56
CA ASP A 9 -2.20 -1.76 10.73
C ASP A 9 -3.13 -1.10 11.75
N LEU A 10 -4.41 -1.33 11.66
CA LEU A 10 -5.36 -0.72 12.63
C LEU A 10 -4.76 -0.75 14.04
N PRO A 11 -4.22 0.37 14.47
CA PRO A 11 -3.61 0.51 15.80
C PRO A 11 -4.69 0.68 16.86
N GLU A 12 -5.15 1.89 17.06
CA GLU A 12 -6.20 2.12 18.10
C GLU A 12 -7.08 3.29 17.66
N SER A 13 -7.31 3.44 16.39
CA SER A 13 -8.16 4.56 15.90
C SER A 13 -8.58 4.30 14.45
N VAL A 14 -9.77 4.67 14.09
CA VAL A 14 -10.24 4.46 12.69
C VAL A 14 -10.83 5.74 12.13
N ALA A 15 -10.10 6.83 12.23
CA ALA A 15 -10.63 8.12 11.71
C ALA A 15 -10.22 8.28 10.24
N ASP A 16 -10.20 7.21 9.49
CA ASP A 16 -9.81 7.30 8.06
C ASP A 16 -8.30 7.58 7.97
N ALA A 17 -7.80 7.79 6.78
CA ALA A 17 -6.35 8.07 6.63
C ALA A 17 -6.06 8.53 5.18
N THR A 18 -4.81 8.52 4.80
CA THR A 18 -4.48 8.96 3.40
C THR A 18 -3.14 8.39 2.96
N VAL A 19 -3.08 7.85 1.77
CA VAL A 19 -1.80 7.28 1.24
C VAL A 19 -0.83 8.42 0.93
N ALA A 20 -0.12 8.89 1.91
CA ALA A 20 0.85 10.00 1.66
C ALA A 20 1.55 9.82 0.32
N THR A 21 2.28 8.74 0.14
CA THR A 21 2.98 8.55 -1.17
C THR A 21 3.55 7.14 -1.30
N TRP A 22 3.26 6.49 -2.40
CA TRP A 22 3.79 5.12 -2.64
C TRP A 22 5.31 5.21 -2.88
N HIS A 23 5.90 4.16 -3.35
CA HIS A 23 7.36 4.16 -3.65
C HIS A 23 7.60 3.13 -4.75
N LYS A 24 6.58 2.84 -5.51
CA LYS A 24 6.70 1.84 -6.61
C LYS A 24 6.52 2.53 -7.96
N LYS A 25 7.44 2.35 -8.86
CA LYS A 25 7.31 2.98 -10.20
C LYS A 25 6.22 2.23 -10.97
N PRO A 26 5.91 2.71 -12.16
CA PRO A 26 4.86 2.10 -12.99
C PRO A 26 5.30 0.74 -13.53
N GLY A 27 4.93 -0.30 -12.85
CA GLY A 27 5.28 -1.67 -13.30
C GLY A 27 6.70 -2.04 -12.82
N ASP A 28 7.05 -1.68 -11.62
CA ASP A 28 8.41 -2.04 -11.13
C ASP A 28 8.52 -3.56 -10.98
N ALA A 29 9.51 -4.03 -10.26
CA ALA A 29 9.69 -5.50 -10.08
C ALA A 29 10.61 -5.76 -8.89
N VAL A 30 10.08 -5.74 -7.70
CA VAL A 30 10.93 -5.97 -6.49
C VAL A 30 11.19 -7.47 -6.31
N VAL A 31 11.76 -7.84 -5.18
CA VAL A 31 12.05 -9.28 -4.92
C VAL A 31 11.59 -9.63 -3.49
N ARG A 32 12.50 -9.81 -2.57
CA ARG A 32 12.10 -10.15 -1.17
C ARG A 32 11.99 -8.84 -0.38
N ASP A 33 11.09 -7.98 -0.79
CA ASP A 33 10.90 -6.66 -0.09
C ASP A 33 10.34 -5.66 -1.11
N GLU A 34 9.05 -5.48 -1.14
CA GLU A 34 8.46 -4.54 -2.14
C GLU A 34 8.27 -3.14 -1.56
N VAL A 35 7.50 -2.34 -2.25
CA VAL A 35 7.23 -0.94 -1.80
C VAL A 35 6.75 -0.91 -0.35
N LEU A 36 6.82 0.25 0.25
CA LEU A 36 6.37 0.42 1.65
C LEU A 36 5.66 1.77 1.70
N VAL A 37 4.63 1.89 0.91
CA VAL A 37 3.86 3.17 0.83
C VAL A 37 3.73 3.81 2.22
N GLU A 38 3.29 5.02 2.27
CA GLU A 38 3.14 5.71 3.58
C GLU A 38 1.76 6.36 3.65
N ILE A 39 0.90 5.85 4.48
CA ILE A 39 -0.46 6.43 4.56
C ILE A 39 -0.51 7.45 5.70
N GLU A 40 -1.68 7.83 6.13
CA GLU A 40 -1.79 8.84 7.22
C GLU A 40 -2.94 8.47 8.14
N THR A 41 -2.65 7.85 9.26
CA THR A 41 -3.75 7.47 10.20
C THR A 41 -3.80 8.45 11.37
N ASP A 42 -3.70 9.72 11.09
CA ASP A 42 -3.74 10.73 12.18
C ASP A 42 -2.42 10.77 12.94
N LYS A 43 -1.36 11.18 12.27
CA LYS A 43 -0.01 11.26 12.92
C LYS A 43 0.68 9.91 12.82
N VAL A 44 -0.06 8.84 12.70
CA VAL A 44 0.58 7.52 12.60
C VAL A 44 0.54 7.03 11.15
N VAL A 45 1.60 7.23 10.43
CA VAL A 45 1.64 6.78 9.01
C VAL A 45 2.17 5.35 8.94
N LEU A 46 1.33 4.41 8.57
CA LEU A 46 1.78 3.00 8.49
C LEU A 46 2.52 2.78 7.17
N GLU A 47 2.90 1.57 6.89
CA GLU A 47 3.63 1.29 5.63
C GLU A 47 2.93 0.15 4.88
N VAL A 48 3.46 -0.24 3.76
CA VAL A 48 2.82 -1.35 2.99
C VAL A 48 3.92 -2.12 2.21
N PRO A 49 4.61 -2.97 2.94
CA PRO A 49 5.71 -3.78 2.39
C PRO A 49 5.21 -5.04 1.68
N ALA A 50 5.25 -5.07 0.37
CA ALA A 50 4.82 -6.32 -0.33
C ALA A 50 5.95 -7.33 -0.13
N SER A 51 6.02 -8.34 -0.93
CA SER A 51 7.13 -9.31 -0.73
C SER A 51 7.73 -9.75 -2.06
N ALA A 52 7.41 -9.07 -3.13
CA ALA A 52 7.97 -9.44 -4.45
C ALA A 52 7.10 -8.88 -5.57
N ASP A 53 7.61 -8.86 -6.77
CA ASP A 53 6.82 -8.33 -7.92
C ASP A 53 6.65 -6.83 -7.77
N GLY A 54 5.66 -6.38 -7.05
CA GLY A 54 5.46 -4.90 -6.87
C GLY A 54 5.17 -4.20 -8.21
N ILE A 55 5.31 -4.87 -9.32
CA ILE A 55 5.02 -4.23 -10.64
C ILE A 55 3.74 -3.39 -10.49
N LEU A 56 3.90 -2.12 -10.29
CA LEU A 56 2.71 -1.25 -10.11
C LEU A 56 1.75 -1.42 -11.28
N ASP A 57 0.73 -2.22 -11.10
CA ASP A 57 -0.24 -2.45 -12.21
C ASP A 57 -1.59 -1.86 -11.82
N ALA A 58 -2.02 -2.02 -10.59
CA ALA A 58 -3.35 -1.45 -10.21
C ALA A 58 -3.25 -0.77 -8.83
N VAL A 59 -3.02 0.51 -8.81
CA VAL A 59 -2.95 1.22 -7.49
C VAL A 59 -4.27 1.97 -7.28
N LEU A 60 -5.24 1.32 -6.69
CA LEU A 60 -6.55 1.99 -6.48
C LEU A 60 -6.43 3.08 -5.43
N GLU A 61 -5.28 3.21 -4.82
CA GLU A 61 -5.10 4.27 -3.79
C GLU A 61 -3.87 5.09 -4.14
N ASP A 62 -3.80 5.55 -5.35
CA ASP A 62 -2.64 6.37 -5.79
C ASP A 62 -2.42 7.54 -4.83
N GLU A 63 -1.36 7.47 -4.07
CA GLU A 63 -0.98 8.53 -3.09
C GLU A 63 -2.07 9.60 -2.93
N GLY A 64 -2.73 9.64 -1.81
CA GLY A 64 -3.78 10.66 -1.59
C GLY A 64 -5.14 9.99 -1.44
N THR A 65 -5.38 8.92 -2.15
CA THR A 65 -6.69 8.24 -2.04
C THR A 65 -7.06 8.10 -0.56
N THR A 66 -8.33 8.17 -0.25
CA THR A 66 -8.74 8.05 1.19
C THR A 66 -8.79 6.58 1.58
N VAL A 67 -8.20 6.26 2.68
CA VAL A 67 -8.18 4.85 3.15
C VAL A 67 -8.11 4.85 4.68
N THR A 68 -8.26 3.71 5.28
CA THR A 68 -8.20 3.64 6.77
C THR A 68 -7.43 2.37 7.18
N SER A 69 -7.76 1.82 8.31
CA SER A 69 -7.05 0.58 8.75
C SER A 69 -7.91 -0.64 8.41
N ARG A 70 -7.94 -1.00 7.16
CA ARG A 70 -8.75 -2.18 6.74
C ARG A 70 -9.04 -2.08 5.24
N GLN A 71 -8.96 -0.90 4.70
CA GLN A 71 -9.22 -0.72 3.25
C GLN A 71 -8.07 -1.32 2.46
N ILE A 72 -8.04 -1.11 1.16
CA ILE A 72 -6.94 -1.69 0.35
C ILE A 72 -6.26 -0.58 -0.49
N LEU A 73 -4.96 -0.49 -0.41
CA LEU A 73 -4.25 0.56 -1.20
C LEU A 73 -4.44 0.25 -2.68
N GLY A 74 -4.37 -1.00 -3.04
CA GLY A 74 -4.54 -1.38 -4.46
C GLY A 74 -3.72 -2.64 -4.73
N ARG A 75 -3.81 -3.18 -5.92
CA ARG A 75 -3.03 -4.41 -6.23
C ARG A 75 -2.04 -4.13 -7.34
N LEU A 76 -0.88 -4.72 -7.23
CA LEU A 76 0.16 -4.50 -8.26
C LEU A 76 0.37 -5.81 -9.03
N ARG A 77 1.41 -6.52 -8.72
CA ARG A 77 1.68 -7.81 -9.42
C ARG A 77 2.26 -8.82 -8.42
N GLU A 78 2.27 -10.08 -8.77
CA GLU A 78 2.82 -11.10 -7.82
C GLU A 78 3.02 -12.42 -8.56
N GLY A 79 3.31 -13.47 -7.85
CA GLY A 79 3.51 -14.79 -8.50
C GLY A 79 3.08 -15.90 -7.55
N ASN A 80 3.75 -17.03 -7.58
CA ASN A 80 3.38 -18.15 -6.68
C ASN A 80 2.09 -18.80 -7.17
N SER A 1 -3.96 -11.77 -8.37
CA SER A 1 -2.57 -12.11 -8.79
C SER A 1 -1.72 -10.83 -8.80
N SER A 2 -1.69 -10.13 -7.71
CA SER A 2 -0.88 -8.88 -7.66
C SER A 2 -0.63 -8.48 -6.20
N VAL A 3 0.08 -7.42 -5.95
CA VAL A 3 0.33 -7.00 -4.55
C VAL A 3 -0.97 -6.46 -3.96
N ASP A 4 -1.84 -7.31 -3.49
CA ASP A 4 -3.10 -6.82 -2.88
C ASP A 4 -2.75 -6.26 -1.51
N ILE A 5 -2.30 -5.05 -1.47
CA ILE A 5 -1.88 -4.46 -0.18
C ILE A 5 -2.98 -3.54 0.37
N LEU A 6 -3.24 -3.62 1.65
CA LEU A 6 -4.28 -2.76 2.27
C LEU A 6 -3.70 -2.12 3.53
N VAL A 7 -4.51 -1.88 4.52
CA VAL A 7 -4.00 -1.27 5.78
C VAL A 7 -4.48 -2.08 6.98
N PRO A 8 -3.66 -3.03 7.38
CA PRO A 8 -3.96 -3.91 8.52
C PRO A 8 -3.68 -3.21 9.86
N ASP A 9 -3.58 -1.91 9.86
CA ASP A 9 -3.31 -1.19 11.12
C ASP A 9 -4.62 -0.73 11.76
N LEU A 10 -5.61 -1.58 11.80
CA LEU A 10 -6.92 -1.21 12.41
C LEU A 10 -6.73 -0.67 13.84
N PRO A 11 -5.92 -1.33 14.63
CA PRO A 11 -5.66 -0.89 16.02
C PRO A 11 -4.71 0.31 16.04
N GLU A 12 -4.36 0.77 17.21
CA GLU A 12 -3.45 1.94 17.31
C GLU A 12 -4.20 3.22 16.93
N SER A 13 -5.47 3.27 17.23
CA SER A 13 -6.25 4.50 16.90
C SER A 13 -6.13 4.81 15.41
N VAL A 14 -7.10 4.42 14.63
CA VAL A 14 -7.03 4.69 13.16
C VAL A 14 -8.43 4.56 12.56
N ALA A 15 -9.29 5.50 12.83
CA ALA A 15 -10.68 5.43 12.27
C ALA A 15 -10.67 5.87 10.80
N ASP A 16 -9.52 6.15 10.26
CA ASP A 16 -9.46 6.58 8.83
C ASP A 16 -8.04 7.06 8.50
N ALA A 17 -7.72 7.20 7.25
CA ALA A 17 -6.36 7.68 6.88
C ALA A 17 -6.36 8.12 5.42
N THR A 18 -5.20 8.30 4.84
CA THR A 18 -5.14 8.74 3.42
C THR A 18 -3.76 8.41 2.82
N VAL A 19 -3.73 7.90 1.63
CA VAL A 19 -2.43 7.57 0.99
C VAL A 19 -1.60 8.86 0.90
N ALA A 20 -0.31 8.76 1.07
CA ALA A 20 0.55 9.97 0.99
C ALA A 20 1.50 9.83 -0.19
N THR A 21 2.24 8.76 -0.26
CA THR A 21 3.18 8.60 -1.41
C THR A 21 3.67 7.16 -1.52
N TRP A 22 3.35 6.50 -2.62
CA TRP A 22 3.83 5.11 -2.81
C TRP A 22 5.34 5.13 -3.02
N HIS A 23 5.89 4.02 -3.45
CA HIS A 23 7.35 3.96 -3.71
C HIS A 23 7.58 2.90 -4.80
N LYS A 24 6.57 2.65 -5.59
CA LYS A 24 6.67 1.63 -6.66
C LYS A 24 6.42 2.28 -8.02
N LYS A 25 7.44 2.45 -8.81
CA LYS A 25 7.23 3.07 -10.16
C LYS A 25 6.25 2.20 -10.93
N PRO A 26 5.90 2.61 -12.13
CA PRO A 26 4.93 1.88 -12.96
C PRO A 26 5.51 0.56 -13.45
N GLY A 27 5.22 -0.51 -12.75
CA GLY A 27 5.71 -1.85 -13.16
C GLY A 27 7.12 -2.08 -12.61
N ASP A 28 7.37 -1.69 -11.39
CA ASP A 28 8.72 -1.92 -10.81
C ASP A 28 9.05 -3.43 -10.81
N ALA A 29 9.90 -3.89 -9.93
CA ALA A 29 10.24 -5.33 -9.92
C ALA A 29 10.92 -5.68 -8.59
N VAL A 30 10.14 -6.01 -7.60
CA VAL A 30 10.73 -6.36 -6.27
C VAL A 30 10.87 -7.90 -6.15
N VAL A 31 11.39 -8.37 -5.04
CA VAL A 31 11.56 -9.85 -4.88
C VAL A 31 11.11 -10.26 -3.46
N ARG A 32 11.75 -9.74 -2.45
CA ARG A 32 11.36 -10.12 -1.05
C ARG A 32 11.39 -8.86 -0.19
N ASP A 33 10.50 -7.94 -0.47
CA ASP A 33 10.43 -6.64 0.29
C ASP A 33 10.00 -5.57 -0.70
N GLU A 34 8.72 -5.48 -0.98
CA GLU A 34 8.26 -4.49 -1.98
C GLU A 34 7.99 -3.11 -1.34
N VAL A 35 7.41 -2.23 -2.11
CA VAL A 35 7.12 -0.85 -1.65
C VAL A 35 6.57 -0.84 -0.22
N LEU A 36 6.68 0.30 0.41
CA LEU A 36 6.16 0.49 1.78
C LEU A 36 5.49 1.86 1.77
N VAL A 37 4.48 2.00 0.97
CA VAL A 37 3.77 3.29 0.81
C VAL A 37 3.65 4.01 2.15
N GLU A 38 3.25 5.25 2.12
CA GLU A 38 3.10 6.02 3.38
C GLU A 38 1.71 6.63 3.43
N ILE A 39 0.81 6.00 4.13
CA ILE A 39 -0.57 6.54 4.20
C ILE A 39 -0.62 7.67 5.23
N GLU A 40 -1.78 8.06 5.67
CA GLU A 40 -1.87 9.18 6.66
C GLU A 40 -3.13 9.02 7.53
N THR A 41 -2.97 8.60 8.75
CA THR A 41 -4.16 8.44 9.63
C THR A 41 -4.31 9.64 10.55
N ASP A 42 -3.31 9.90 11.32
CA ASP A 42 -3.37 11.07 12.26
C ASP A 42 -2.09 11.09 13.10
N LYS A 43 -1.03 11.67 12.58
CA LYS A 43 0.26 11.72 13.31
C LYS A 43 1.05 10.44 13.08
N VAL A 44 0.38 9.36 12.80
CA VAL A 44 1.10 8.09 12.54
C VAL A 44 0.79 7.60 11.12
N VAL A 45 1.80 7.22 10.39
CA VAL A 45 1.57 6.74 9.00
C VAL A 45 2.03 5.28 8.89
N LEU A 46 1.12 4.37 8.66
CA LEU A 46 1.51 2.96 8.55
C LEU A 46 2.05 2.69 7.14
N GLU A 47 2.99 1.79 7.03
CA GLU A 47 3.59 1.51 5.70
C GLU A 47 2.84 0.36 5.00
N VAL A 48 3.26 0.03 3.82
CA VAL A 48 2.60 -1.09 3.07
C VAL A 48 3.69 -1.91 2.34
N PRO A 49 4.42 -2.66 3.12
CA PRO A 49 5.53 -3.50 2.62
C PRO A 49 5.02 -4.81 1.99
N ALA A 50 5.08 -4.93 0.68
CA ALA A 50 4.65 -6.22 0.06
C ALA A 50 5.76 -7.23 0.35
N SER A 51 5.78 -8.35 -0.30
CA SER A 51 6.85 -9.33 0.00
C SER A 51 7.38 -9.95 -1.29
N ALA A 52 7.21 -9.26 -2.38
CA ALA A 52 7.72 -9.78 -3.69
C ALA A 52 6.98 -9.09 -4.82
N ASP A 53 7.52 -9.14 -6.00
CA ASP A 53 6.84 -8.47 -7.14
C ASP A 53 6.73 -6.97 -6.85
N GLY A 54 5.60 -6.38 -7.04
CA GLY A 54 5.47 -4.92 -6.77
C GLY A 54 5.19 -4.18 -8.07
N ILE A 55 5.48 -4.80 -9.19
CA ILE A 55 5.21 -4.14 -10.51
C ILE A 55 3.93 -3.33 -10.39
N LEU A 56 4.07 -2.05 -10.21
CA LEU A 56 2.87 -1.19 -10.04
C LEU A 56 1.95 -1.34 -11.24
N ASP A 57 0.94 -2.15 -11.11
CA ASP A 57 -0.01 -2.36 -12.24
C ASP A 57 -1.40 -1.88 -11.85
N ALA A 58 -1.81 -2.10 -10.62
CA ALA A 58 -3.18 -1.66 -10.23
C ALA A 58 -3.14 -0.95 -8.87
N VAL A 59 -2.98 0.35 -8.89
CA VAL A 59 -2.96 1.10 -7.61
C VAL A 59 -4.28 1.88 -7.49
N LEU A 60 -5.30 1.26 -7.00
CA LEU A 60 -6.61 1.95 -6.88
C LEU A 60 -6.56 3.01 -5.79
N GLU A 61 -5.46 3.12 -5.09
CA GLU A 61 -5.36 4.15 -4.04
C GLU A 61 -4.10 4.98 -4.27
N ASP A 62 -3.88 5.39 -5.48
CA ASP A 62 -2.68 6.21 -5.79
C ASP A 62 -2.58 7.37 -4.81
N GLU A 63 -1.45 7.51 -4.18
CA GLU A 63 -1.22 8.61 -3.17
C GLU A 63 -2.24 9.74 -3.34
N GLY A 64 -2.81 10.19 -2.25
CA GLY A 64 -3.82 11.28 -2.34
C GLY A 64 -5.21 10.74 -2.02
N THR A 65 -5.47 9.51 -2.34
CA THR A 65 -6.81 8.92 -2.06
C THR A 65 -6.98 8.73 -0.55
N THR A 66 -8.16 8.41 -0.11
CA THR A 66 -8.39 8.22 1.35
C THR A 66 -8.60 6.73 1.63
N VAL A 67 -8.05 6.26 2.72
CA VAL A 67 -8.18 4.82 3.06
C VAL A 67 -8.13 4.67 4.59
N THR A 68 -8.61 3.56 5.08
CA THR A 68 -8.58 3.33 6.55
C THR A 68 -7.71 2.10 6.84
N SER A 69 -8.06 1.31 7.81
CA SER A 69 -7.25 0.10 8.11
C SER A 69 -8.01 -1.14 7.62
N ARG A 70 -7.97 -1.37 6.34
CA ARG A 70 -8.67 -2.54 5.75
C ARG A 70 -8.88 -2.28 4.27
N GLN A 71 -8.82 -1.04 3.88
CA GLN A 71 -9.00 -0.69 2.44
C GLN A 71 -7.74 -1.11 1.68
N ILE A 72 -7.89 -1.78 0.57
CA ILE A 72 -6.70 -2.22 -0.20
C ILE A 72 -6.16 -1.05 -1.02
N LEU A 73 -5.00 -0.56 -0.68
CA LEU A 73 -4.41 0.56 -1.47
C LEU A 73 -4.56 0.23 -2.95
N GLY A 74 -4.35 -1.01 -3.30
CA GLY A 74 -4.48 -1.42 -4.72
C GLY A 74 -3.61 -2.66 -4.95
N ARG A 75 -3.75 -3.28 -6.08
CA ARG A 75 -2.95 -4.49 -6.36
C ARG A 75 -1.92 -4.19 -7.45
N LEU A 76 -0.72 -4.65 -7.26
CA LEU A 76 0.33 -4.39 -8.27
C LEU A 76 0.54 -5.64 -9.11
N ARG A 77 1.52 -6.43 -8.77
CA ARG A 77 1.77 -7.68 -9.55
C ARG A 77 2.30 -8.76 -8.60
N GLU A 78 2.06 -10.01 -8.92
CA GLU A 78 2.54 -11.11 -8.05
C GLU A 78 3.16 -12.22 -8.91
N GLY A 79 3.32 -13.39 -8.36
CA GLY A 79 3.91 -14.51 -9.14
C GLY A 79 3.50 -15.84 -8.52
N ASN A 80 4.07 -16.18 -7.40
CA ASN A 80 3.70 -17.47 -6.73
C ASN A 80 2.79 -17.19 -5.55
N SER A 1 -3.38 -12.53 -8.32
CA SER A 1 -1.93 -12.74 -8.60
C SER A 1 -1.21 -11.39 -8.61
N SER A 2 -1.55 -10.51 -7.72
CA SER A 2 -0.89 -9.18 -7.67
C SER A 2 -0.65 -8.76 -6.23
N VAL A 3 0.02 -7.65 -6.02
CA VAL A 3 0.27 -7.19 -4.62
C VAL A 3 -1.03 -6.64 -4.04
N ASP A 4 -1.90 -7.49 -3.58
CA ASP A 4 -3.16 -7.00 -2.96
C ASP A 4 -2.79 -6.47 -1.59
N ILE A 5 -2.29 -5.27 -1.52
CA ILE A 5 -1.86 -4.72 -0.22
C ILE A 5 -2.92 -3.80 0.36
N LEU A 6 -2.95 -3.70 1.67
CA LEU A 6 -3.93 -2.82 2.36
C LEU A 6 -3.23 -2.12 3.53
N VAL A 7 -3.98 -1.61 4.47
CA VAL A 7 -3.33 -0.91 5.63
C VAL A 7 -3.93 -1.44 6.94
N PRO A 8 -3.66 -2.69 7.22
CA PRO A 8 -4.18 -3.36 8.44
C PRO A 8 -3.34 -2.97 9.66
N ASP A 9 -3.25 -1.70 9.96
CA ASP A 9 -2.45 -1.26 11.13
C ASP A 9 -3.37 -0.59 12.15
N LEU A 10 -4.67 -0.72 11.96
CA LEU A 10 -5.65 -0.10 12.90
C LEU A 10 -5.09 -0.09 14.33
N PRO A 11 -4.74 1.09 14.81
CA PRO A 11 -4.20 1.26 16.16
C PRO A 11 -5.32 1.17 17.20
N GLU A 12 -6.42 1.84 16.97
CA GLU A 12 -7.54 1.78 17.93
C GLU A 12 -8.74 2.55 17.37
N SER A 13 -8.79 3.83 17.62
CA SER A 13 -9.92 4.64 17.10
C SER A 13 -10.09 4.40 15.60
N VAL A 14 -11.07 5.01 14.99
CA VAL A 14 -11.28 4.82 13.53
C VAL A 14 -11.08 6.16 12.82
N ALA A 15 -10.01 6.84 13.11
CA ALA A 15 -9.76 8.16 12.44
C ALA A 15 -9.45 7.93 10.96
N ASP A 16 -9.31 6.71 10.55
CA ASP A 16 -9.01 6.42 9.11
C ASP A 16 -7.59 6.89 8.79
N ALA A 17 -7.30 7.12 7.55
CA ALA A 17 -5.93 7.58 7.17
C ALA A 17 -5.93 7.99 5.69
N THR A 18 -4.78 8.14 5.09
CA THR A 18 -4.75 8.54 3.67
C THR A 18 -3.39 8.19 3.04
N VAL A 19 -3.39 7.79 1.79
CA VAL A 19 -2.12 7.47 1.10
C VAL A 19 -1.30 8.75 0.96
N ALA A 20 0.00 8.65 0.97
CA ALA A 20 0.83 9.88 0.85
C ALA A 20 1.85 9.72 -0.28
N THR A 21 2.55 8.62 -0.34
CA THR A 21 3.55 8.46 -1.44
C THR A 21 3.96 6.99 -1.63
N TRP A 22 3.55 6.39 -2.71
CA TRP A 22 3.95 4.97 -2.98
C TRP A 22 5.46 4.93 -3.25
N HIS A 23 5.92 3.86 -3.84
CA HIS A 23 7.37 3.75 -4.17
C HIS A 23 7.49 2.72 -5.28
N LYS A 24 6.52 2.69 -6.14
CA LYS A 24 6.52 1.70 -7.26
C LYS A 24 6.53 2.41 -8.60
N LYS A 25 7.63 2.37 -9.30
CA LYS A 25 7.67 3.00 -10.64
C LYS A 25 6.61 2.33 -11.50
N PRO A 26 6.49 2.72 -12.75
CA PRO A 26 5.47 2.14 -13.63
C PRO A 26 5.78 0.67 -13.93
N GLY A 27 5.26 -0.20 -13.10
CA GLY A 27 5.48 -1.66 -13.30
C GLY A 27 6.88 -2.06 -12.81
N ASP A 28 7.29 -1.62 -11.66
CA ASP A 28 8.62 -2.02 -11.15
C ASP A 28 8.67 -3.54 -11.02
N ALA A 29 9.61 -4.06 -10.27
CA ALA A 29 9.72 -5.54 -10.11
C ALA A 29 10.51 -5.86 -8.84
N VAL A 30 9.86 -5.90 -7.72
CA VAL A 30 10.59 -6.19 -6.45
C VAL A 30 10.84 -7.69 -6.32
N VAL A 31 11.41 -8.12 -5.22
CA VAL A 31 11.70 -9.57 -5.03
C VAL A 31 11.44 -9.96 -3.57
N ARG A 32 12.31 -9.56 -2.67
CA ARG A 32 12.12 -9.92 -1.23
C ARG A 32 12.03 -8.64 -0.40
N ASP A 33 11.01 -7.84 -0.64
CA ASP A 33 10.81 -6.55 0.10
C ASP A 33 10.21 -5.55 -0.87
N GLU A 34 8.91 -5.56 -1.03
CA GLU A 34 8.28 -4.63 -2.01
C GLU A 34 8.01 -3.26 -1.40
N VAL A 35 7.64 -2.35 -2.24
CA VAL A 35 7.32 -0.96 -1.82
C VAL A 35 6.74 -0.91 -0.41
N LEU A 36 6.88 0.22 0.22
CA LEU A 36 6.34 0.44 1.57
C LEU A 36 5.71 1.82 1.54
N VAL A 37 4.68 1.96 0.76
CA VAL A 37 3.99 3.26 0.60
C VAL A 37 3.92 4.01 1.94
N GLU A 38 3.51 5.24 1.91
CA GLU A 38 3.41 6.03 3.17
C GLU A 38 2.01 6.61 3.30
N ILE A 39 1.16 5.95 4.02
CA ILE A 39 -0.23 6.44 4.19
C ILE A 39 -0.24 7.55 5.25
N GLU A 40 -1.37 7.84 5.83
CA GLU A 40 -1.40 8.93 6.84
C GLU A 40 -2.45 8.60 7.91
N THR A 41 -2.01 8.13 9.05
CA THR A 41 -2.98 7.80 10.13
C THR A 41 -3.12 9.00 11.07
N ASP A 42 -3.44 8.77 12.31
CA ASP A 42 -3.60 9.90 13.27
C ASP A 42 -2.29 10.13 14.00
N LYS A 43 -1.41 10.94 13.44
CA LYS A 43 -0.10 11.22 14.09
C LYS A 43 0.90 10.14 13.70
N VAL A 44 0.44 8.99 13.33
CA VAL A 44 1.37 7.90 12.95
C VAL A 44 1.14 7.53 11.47
N VAL A 45 2.21 7.35 10.73
CA VAL A 45 2.05 7.00 9.29
C VAL A 45 2.55 5.56 9.06
N LEU A 46 1.66 4.64 8.84
CA LEU A 46 2.07 3.24 8.62
C LEU A 46 2.55 3.09 7.16
N GLU A 47 2.97 1.93 6.77
CA GLU A 47 3.45 1.75 5.38
C GLU A 47 2.72 0.58 4.71
N VAL A 48 3.25 0.09 3.61
CA VAL A 48 2.59 -1.05 2.92
C VAL A 48 3.67 -1.88 2.18
N PRO A 49 4.38 -2.64 2.95
CA PRO A 49 5.47 -3.49 2.44
C PRO A 49 4.96 -4.81 1.84
N ALA A 50 5.13 -5.00 0.55
CA ALA A 50 4.68 -6.30 -0.04
C ALA A 50 5.83 -7.29 0.21
N SER A 51 5.83 -8.44 -0.40
CA SER A 51 6.95 -9.38 -0.12
C SER A 51 7.54 -9.94 -1.42
N ALA A 52 7.30 -9.29 -2.52
CA ALA A 52 7.86 -9.77 -3.82
C ALA A 52 7.04 -9.18 -4.95
N ASP A 53 7.57 -9.15 -6.14
CA ASP A 53 6.81 -8.57 -7.27
C ASP A 53 6.60 -7.07 -6.99
N GLY A 54 5.47 -6.53 -7.28
CA GLY A 54 5.25 -5.09 -6.99
C GLY A 54 5.01 -4.31 -8.29
N ILE A 55 5.34 -4.89 -9.42
CA ILE A 55 5.14 -4.19 -10.72
C ILE A 55 3.91 -3.28 -10.63
N LEU A 56 4.11 -2.04 -10.31
CA LEU A 56 2.98 -1.09 -10.18
C LEU A 56 2.03 -1.27 -11.35
N ASP A 57 0.95 -1.98 -11.15
CA ASP A 57 -0.01 -2.22 -12.26
C ASP A 57 -1.39 -1.67 -11.88
N ALA A 58 -1.87 -1.93 -10.69
CA ALA A 58 -3.22 -1.42 -10.32
C ALA A 58 -3.20 -0.83 -8.91
N VAL A 59 -3.28 0.47 -8.81
CA VAL A 59 -3.30 1.11 -7.46
C VAL A 59 -4.68 1.75 -7.27
N LEU A 60 -5.61 1.03 -6.71
CA LEU A 60 -6.97 1.60 -6.52
C LEU A 60 -6.94 2.69 -5.45
N GLU A 61 -5.81 2.88 -4.83
CA GLU A 61 -5.71 3.93 -3.78
C GLU A 61 -4.50 4.81 -4.10
N ASP A 62 -4.31 5.10 -5.35
CA ASP A 62 -3.16 5.94 -5.77
C ASP A 62 -2.98 7.09 -4.77
N GLU A 63 -1.76 7.36 -4.39
CA GLU A 63 -1.47 8.46 -3.42
C GLU A 63 -2.52 9.56 -3.49
N GLY A 64 -2.80 10.18 -2.38
CA GLY A 64 -3.81 11.27 -2.36
C GLY A 64 -5.20 10.69 -2.18
N THR A 65 -5.31 9.38 -2.11
CA THR A 65 -6.65 8.76 -1.93
C THR A 65 -6.89 8.50 -0.44
N THR A 66 -8.13 8.43 -0.03
CA THR A 66 -8.43 8.19 1.41
C THR A 66 -8.57 6.69 1.66
N VAL A 67 -8.20 6.25 2.83
CA VAL A 67 -8.30 4.80 3.16
C VAL A 67 -8.55 4.63 4.66
N THR A 68 -9.13 3.54 5.05
CA THR A 68 -9.39 3.32 6.50
C THR A 68 -8.33 2.37 7.04
N SER A 69 -8.68 1.48 7.93
CA SER A 69 -7.68 0.53 8.46
C SER A 69 -7.27 -0.42 7.34
N ARG A 70 -7.82 -1.61 7.33
CA ARG A 70 -7.46 -2.57 6.24
C ARG A 70 -8.15 -2.17 4.94
N GLN A 71 -7.65 -1.17 4.27
CA GLN A 71 -8.27 -0.74 2.98
C GLN A 71 -7.27 -1.01 1.87
N ILE A 72 -7.39 -2.14 1.22
CA ILE A 72 -6.44 -2.50 0.14
C ILE A 72 -6.06 -1.27 -0.69
N LEU A 73 -4.85 -0.81 -0.57
CA LEU A 73 -4.43 0.37 -1.37
C LEU A 73 -4.65 0.03 -2.84
N GLY A 74 -4.34 -1.18 -3.21
CA GLY A 74 -4.52 -1.60 -4.63
C GLY A 74 -3.67 -2.83 -4.90
N ARG A 75 -3.69 -3.32 -6.11
CA ARG A 75 -2.88 -4.52 -6.42
C ARG A 75 -1.86 -4.19 -7.49
N LEU A 76 -0.65 -4.63 -7.30
CA LEU A 76 0.41 -4.35 -8.31
C LEU A 76 0.58 -5.57 -9.20
N ARG A 77 1.47 -6.45 -8.85
CA ARG A 77 1.70 -7.67 -9.67
C ARG A 77 2.24 -8.78 -8.78
N GLU A 78 1.99 -10.02 -9.13
CA GLU A 78 2.49 -11.15 -8.30
C GLU A 78 2.50 -12.44 -9.13
N GLY A 79 2.73 -13.55 -8.49
CA GLY A 79 2.75 -14.84 -9.24
C GLY A 79 3.04 -15.99 -8.28
N ASN A 80 3.71 -17.02 -8.74
CA ASN A 80 4.03 -18.17 -7.84
C ASN A 80 5.54 -18.39 -7.84
N SER A 1 -1.49 -13.65 -6.56
CA SER A 1 -2.20 -12.87 -7.62
C SER A 1 -1.52 -11.51 -7.79
N SER A 2 -1.45 -10.73 -6.75
CA SER A 2 -0.80 -9.40 -6.86
C SER A 2 -0.59 -8.81 -5.45
N VAL A 3 -0.04 -7.63 -5.36
CA VAL A 3 0.18 -7.02 -4.03
C VAL A 3 -1.13 -6.38 -3.56
N ASP A 4 -2.12 -7.18 -3.22
CA ASP A 4 -3.40 -6.62 -2.74
C ASP A 4 -3.19 -6.10 -1.33
N ILE A 5 -2.69 -4.90 -1.20
CA ILE A 5 -2.42 -4.35 0.16
C ILE A 5 -3.54 -3.42 0.61
N LEU A 6 -3.59 -3.16 1.89
CA LEU A 6 -4.63 -2.24 2.46
C LEU A 6 -4.01 -1.51 3.66
N VAL A 7 -4.81 -0.98 4.53
CA VAL A 7 -4.24 -0.26 5.71
C VAL A 7 -4.95 -0.72 6.99
N PRO A 8 -4.93 -2.00 7.24
CA PRO A 8 -5.55 -2.59 8.44
C PRO A 8 -4.64 -2.44 9.65
N ASP A 9 -3.92 -1.36 9.77
CA ASP A 9 -3.02 -1.18 10.92
C ASP A 9 -3.65 -0.22 11.93
N LEU A 10 -4.80 0.32 11.62
CA LEU A 10 -5.45 1.26 12.57
C LEU A 10 -6.90 0.83 12.81
N PRO A 11 -7.05 -0.31 13.45
CA PRO A 11 -8.38 -0.86 13.77
C PRO A 11 -8.99 -0.14 14.96
N GLU A 12 -8.32 -0.14 16.09
CA GLU A 12 -8.87 0.55 17.29
C GLU A 12 -9.42 1.91 16.87
N SER A 13 -10.37 2.42 17.62
CA SER A 13 -10.95 3.74 17.28
C SER A 13 -11.23 3.79 15.76
N VAL A 14 -11.27 4.96 15.20
CA VAL A 14 -11.54 5.07 13.73
C VAL A 14 -10.98 6.40 13.21
N ALA A 15 -9.71 6.64 13.37
CA ALA A 15 -9.13 7.91 12.89
C ALA A 15 -8.82 7.80 11.40
N ASP A 16 -8.88 6.61 10.86
CA ASP A 16 -8.59 6.43 9.42
C ASP A 16 -7.15 6.88 9.15
N ALA A 17 -6.86 7.30 7.96
CA ALA A 17 -5.48 7.75 7.66
C ALA A 17 -5.43 8.42 6.28
N THR A 18 -4.28 8.51 5.69
CA THR A 18 -4.18 9.17 4.36
C THR A 18 -2.97 8.66 3.59
N VAL A 19 -3.16 8.15 2.41
CA VAL A 19 -2.02 7.64 1.61
C VAL A 19 -1.10 8.81 1.24
N ALA A 20 0.04 8.90 1.85
CA ALA A 20 0.97 10.02 1.56
C ALA A 20 1.64 9.82 0.20
N THR A 21 2.36 8.75 0.00
CA THR A 21 3.03 8.56 -1.34
C THR A 21 3.59 7.15 -1.51
N TRP A 22 3.25 6.50 -2.59
CA TRP A 22 3.78 5.13 -2.87
C TRP A 22 5.29 5.21 -3.15
N HIS A 23 5.85 4.15 -3.67
CA HIS A 23 7.29 4.14 -4.03
C HIS A 23 7.47 3.12 -5.15
N LYS A 24 6.43 2.90 -5.91
CA LYS A 24 6.50 1.91 -7.03
C LYS A 24 6.23 2.61 -8.37
N LYS A 25 6.99 2.27 -9.37
CA LYS A 25 6.75 2.89 -10.71
C LYS A 25 5.72 2.03 -11.44
N PRO A 26 5.36 2.40 -12.64
CA PRO A 26 4.35 1.66 -13.41
C PRO A 26 4.87 0.30 -13.87
N GLY A 27 4.41 -0.74 -13.22
CA GLY A 27 4.83 -2.11 -13.58
C GLY A 27 6.25 -2.40 -13.11
N ASP A 28 6.62 -1.96 -11.93
CA ASP A 28 7.99 -2.26 -11.44
C ASP A 28 8.18 -3.78 -11.37
N ALA A 29 9.23 -4.22 -10.70
CA ALA A 29 9.49 -5.69 -10.60
C ALA A 29 10.47 -5.93 -9.45
N VAL A 30 10.00 -5.90 -8.24
CA VAL A 30 10.90 -6.12 -7.07
C VAL A 30 11.18 -7.61 -6.87
N VAL A 31 12.13 -7.91 -6.02
CA VAL A 31 12.47 -9.34 -5.73
C VAL A 31 12.02 -9.69 -4.32
N ARG A 32 12.90 -9.61 -3.35
CA ARG A 32 12.51 -9.96 -1.96
C ARG A 32 12.41 -8.67 -1.13
N ASP A 33 11.69 -7.70 -1.60
CA ASP A 33 11.53 -6.40 -0.88
C ASP A 33 10.77 -5.42 -1.78
N GLU A 34 9.48 -5.34 -1.63
CA GLU A 34 8.70 -4.43 -2.51
C GLU A 34 8.32 -3.13 -1.78
N VAL A 35 7.93 -2.13 -2.54
CA VAL A 35 7.56 -0.80 -1.97
C VAL A 35 6.97 -0.91 -0.57
N LEU A 36 7.00 0.19 0.12
CA LEU A 36 6.44 0.30 1.47
C LEU A 36 5.77 1.66 1.51
N VAL A 37 4.71 1.80 0.75
CA VAL A 37 4.00 3.09 0.66
C VAL A 37 3.96 3.78 2.03
N GLU A 38 3.63 5.02 2.06
CA GLU A 38 3.58 5.75 3.35
C GLU A 38 2.17 6.27 3.54
N ILE A 39 1.69 6.31 4.75
CA ILE A 39 0.32 6.79 4.99
C ILE A 39 0.34 7.76 6.19
N GLU A 40 -0.80 8.16 6.68
CA GLU A 40 -0.82 9.10 7.83
C GLU A 40 -2.06 8.85 8.69
N THR A 41 -1.91 8.88 9.98
CA THR A 41 -3.09 8.64 10.86
C THR A 41 -3.15 9.72 11.95
N ASP A 42 -2.58 10.88 11.68
CA ASP A 42 -2.59 11.99 12.68
C ASP A 42 -1.40 11.88 13.62
N LYS A 43 -0.45 11.10 13.25
CA LYS A 43 0.76 10.93 14.11
C LYS A 43 1.46 9.64 13.72
N VAL A 44 0.72 8.64 13.33
CA VAL A 44 1.36 7.34 12.95
C VAL A 44 1.38 7.20 11.42
N VAL A 45 2.37 6.55 10.89
CA VAL A 45 2.44 6.39 9.41
C VAL A 45 2.84 4.95 9.06
N LEU A 46 1.89 4.11 8.78
CA LEU A 46 2.20 2.71 8.43
C LEU A 46 2.65 2.66 6.97
N GLU A 47 2.91 1.50 6.44
CA GLU A 47 3.36 1.44 5.03
C GLU A 47 2.77 0.24 4.30
N VAL A 48 3.37 -0.14 3.20
CA VAL A 48 2.85 -1.30 2.40
C VAL A 48 4.04 -2.07 1.81
N PRO A 49 4.70 -2.83 2.66
CA PRO A 49 5.86 -3.62 2.25
C PRO A 49 5.44 -4.92 1.58
N ALA A 50 5.66 -5.06 0.30
CA ALA A 50 5.29 -6.34 -0.37
C ALA A 50 6.52 -7.24 -0.31
N SER A 51 6.55 -8.34 -1.01
CA SER A 51 7.76 -9.20 -0.91
C SER A 51 8.25 -9.63 -2.30
N ALA A 52 7.78 -8.99 -3.33
CA ALA A 52 8.24 -9.37 -4.70
C ALA A 52 7.27 -8.84 -5.74
N ASP A 53 7.53 -9.11 -6.99
CA ASP A 53 6.63 -8.62 -8.06
C ASP A 53 6.57 -7.10 -8.03
N GLY A 54 5.67 -6.54 -7.27
CA GLY A 54 5.55 -5.06 -7.19
C GLY A 54 5.12 -4.43 -8.52
N ILE A 55 5.17 -5.16 -9.60
CA ILE A 55 4.76 -4.57 -10.91
C ILE A 55 3.46 -3.80 -10.70
N LEU A 56 3.55 -2.51 -10.53
CA LEU A 56 2.33 -1.69 -10.29
C LEU A 56 1.32 -2.03 -11.37
N ASP A 57 0.43 -2.93 -11.07
CA ASP A 57 -0.60 -3.36 -12.06
C ASP A 57 -1.92 -2.63 -11.80
N ALA A 58 -2.33 -2.49 -10.57
CA ALA A 58 -3.63 -1.80 -10.32
C ALA A 58 -3.62 -1.02 -9.02
N VAL A 59 -3.02 0.14 -9.00
CA VAL A 59 -3.03 0.97 -7.76
C VAL A 59 -4.38 1.70 -7.69
N LEU A 60 -5.41 1.03 -7.22
CA LEU A 60 -6.75 1.67 -7.17
C LEU A 60 -6.74 2.79 -6.13
N GLU A 61 -5.71 2.87 -5.34
CA GLU A 61 -5.63 3.94 -4.33
C GLU A 61 -4.34 4.72 -4.54
N ASP A 62 -4.10 5.15 -5.76
CA ASP A 62 -2.87 5.91 -6.05
C ASP A 62 -2.58 6.89 -4.91
N GLU A 63 -1.36 6.94 -4.47
CA GLU A 63 -0.98 7.84 -3.34
C GLU A 63 -1.79 9.13 -3.38
N GLY A 64 -2.29 9.54 -2.25
CA GLY A 64 -3.10 10.79 -2.19
C GLY A 64 -4.55 10.45 -1.87
N THR A 65 -4.91 9.20 -1.97
CA THR A 65 -6.32 8.80 -1.66
C THR A 65 -6.46 8.56 -0.15
N THR A 66 -7.66 8.67 0.36
CA THR A 66 -7.86 8.46 1.82
C THR A 66 -7.68 6.98 2.15
N VAL A 67 -7.56 6.67 3.40
CA VAL A 67 -7.36 5.25 3.80
C VAL A 67 -7.97 5.04 5.20
N THR A 68 -8.08 3.81 5.62
CA THR A 68 -8.66 3.53 6.95
C THR A 68 -8.00 2.29 7.55
N SER A 69 -8.73 1.53 8.33
CA SER A 69 -8.14 0.31 8.94
C SER A 69 -8.38 -0.88 8.01
N ARG A 70 -8.32 -0.65 6.73
CA ARG A 70 -8.53 -1.76 5.76
C ARG A 70 -8.82 -1.21 4.36
N GLN A 71 -8.28 -0.07 4.02
CA GLN A 71 -8.53 0.50 2.66
C GLN A 71 -7.54 -0.11 1.69
N ILE A 72 -7.86 -1.24 1.11
CA ILE A 72 -6.93 -1.88 0.15
C ILE A 72 -6.37 -0.83 -0.82
N LEU A 73 -5.11 -0.50 -0.68
CA LEU A 73 -4.52 0.50 -1.63
C LEU A 73 -4.78 0.01 -3.04
N GLY A 74 -4.60 -1.26 -3.25
CA GLY A 74 -4.82 -1.84 -4.61
C GLY A 74 -4.01 -3.12 -4.73
N ARG A 75 -3.74 -3.56 -5.93
CA ARG A 75 -2.96 -4.79 -6.10
C ARG A 75 -1.89 -4.59 -7.16
N LEU A 76 -0.70 -5.02 -6.88
CA LEU A 76 0.40 -4.86 -7.88
C LEU A 76 0.57 -6.17 -8.65
N ARG A 77 1.50 -6.98 -8.24
CA ARG A 77 1.72 -8.28 -8.96
C ARG A 77 2.34 -9.29 -7.99
N GLU A 78 2.28 -10.56 -8.33
CA GLU A 78 2.86 -11.59 -7.43
C GLU A 78 3.11 -12.88 -8.23
N GLY A 79 3.29 -13.98 -7.55
CA GLY A 79 3.54 -15.26 -8.27
C GLY A 79 5.04 -15.44 -8.48
N ASN A 80 5.59 -16.52 -7.97
CA ASN A 80 7.05 -16.75 -8.14
C ASN A 80 7.41 -18.13 -7.58
N SER A 1 -2.44 -13.40 -5.09
CA SER A 1 -1.58 -13.48 -6.29
C SER A 1 -0.63 -12.28 -6.32
N SER A 2 -1.05 -11.19 -6.91
CA SER A 2 -0.18 -9.99 -6.97
C SER A 2 -0.06 -9.38 -5.57
N VAL A 3 0.42 -8.17 -5.48
CA VAL A 3 0.56 -7.54 -4.14
C VAL A 3 -0.81 -7.01 -3.69
N ASP A 4 -1.67 -7.88 -3.24
CA ASP A 4 -2.99 -7.42 -2.75
C ASP A 4 -2.77 -6.78 -1.39
N ILE A 5 -2.40 -5.54 -1.36
CA ILE A 5 -2.10 -4.88 -0.07
C ILE A 5 -3.27 -3.99 0.39
N LEU A 6 -3.43 -3.86 1.69
CA LEU A 6 -4.52 -3.02 2.24
C LEU A 6 -3.95 -2.12 3.34
N VAL A 7 -4.78 -1.63 4.22
CA VAL A 7 -4.27 -0.75 5.30
C VAL A 7 -4.90 -1.14 6.65
N PRO A 8 -4.72 -2.37 7.04
CA PRO A 8 -5.27 -2.88 8.31
C PRO A 8 -4.39 -2.48 9.50
N ASP A 9 -3.56 -1.47 9.35
CA ASP A 9 -2.69 -1.06 10.48
C ASP A 9 -3.16 0.28 11.04
N LEU A 10 -4.37 0.34 11.55
CA LEU A 10 -4.86 1.63 12.11
C LEU A 10 -5.54 1.35 13.46
N PRO A 11 -5.33 2.23 14.40
CA PRO A 11 -5.91 2.11 15.75
C PRO A 11 -7.38 2.54 15.73
N GLU A 12 -8.23 1.80 16.38
CA GLU A 12 -9.67 2.17 16.41
C GLU A 12 -9.86 3.47 17.20
N SER A 13 -10.03 4.56 16.52
CA SER A 13 -10.22 5.86 17.24
C SER A 13 -10.19 7.02 16.23
N VAL A 14 -9.53 6.83 15.13
CA VAL A 14 -9.46 7.90 14.11
C VAL A 14 -10.68 7.82 13.19
N ALA A 15 -10.53 7.20 12.06
CA ALA A 15 -11.68 7.09 11.11
C ALA A 15 -11.16 6.74 9.72
N ASP A 16 -9.92 7.02 9.45
CA ASP A 16 -9.34 6.70 8.12
C ASP A 16 -7.94 7.32 8.00
N ALA A 17 -7.05 6.64 7.33
CA ALA A 17 -5.67 7.18 7.18
C ALA A 17 -5.55 7.88 5.82
N THR A 18 -4.38 7.90 5.27
CA THR A 18 -4.19 8.56 3.95
C THR A 18 -2.89 8.06 3.29
N VAL A 19 -2.99 7.49 2.12
CA VAL A 19 -1.77 6.98 1.43
C VAL A 19 -0.84 8.17 1.12
N ALA A 20 0.05 8.48 2.01
CA ALA A 20 0.97 9.63 1.79
C ALA A 20 1.71 9.49 0.46
N THR A 21 2.43 8.41 0.27
CA THR A 21 3.18 8.27 -1.02
C THR A 21 3.69 6.85 -1.23
N TRP A 22 3.31 6.23 -2.31
CA TRP A 22 3.81 4.86 -2.61
C TRP A 22 5.32 4.95 -2.90
N HIS A 23 5.88 3.92 -3.47
CA HIS A 23 7.32 3.93 -3.82
C HIS A 23 7.50 3.05 -5.06
N LYS A 24 6.44 2.86 -5.79
CA LYS A 24 6.51 2.02 -7.02
C LYS A 24 6.18 2.86 -8.24
N LYS A 25 6.68 2.47 -9.39
CA LYS A 25 6.39 3.23 -10.63
C LYS A 25 5.36 2.40 -11.43
N PRO A 26 5.05 2.81 -12.65
CA PRO A 26 4.05 2.10 -13.44
C PRO A 26 4.57 0.73 -13.88
N GLY A 27 4.43 -0.24 -13.00
CA GLY A 27 4.87 -1.62 -13.30
C GLY A 27 6.37 -1.76 -13.08
N ASP A 28 6.88 -1.30 -11.97
CA ASP A 28 8.34 -1.43 -11.72
C ASP A 28 8.76 -2.91 -11.82
N ALA A 29 9.18 -3.53 -10.76
CA ALA A 29 9.60 -4.96 -10.83
C ALA A 29 10.43 -5.33 -9.60
N VAL A 30 9.80 -5.46 -8.46
CA VAL A 30 10.57 -5.81 -7.22
C VAL A 30 10.87 -7.32 -7.18
N VAL A 31 11.89 -7.68 -6.44
CA VAL A 31 12.28 -9.11 -6.31
C VAL A 31 11.68 -9.68 -5.01
N ARG A 32 12.48 -9.92 -3.99
CA ARG A 32 11.94 -10.46 -2.72
C ARG A 32 11.90 -9.33 -1.68
N ASP A 33 10.95 -8.42 -1.82
CA ASP A 33 10.82 -7.26 -0.90
C ASP A 33 10.35 -6.07 -1.74
N GLU A 34 9.10 -5.72 -1.69
CA GLU A 34 8.66 -4.60 -2.57
C GLU A 34 8.27 -3.33 -1.81
N VAL A 35 7.75 -2.40 -2.56
CA VAL A 35 7.33 -1.07 -2.02
C VAL A 35 6.91 -1.13 -0.55
N LEU A 36 7.06 -0.02 0.11
CA LEU A 36 6.67 0.12 1.53
C LEU A 36 5.96 1.47 1.64
N VAL A 37 4.90 1.61 0.89
CA VAL A 37 4.13 2.88 0.85
C VAL A 37 4.06 3.51 2.24
N GLU A 38 3.61 4.73 2.32
CA GLU A 38 3.50 5.41 3.62
C GLU A 38 2.08 5.93 3.77
N ILE A 39 1.54 5.87 4.95
CA ILE A 39 0.14 6.34 5.13
C ILE A 39 0.10 7.34 6.30
N GLU A 40 -1.06 7.85 6.61
CA GLU A 40 -1.16 8.84 7.72
C GLU A 40 -2.40 8.54 8.56
N THR A 41 -2.23 8.42 9.85
CA THR A 41 -3.39 8.13 10.74
C THR A 41 -3.37 9.09 11.93
N ASP A 42 -2.78 10.24 11.76
CA ASP A 42 -2.72 11.24 12.87
C ASP A 42 -1.60 10.90 13.86
N LYS A 43 -0.41 11.37 13.59
CA LYS A 43 0.75 11.12 14.49
C LYS A 43 1.41 9.79 14.14
N VAL A 44 0.68 8.86 13.60
CA VAL A 44 1.30 7.56 13.25
C VAL A 44 1.29 7.37 11.74
N VAL A 45 2.33 6.79 11.20
CA VAL A 45 2.38 6.56 9.73
C VAL A 45 2.99 5.18 9.45
N LEU A 46 2.16 4.21 9.17
CA LEU A 46 2.69 2.85 8.91
C LEU A 46 3.16 2.76 7.46
N GLU A 47 3.39 1.57 6.98
CA GLU A 47 3.87 1.43 5.59
C GLU A 47 3.26 0.18 4.94
N VAL A 48 3.84 -0.30 3.87
CA VAL A 48 3.26 -1.51 3.22
C VAL A 48 4.36 -2.23 2.41
N PRO A 49 5.19 -2.94 3.11
CA PRO A 49 6.30 -3.69 2.50
C PRO A 49 5.78 -5.02 1.92
N ALA A 50 5.69 -5.14 0.62
CA ALA A 50 5.21 -6.42 0.06
C ALA A 50 6.36 -7.42 0.18
N SER A 51 6.28 -8.54 -0.47
CA SER A 51 7.41 -9.51 -0.33
C SER A 51 7.67 -10.22 -1.66
N ALA A 52 7.30 -9.63 -2.76
CA ALA A 52 7.56 -10.28 -4.08
C ALA A 52 6.67 -9.67 -5.17
N ASP A 53 7.30 -9.09 -6.17
CA ASP A 53 6.57 -8.45 -7.32
C ASP A 53 6.68 -6.93 -7.16
N GLY A 54 5.61 -6.23 -6.98
CA GLY A 54 5.71 -4.74 -6.81
C GLY A 54 5.36 -4.06 -8.13
N ILE A 55 5.57 -4.72 -9.25
CA ILE A 55 5.23 -4.09 -10.55
C ILE A 55 3.87 -3.40 -10.41
N LEU A 56 3.87 -2.12 -10.20
CA LEU A 56 2.58 -1.39 -10.01
C LEU A 56 1.65 -1.72 -11.17
N ASP A 57 0.71 -2.60 -10.94
CA ASP A 57 -0.25 -2.98 -11.99
C ASP A 57 -1.57 -2.26 -11.77
N ALA A 58 -2.09 -2.25 -10.56
CA ALA A 58 -3.38 -1.56 -10.33
C ALA A 58 -3.40 -0.93 -8.93
N VAL A 59 -3.10 0.35 -8.83
CA VAL A 59 -3.12 1.02 -7.51
C VAL A 59 -4.49 1.69 -7.33
N LEU A 60 -5.43 0.99 -6.77
CA LEU A 60 -6.79 1.58 -6.59
C LEU A 60 -6.75 2.67 -5.51
N GLU A 61 -5.62 2.88 -4.90
CA GLU A 61 -5.54 3.93 -3.85
C GLU A 61 -4.26 4.73 -4.08
N ASP A 62 -4.09 5.25 -5.25
CA ASP A 62 -2.88 6.04 -5.56
C ASP A 62 -2.58 6.99 -4.40
N GLU A 63 -1.37 6.99 -3.94
CA GLU A 63 -0.97 7.86 -2.79
C GLU A 63 -1.72 9.19 -2.83
N GLY A 64 -2.53 9.46 -1.85
CA GLY A 64 -3.29 10.73 -1.82
C GLY A 64 -4.78 10.45 -1.63
N THR A 65 -5.16 9.20 -1.66
CA THR A 65 -6.61 8.85 -1.48
C THR A 65 -6.88 8.52 -0.02
N THR A 66 -8.12 8.53 0.38
CA THR A 66 -8.44 8.21 1.81
C THR A 66 -8.39 6.70 2.01
N VAL A 67 -8.20 6.28 3.22
CA VAL A 67 -8.11 4.83 3.50
C VAL A 67 -8.60 4.57 4.93
N THR A 68 -8.69 3.32 5.32
CA THR A 68 -9.16 3.00 6.70
C THR A 68 -8.39 1.78 7.20
N SER A 69 -8.85 1.15 8.26
CA SER A 69 -8.13 -0.04 8.77
C SER A 69 -8.62 -1.28 8.02
N ARG A 70 -8.39 -1.34 6.73
CA ARG A 70 -8.84 -2.51 5.93
C ARG A 70 -8.91 -2.14 4.45
N GLN A 71 -8.94 -0.86 4.16
CA GLN A 71 -9.01 -0.42 2.73
C GLN A 71 -7.90 -1.10 1.93
N ILE A 72 -8.17 -1.46 0.70
CA ILE A 72 -7.13 -2.12 -0.13
C ILE A 72 -6.42 -1.08 -0.98
N LEU A 73 -5.16 -0.81 -0.73
CA LEU A 73 -4.44 0.19 -1.56
C LEU A 73 -4.61 -0.21 -3.02
N GLY A 74 -4.70 -1.49 -3.25
CA GLY A 74 -4.86 -1.99 -4.64
C GLY A 74 -4.00 -3.25 -4.81
N ARG A 75 -3.80 -3.67 -6.01
CA ARG A 75 -2.97 -4.88 -6.24
C ARG A 75 -1.91 -4.59 -7.27
N LEU A 76 -0.74 -5.09 -7.05
CA LEU A 76 0.36 -4.83 -8.00
C LEU A 76 0.53 -6.07 -8.90
N ARG A 77 1.69 -6.68 -8.92
CA ARG A 77 1.87 -7.87 -9.80
C ARG A 77 2.12 -9.11 -8.96
N GLU A 78 1.98 -10.27 -9.52
CA GLU A 78 2.21 -11.53 -8.76
C GLU A 78 3.47 -12.22 -9.27
N GLY A 79 4.19 -12.88 -8.40
CA GLY A 79 5.44 -13.56 -8.84
C GLY A 79 5.07 -14.78 -9.70
N ASN A 80 5.90 -15.78 -9.71
CA ASN A 80 5.60 -17.00 -10.52
C ASN A 80 5.24 -18.16 -9.59
N SER A 1 -1.18 -13.47 -3.48
CA SER A 1 -0.08 -13.69 -4.48
C SER A 1 0.63 -12.36 -4.75
N SER A 2 0.01 -11.50 -5.51
CA SER A 2 0.64 -10.19 -5.82
C SER A 2 0.68 -9.33 -4.56
N VAL A 3 1.05 -8.09 -4.69
CA VAL A 3 1.10 -7.21 -3.50
C VAL A 3 -0.26 -6.54 -3.29
N ASP A 4 -1.28 -7.30 -3.04
CA ASP A 4 -2.61 -6.71 -2.81
C ASP A 4 -2.70 -6.32 -1.33
N ILE A 5 -2.29 -5.12 -0.99
CA ILE A 5 -2.32 -4.75 0.45
C ILE A 5 -3.49 -3.84 0.78
N LEU A 6 -3.66 -3.61 2.06
CA LEU A 6 -4.77 -2.73 2.55
C LEU A 6 -4.24 -1.90 3.73
N VAL A 7 -5.12 -1.44 4.58
CA VAL A 7 -4.64 -0.63 5.74
C VAL A 7 -5.23 -1.16 7.06
N PRO A 8 -5.05 -2.45 7.31
CA PRO A 8 -5.54 -3.09 8.54
C PRO A 8 -4.59 -2.81 9.71
N ASP A 9 -3.89 -1.70 9.68
CA ASP A 9 -2.94 -1.40 10.78
C ASP A 9 -3.44 -0.19 11.58
N LEU A 10 -4.54 0.39 11.16
CA LEU A 10 -5.07 1.57 11.87
C LEU A 10 -5.58 1.15 13.26
N PRO A 11 -5.32 1.98 14.24
CA PRO A 11 -5.74 1.73 15.63
C PRO A 11 -7.22 2.05 15.82
N GLU A 12 -7.65 2.27 17.03
CA GLU A 12 -9.09 2.59 17.27
C GLU A 12 -9.25 4.11 17.38
N SER A 13 -8.32 4.86 16.86
CA SER A 13 -8.43 6.34 16.93
C SER A 13 -8.05 6.95 15.58
N VAL A 14 -8.75 6.58 14.54
CA VAL A 14 -8.43 7.13 13.20
C VAL A 14 -9.65 6.97 12.28
N ALA A 15 -10.56 7.89 12.34
CA ALA A 15 -11.78 7.79 11.48
C ALA A 15 -11.38 7.36 10.06
N ASP A 16 -10.18 7.64 9.68
CA ASP A 16 -9.73 7.25 8.31
C ASP A 16 -8.26 7.66 8.11
N ALA A 17 -7.58 7.05 7.18
CA ALA A 17 -6.16 7.41 6.93
C ALA A 17 -6.01 7.87 5.47
N THR A 18 -4.81 7.92 4.97
CA THR A 18 -4.62 8.36 3.56
C THR A 18 -3.26 7.86 3.03
N VAL A 19 -3.23 7.43 1.80
CA VAL A 19 -1.95 6.93 1.22
C VAL A 19 -1.02 8.12 0.94
N ALA A 20 -0.19 8.46 1.88
CA ALA A 20 0.73 9.61 1.69
C ALA A 20 1.52 9.45 0.39
N THR A 21 2.32 8.42 0.25
CA THR A 21 3.11 8.29 -1.00
C THR A 21 3.64 6.86 -1.20
N TRP A 22 3.29 6.24 -2.29
CA TRP A 22 3.79 4.87 -2.58
C TRP A 22 5.30 4.92 -2.83
N HIS A 23 5.85 3.87 -3.37
CA HIS A 23 7.31 3.85 -3.70
C HIS A 23 7.49 2.92 -4.91
N LYS A 24 6.50 2.87 -5.77
CA LYS A 24 6.60 1.97 -6.95
C LYS A 24 6.45 2.77 -8.25
N LYS A 25 6.56 2.08 -9.35
CA LYS A 25 6.42 2.73 -10.68
C LYS A 25 5.47 1.85 -11.50
N PRO A 26 5.23 2.21 -12.74
CA PRO A 26 4.30 1.46 -13.60
C PRO A 26 4.88 0.08 -13.94
N GLY A 27 4.66 -0.86 -13.06
CA GLY A 27 5.16 -2.24 -13.29
C GLY A 27 6.60 -2.38 -12.79
N ASP A 28 6.88 -1.92 -11.60
CA ASP A 28 8.26 -2.06 -11.06
C ASP A 28 8.70 -3.53 -11.10
N ALA A 29 9.66 -3.92 -10.30
CA ALA A 29 10.12 -5.34 -10.32
C ALA A 29 10.92 -5.62 -9.05
N VAL A 30 10.25 -5.99 -8.00
CA VAL A 30 10.98 -6.27 -6.72
C VAL A 30 11.27 -7.78 -6.60
N VAL A 31 12.07 -8.17 -5.64
CA VAL A 31 12.39 -9.61 -5.46
C VAL A 31 12.26 -9.98 -3.99
N ARG A 32 12.97 -9.31 -3.12
CA ARG A 32 12.89 -9.63 -1.67
C ARG A 32 12.93 -8.32 -0.87
N ASP A 33 11.94 -7.49 -1.05
CA ASP A 33 11.87 -6.16 -0.35
C ASP A 33 11.12 -5.18 -1.26
N GLU A 34 9.82 -5.23 -1.25
CA GLU A 34 9.03 -4.35 -2.13
C GLU A 34 8.60 -3.06 -1.42
N VAL A 35 8.11 -2.13 -2.19
CA VAL A 35 7.65 -0.82 -1.66
C VAL A 35 7.09 -0.94 -0.25
N LEU A 36 7.10 0.15 0.45
CA LEU A 36 6.54 0.23 1.81
C LEU A 36 5.80 1.56 1.86
N VAL A 37 4.77 1.67 1.07
CA VAL A 37 3.98 2.92 0.97
C VAL A 37 3.86 3.57 2.36
N GLU A 38 3.45 4.80 2.40
CA GLU A 38 3.32 5.50 3.70
C GLU A 38 1.93 6.11 3.79
N ILE A 39 1.04 5.45 4.47
CA ILE A 39 -0.33 5.98 4.58
C ILE A 39 -0.35 7.07 5.67
N GLU A 40 -1.51 7.49 6.10
CA GLU A 40 -1.58 8.56 7.14
C GLU A 40 -2.63 8.21 8.18
N THR A 41 -2.22 7.97 9.40
CA THR A 41 -3.21 7.64 10.47
C THR A 41 -3.36 8.85 11.40
N ASP A 42 -2.77 8.79 12.56
CA ASP A 42 -2.87 9.94 13.52
C ASP A 42 -1.55 10.08 14.27
N LYS A 43 -0.67 10.94 13.80
CA LYS A 43 0.64 11.14 14.45
C LYS A 43 1.64 10.11 13.93
N VAL A 44 1.16 8.96 13.52
CA VAL A 44 2.07 7.92 13.00
C VAL A 44 1.71 7.62 11.54
N VAL A 45 2.38 6.68 10.94
CA VAL A 45 2.08 6.34 9.52
C VAL A 45 2.35 4.86 9.27
N LEU A 46 1.35 4.13 8.87
CA LEU A 46 1.54 2.68 8.61
C LEU A 46 2.19 2.52 7.24
N GLU A 47 2.81 1.40 6.99
CA GLU A 47 3.47 1.21 5.67
C GLU A 47 2.93 -0.06 5.00
N VAL A 48 3.51 -0.43 3.89
CA VAL A 48 3.05 -1.66 3.19
C VAL A 48 4.24 -2.31 2.47
N PRO A 49 5.16 -2.80 3.25
CA PRO A 49 6.38 -3.45 2.76
C PRO A 49 6.07 -4.85 2.23
N ALA A 50 6.25 -5.09 0.95
CA ALA A 50 5.99 -6.44 0.39
C ALA A 50 7.30 -7.23 0.43
N SER A 51 7.32 -8.42 -0.07
CA SER A 51 8.59 -9.21 -0.03
C SER A 51 8.90 -9.77 -1.41
N ALA A 52 8.35 -9.19 -2.43
CA ALA A 52 8.61 -9.69 -3.82
C ALA A 52 7.54 -9.14 -4.76
N ASP A 53 7.79 -9.14 -6.04
CA ASP A 53 6.79 -8.59 -6.99
C ASP A 53 6.86 -7.06 -6.91
N GLY A 54 5.76 -6.39 -7.08
CA GLY A 54 5.79 -4.90 -6.98
C GLY A 54 5.39 -4.29 -8.31
N ILE A 55 5.44 -5.02 -9.38
CA ILE A 55 5.05 -4.46 -10.69
C ILE A 55 3.70 -3.73 -10.50
N LEU A 56 3.76 -2.45 -10.28
CA LEU A 56 2.51 -1.68 -10.05
C LEU A 56 1.53 -1.95 -11.18
N ASP A 57 0.48 -2.66 -10.90
CA ASP A 57 -0.52 -2.99 -11.96
C ASP A 57 -1.85 -2.29 -11.65
N ALA A 58 -2.41 -2.49 -10.48
CA ALA A 58 -3.72 -1.83 -10.19
C ALA A 58 -3.70 -1.15 -8.83
N VAL A 59 -3.12 0.02 -8.74
CA VAL A 59 -3.10 0.75 -7.43
C VAL A 59 -4.45 1.44 -7.26
N LEU A 60 -5.41 0.76 -6.70
CA LEU A 60 -6.76 1.38 -6.52
C LEU A 60 -6.72 2.46 -5.45
N GLU A 61 -5.58 2.67 -4.84
CA GLU A 61 -5.49 3.72 -3.79
C GLU A 61 -4.23 4.54 -4.05
N ASP A 62 -4.07 5.03 -5.25
CA ASP A 62 -2.88 5.82 -5.58
C ASP A 62 -2.59 6.81 -4.45
N GLU A 63 -1.35 6.85 -4.02
CA GLU A 63 -0.95 7.77 -2.91
C GLU A 63 -1.73 9.08 -3.00
N GLY A 64 -2.61 9.32 -2.07
CA GLY A 64 -3.39 10.59 -2.09
C GLY A 64 -4.89 10.27 -2.06
N THR A 65 -5.24 9.02 -1.94
CA THR A 65 -6.68 8.65 -1.90
C THR A 65 -7.11 8.37 -0.46
N THR A 66 -8.39 8.39 -0.21
CA THR A 66 -8.88 8.13 1.18
C THR A 66 -8.80 6.64 1.48
N VAL A 67 -8.62 6.30 2.72
CA VAL A 67 -8.51 4.87 3.10
C VAL A 67 -9.03 4.69 4.53
N THR A 68 -9.14 3.47 4.99
CA THR A 68 -9.63 3.23 6.38
C THR A 68 -8.83 2.10 7.00
N SER A 69 -9.34 1.45 8.00
CA SER A 69 -8.58 0.32 8.63
C SER A 69 -8.93 -0.99 7.92
N ARG A 70 -8.59 -1.09 6.66
CA ARG A 70 -8.89 -2.35 5.89
C ARG A 70 -8.89 -2.04 4.39
N GLN A 71 -9.05 -0.80 4.04
CA GLN A 71 -9.07 -0.43 2.60
C GLN A 71 -7.86 -1.06 1.90
N ILE A 72 -8.05 -1.57 0.71
CA ILE A 72 -6.92 -2.21 -0.02
C ILE A 72 -6.17 -1.15 -0.83
N LEU A 73 -4.93 -0.87 -0.51
CA LEU A 73 -4.18 0.14 -1.30
C LEU A 73 -4.36 -0.23 -2.77
N GLY A 74 -4.31 -1.49 -3.04
CA GLY A 74 -4.47 -1.96 -4.44
C GLY A 74 -3.62 -3.21 -4.63
N ARG A 75 -3.53 -3.71 -5.83
CA ARG A 75 -2.71 -4.92 -6.05
C ARG A 75 -1.58 -4.60 -7.00
N LEU A 76 -0.44 -5.14 -6.75
CA LEU A 76 0.72 -4.85 -7.64
C LEU A 76 0.73 -5.85 -8.80
N ARG A 77 1.43 -6.94 -8.63
CA ARG A 77 1.48 -7.95 -9.73
C ARG A 77 1.96 -9.29 -9.17
N GLU A 78 1.94 -10.32 -9.98
CA GLU A 78 2.40 -11.66 -9.50
C GLU A 78 2.41 -12.64 -10.68
N GLY A 79 3.52 -13.28 -10.92
CA GLY A 79 3.59 -14.25 -12.05
C GLY A 79 2.91 -13.68 -13.28
N ASN A 80 1.64 -13.98 -13.48
CA ASN A 80 0.92 -13.45 -14.66
C ASN A 80 -0.43 -12.88 -14.22
N SER A 1 -1.48 -13.76 -6.79
CA SER A 1 -0.75 -13.50 -8.06
C SER A 1 -0.58 -11.99 -8.25
N SER A 2 -0.67 -11.23 -7.21
CA SER A 2 -0.52 -9.75 -7.33
C SER A 2 -0.35 -9.13 -5.94
N VAL A 3 0.02 -7.88 -5.87
CA VAL A 3 0.20 -7.23 -4.55
C VAL A 3 -1.14 -6.63 -4.10
N ASP A 4 -2.08 -7.44 -3.70
CA ASP A 4 -3.37 -6.92 -3.23
C ASP A 4 -3.16 -6.40 -1.80
N ILE A 5 -2.63 -5.22 -1.67
CA ILE A 5 -2.36 -4.68 -0.31
C ILE A 5 -3.51 -3.82 0.19
N LEU A 6 -3.62 -3.69 1.49
CA LEU A 6 -4.70 -2.85 2.10
C LEU A 6 -4.11 -2.08 3.28
N VAL A 7 -4.91 -1.69 4.22
CA VAL A 7 -4.37 -0.93 5.38
C VAL A 7 -4.99 -1.45 6.68
N PRO A 8 -4.72 -2.70 6.99
CA PRO A 8 -5.22 -3.35 8.20
C PRO A 8 -4.36 -2.96 9.41
N ASP A 9 -4.02 -1.70 9.53
CA ASP A 9 -3.18 -1.27 10.67
C ASP A 9 -3.83 -0.07 11.36
N LEU A 10 -5.13 -0.01 11.36
CA LEU A 10 -5.82 1.14 12.02
C LEU A 10 -5.68 1.02 13.55
N PRO A 11 -5.54 2.16 14.20
CA PRO A 11 -5.40 2.22 15.66
C PRO A 11 -6.77 2.09 16.33
N GLU A 12 -7.83 2.18 15.57
CA GLU A 12 -9.19 2.06 16.15
C GLU A 12 -9.43 3.23 17.12
N SER A 13 -8.62 4.25 17.03
CA SER A 13 -8.80 5.42 17.95
C SER A 13 -8.69 6.72 17.15
N VAL A 14 -8.59 6.63 15.85
CA VAL A 14 -8.49 7.86 15.01
C VAL A 14 -9.80 8.07 14.25
N ALA A 15 -9.85 7.65 13.02
CA ALA A 15 -11.11 7.84 12.24
C ALA A 15 -10.86 7.60 10.75
N ASP A 16 -9.63 7.70 10.32
CA ASP A 16 -9.34 7.48 8.87
C ASP A 16 -7.83 7.56 8.63
N ALA A 17 -7.43 7.71 7.40
CA ALA A 17 -5.97 7.79 7.09
C ALA A 17 -5.78 8.27 5.65
N THR A 18 -4.58 8.24 5.15
CA THR A 18 -4.35 8.70 3.75
C THR A 18 -3.03 8.13 3.21
N VAL A 19 -3.05 7.63 2.00
CA VAL A 19 -1.81 7.07 1.40
C VAL A 19 -0.84 8.21 1.08
N ALA A 20 -0.08 8.63 2.05
CA ALA A 20 0.88 9.75 1.82
C ALA A 20 1.56 9.59 0.46
N THR A 21 2.31 8.54 0.26
CA THR A 21 2.99 8.41 -1.06
C THR A 21 3.51 6.98 -1.28
N TRP A 22 3.17 6.38 -2.40
CA TRP A 22 3.66 5.01 -2.70
C TRP A 22 5.16 5.08 -2.95
N HIS A 23 5.72 4.03 -3.46
CA HIS A 23 7.18 4.03 -3.78
C HIS A 23 7.38 3.10 -4.98
N LYS A 24 6.43 3.09 -5.88
CA LYS A 24 6.53 2.20 -7.08
C LYS A 24 6.22 3.00 -8.34
N LYS A 25 6.50 2.42 -9.48
CA LYS A 25 6.20 3.10 -10.78
C LYS A 25 5.24 2.19 -11.55
N PRO A 26 4.96 2.48 -12.80
CA PRO A 26 4.02 1.66 -13.57
C PRO A 26 4.58 0.27 -13.85
N GLY A 27 4.39 -0.62 -12.90
CA GLY A 27 4.89 -2.01 -13.05
C GLY A 27 6.40 -2.07 -12.83
N ASP A 28 6.88 -1.48 -11.76
CA ASP A 28 8.34 -1.51 -11.50
C ASP A 28 8.87 -2.96 -11.50
N ALA A 29 9.29 -3.46 -10.36
CA ALA A 29 9.85 -4.83 -10.27
C ALA A 29 10.73 -4.88 -9.02
N VAL A 30 10.27 -5.48 -7.96
CA VAL A 30 11.10 -5.49 -6.72
C VAL A 30 11.74 -6.85 -6.49
N VAL A 31 12.55 -6.93 -5.46
CA VAL A 31 13.23 -8.21 -5.10
C VAL A 31 12.67 -8.66 -3.74
N ARG A 32 13.52 -9.13 -2.85
CA ARG A 32 13.01 -9.54 -1.51
C ARG A 32 12.84 -8.29 -0.65
N ASP A 33 11.79 -7.54 -0.89
CA ASP A 33 11.51 -6.27 -0.15
C ASP A 33 10.75 -5.35 -1.10
N GLU A 34 9.47 -5.57 -1.25
CA GLU A 34 8.68 -4.73 -2.20
C GLU A 34 8.23 -3.40 -1.58
N VAL A 35 7.68 -2.54 -2.42
CA VAL A 35 7.20 -1.20 -1.97
C VAL A 35 6.69 -1.23 -0.53
N LEU A 36 6.69 -0.09 0.10
CA LEU A 36 6.21 0.04 1.49
C LEU A 36 5.52 1.40 1.55
N VAL A 37 4.47 1.58 0.80
CA VAL A 37 3.76 2.87 0.77
C VAL A 37 3.70 3.49 2.17
N GLU A 38 3.31 4.73 2.26
CA GLU A 38 3.24 5.38 3.60
C GLU A 38 1.89 6.08 3.73
N ILE A 39 1.00 5.50 4.46
CA ILE A 39 -0.33 6.13 4.62
C ILE A 39 -0.28 7.18 5.74
N GLU A 40 -1.39 7.55 6.30
CA GLU A 40 -1.38 8.58 7.37
C GLU A 40 -2.37 8.20 8.47
N THR A 41 -1.92 8.15 9.69
CA THR A 41 -2.84 7.79 10.81
C THR A 41 -2.68 8.80 11.95
N ASP A 42 -2.10 9.93 11.69
CA ASP A 42 -1.91 10.95 12.77
C ASP A 42 -0.84 10.47 13.75
N LYS A 43 0.41 10.75 13.44
CA LYS A 43 1.53 10.33 14.34
C LYS A 43 1.95 8.91 13.99
N VAL A 44 1.05 8.11 13.47
CA VAL A 44 1.41 6.72 13.11
C VAL A 44 1.30 6.55 11.59
N VAL A 45 2.15 5.75 11.01
CA VAL A 45 2.09 5.56 9.53
C VAL A 45 2.19 4.07 9.20
N LEU A 46 1.18 3.52 8.60
CA LEU A 46 1.22 2.07 8.26
C LEU A 46 2.05 1.89 6.98
N GLU A 47 2.54 0.71 6.74
CA GLU A 47 3.36 0.49 5.52
C GLU A 47 2.71 -0.54 4.60
N VAL A 48 3.25 -0.72 3.43
CA VAL A 48 2.67 -1.71 2.48
C VAL A 48 3.82 -2.49 1.81
N PRO A 49 4.45 -3.33 2.60
CA PRO A 49 5.58 -4.15 2.14
C PRO A 49 5.10 -5.38 1.36
N ALA A 50 5.43 -5.47 0.09
CA ALA A 50 5.03 -6.68 -0.68
C ALA A 50 6.24 -7.60 -0.72
N SER A 51 6.12 -8.79 -1.21
CA SER A 51 7.31 -9.68 -1.19
C SER A 51 7.74 -10.01 -2.61
N ALA A 52 8.41 -9.09 -3.24
CA ALA A 52 8.91 -9.30 -4.64
C ALA A 52 7.85 -8.87 -5.64
N ASP A 53 8.25 -8.63 -6.86
CA ASP A 53 7.27 -8.21 -7.91
C ASP A 53 6.96 -6.71 -7.77
N GLY A 54 6.14 -6.35 -6.82
CA GLY A 54 5.79 -4.91 -6.65
C GLY A 54 5.57 -4.23 -8.01
N ILE A 55 5.26 -4.98 -9.03
CA ILE A 55 5.03 -4.37 -10.36
C ILE A 55 3.69 -3.63 -10.31
N LEU A 56 3.73 -2.36 -10.02
CA LEU A 56 2.48 -1.56 -9.93
C LEU A 56 1.57 -1.84 -11.13
N ASP A 57 0.71 -2.79 -10.98
CA ASP A 57 -0.24 -3.13 -12.09
C ASP A 57 -1.44 -2.19 -12.02
N ALA A 58 -2.05 -2.06 -10.87
CA ALA A 58 -3.24 -1.16 -10.76
C ALA A 58 -3.36 -0.59 -9.35
N VAL A 59 -2.92 0.62 -9.15
CA VAL A 59 -3.04 1.25 -7.80
C VAL A 59 -4.45 1.84 -7.66
N LEU A 60 -5.38 1.07 -7.16
CA LEU A 60 -6.77 1.59 -7.02
C LEU A 60 -6.80 2.67 -5.93
N GLU A 61 -5.72 2.86 -5.23
CA GLU A 61 -5.69 3.88 -4.17
C GLU A 61 -4.41 4.71 -4.34
N ASP A 62 -4.20 5.22 -5.52
CA ASP A 62 -2.97 6.03 -5.78
C ASP A 62 -2.70 6.94 -4.60
N GLU A 63 -1.47 6.99 -4.17
CA GLU A 63 -1.09 7.84 -2.99
C GLU A 63 -1.90 9.14 -2.99
N GLY A 64 -2.56 9.42 -1.89
CA GLY A 64 -3.36 10.68 -1.81
C GLY A 64 -4.85 10.32 -1.68
N THR A 65 -5.18 9.06 -1.75
CA THR A 65 -6.60 8.66 -1.63
C THR A 65 -6.97 8.53 -0.15
N THR A 66 -8.23 8.45 0.17
CA THR A 66 -8.63 8.34 1.60
C THR A 66 -8.80 6.86 1.96
N VAL A 67 -8.32 6.49 3.12
CA VAL A 67 -8.45 5.07 3.56
C VAL A 67 -8.53 5.03 5.09
N THR A 68 -9.15 4.01 5.62
CA THR A 68 -9.26 3.90 7.10
C THR A 68 -8.50 2.65 7.57
N SER A 69 -9.19 1.57 7.79
CA SER A 69 -8.51 0.33 8.21
C SER A 69 -8.21 -0.52 6.97
N ARG A 70 -8.64 -1.75 6.94
CA ARG A 70 -8.38 -2.60 5.74
C ARG A 70 -8.95 -1.92 4.49
N GLN A 71 -8.20 -1.03 3.89
CA GLN A 71 -8.69 -0.36 2.65
C GLN A 71 -7.73 -0.71 1.52
N ILE A 72 -7.96 -1.84 0.89
CA ILE A 72 -7.06 -2.28 -0.22
C ILE A 72 -6.52 -1.10 -1.02
N LEU A 73 -5.27 -0.77 -0.85
CA LEU A 73 -4.70 0.36 -1.64
C LEU A 73 -4.91 0.03 -3.10
N GLY A 74 -4.75 -1.22 -3.44
CA GLY A 74 -4.93 -1.64 -4.85
C GLY A 74 -4.25 -2.98 -5.06
N ARG A 75 -3.95 -3.33 -6.28
CA ARG A 75 -3.28 -4.62 -6.54
C ARG A 75 -2.18 -4.42 -7.55
N LEU A 76 -1.12 -5.17 -7.39
CA LEU A 76 0.01 -5.04 -8.33
C LEU A 76 0.39 -6.44 -8.83
N ARG A 77 1.64 -6.76 -8.89
CA ARG A 77 2.02 -8.12 -9.38
C ARG A 77 2.78 -8.85 -8.27
N GLU A 78 2.69 -10.16 -8.24
CA GLU A 78 3.40 -10.92 -7.18
C GLU A 78 4.07 -12.16 -7.80
N GLY A 79 4.51 -13.08 -6.98
CA GLY A 79 5.17 -14.30 -7.52
C GLY A 79 4.12 -15.40 -7.73
N ASN A 80 4.52 -16.63 -7.69
CA ASN A 80 3.56 -17.75 -7.89
C ASN A 80 2.86 -17.58 -9.24
N SER A 1 -2.89 -12.96 -6.14
CA SER A 1 -2.10 -12.93 -7.41
C SER A 1 -1.47 -11.55 -7.59
N SER A 2 -1.35 -10.79 -6.53
CA SER A 2 -0.76 -9.43 -6.65
C SER A 2 -0.50 -8.87 -5.25
N VAL A 3 0.26 -7.81 -5.16
CA VAL A 3 0.53 -7.21 -3.82
C VAL A 3 -0.75 -6.58 -3.29
N ASP A 4 -1.47 -7.28 -2.44
CA ASP A 4 -2.73 -6.72 -1.88
C ASP A 4 -2.34 -5.61 -0.89
N ILE A 5 -2.13 -4.44 -1.38
CA ILE A 5 -1.72 -3.31 -0.50
C ILE A 5 -2.94 -2.73 0.21
N LEU A 6 -2.93 -2.74 1.52
CA LEU A 6 -4.08 -2.18 2.29
C LEU A 6 -3.55 -1.54 3.57
N VAL A 7 -4.42 -1.25 4.51
CA VAL A 7 -3.96 -0.63 5.77
C VAL A 7 -4.63 -1.33 6.97
N PRO A 8 -4.45 -2.63 7.05
CA PRO A 8 -5.02 -3.43 8.15
C PRO A 8 -4.16 -3.32 9.41
N ASP A 9 -3.61 -2.17 9.67
CA ASP A 9 -2.78 -2.01 10.88
C ASP A 9 -3.64 -1.58 12.06
N LEU A 10 -4.84 -1.13 11.77
CA LEU A 10 -5.79 -0.70 12.83
C LEU A 10 -5.05 -0.19 14.08
N PRO A 11 -4.26 0.83 13.88
CA PRO A 11 -3.47 1.45 14.97
C PRO A 11 -4.37 2.38 15.80
N GLU A 12 -4.70 3.51 15.27
CA GLU A 12 -5.58 4.47 16.02
C GLU A 12 -6.25 5.41 15.01
N SER A 13 -6.45 4.96 13.81
CA SER A 13 -7.09 5.83 12.78
C SER A 13 -8.32 6.52 13.37
N VAL A 14 -8.65 7.67 12.88
CA VAL A 14 -9.84 8.40 13.40
C VAL A 14 -11.05 8.09 12.53
N ALA A 15 -11.28 8.90 11.54
CA ALA A 15 -12.44 8.65 10.63
C ALA A 15 -11.95 8.04 9.32
N ASP A 16 -10.67 7.90 9.16
CA ASP A 16 -10.13 7.31 7.91
C ASP A 16 -8.64 7.66 7.77
N ALA A 17 -7.88 6.84 7.09
CA ALA A 17 -6.43 7.13 6.93
C ALA A 17 -6.18 7.75 5.55
N THR A 18 -4.95 7.85 5.15
CA THR A 18 -4.64 8.44 3.82
C THR A 18 -3.32 7.89 3.28
N VAL A 19 -3.31 7.46 2.05
CA VAL A 19 -2.05 6.90 1.45
C VAL A 19 -1.05 8.04 1.24
N ALA A 20 -0.31 8.39 2.25
CA ALA A 20 0.67 9.50 2.11
C ALA A 20 1.40 9.39 0.76
N THR A 21 2.16 8.35 0.55
CA THR A 21 2.89 8.24 -0.76
C THR A 21 3.44 6.83 -0.98
N TRP A 22 3.17 6.26 -2.12
CA TRP A 22 3.69 4.91 -2.45
C TRP A 22 5.20 4.99 -2.66
N HIS A 23 5.77 3.95 -3.21
CA HIS A 23 7.23 3.94 -3.50
C HIS A 23 7.46 3.02 -4.69
N LYS A 24 6.47 2.90 -5.54
CA LYS A 24 6.60 1.99 -6.72
C LYS A 24 6.48 2.78 -8.02
N LYS A 25 6.82 2.17 -9.11
CA LYS A 25 6.74 2.84 -10.43
C LYS A 25 5.68 2.10 -11.25
N PRO A 26 5.45 2.53 -12.47
CA PRO A 26 4.43 1.89 -13.33
C PRO A 26 4.89 0.51 -13.79
N GLY A 27 4.61 -0.48 -12.98
CA GLY A 27 5.01 -1.88 -13.34
C GLY A 27 6.41 -2.20 -12.84
N ASP A 28 6.77 -1.78 -11.66
CA ASP A 28 8.12 -2.10 -11.15
C ASP A 28 8.35 -3.62 -11.18
N ALA A 29 9.35 -4.09 -10.49
CA ALA A 29 9.62 -5.56 -10.51
C ALA A 29 10.48 -5.92 -9.29
N VAL A 30 9.89 -6.00 -8.13
CA VAL A 30 10.67 -6.34 -6.90
C VAL A 30 10.90 -7.87 -6.84
N VAL A 31 11.56 -8.35 -5.82
CA VAL A 31 11.83 -9.82 -5.73
C VAL A 31 11.63 -10.30 -4.29
N ARG A 32 12.20 -9.62 -3.34
CA ARG A 32 12.05 -10.04 -1.91
C ARG A 32 12.15 -8.80 -1.04
N ASP A 33 11.23 -7.89 -1.23
CA ASP A 33 11.23 -6.59 -0.47
C ASP A 33 10.57 -5.55 -1.36
N GLU A 34 9.28 -5.59 -1.49
CA GLU A 34 8.59 -4.63 -2.40
C GLU A 34 8.32 -3.30 -1.71
N VAL A 35 7.55 -2.47 -2.36
CA VAL A 35 7.21 -1.13 -1.84
C VAL A 35 6.71 -1.21 -0.40
N LEU A 36 6.74 -0.09 0.28
CA LEU A 36 6.25 0.00 1.66
C LEU A 36 5.53 1.34 1.78
N VAL A 37 4.48 1.49 1.00
CA VAL A 37 3.72 2.77 0.97
C VAL A 37 3.60 3.35 2.39
N GLU A 38 3.15 4.57 2.49
CA GLU A 38 3.01 5.22 3.81
C GLU A 38 1.60 5.78 3.92
N ILE A 39 0.88 5.42 4.94
CA ILE A 39 -0.50 5.93 5.07
C ILE A 39 -0.58 6.87 6.27
N GLU A 40 -1.75 7.31 6.63
CA GLU A 40 -1.89 8.25 7.79
C GLU A 40 -3.03 7.79 8.69
N THR A 41 -2.78 7.67 9.97
CA THR A 41 -3.86 7.23 10.90
C THR A 41 -4.02 8.23 12.03
N ASP A 42 -2.95 8.84 12.42
CA ASP A 42 -3.01 9.85 13.53
C ASP A 42 -1.60 10.02 14.13
N LYS A 43 -0.71 10.62 13.40
CA LYS A 43 0.69 10.82 13.89
C LYS A 43 1.51 9.57 13.57
N VAL A 44 0.86 8.44 13.43
CA VAL A 44 1.62 7.21 13.10
C VAL A 44 1.32 6.81 11.65
N VAL A 45 2.33 6.47 10.90
CA VAL A 45 2.10 6.09 9.48
C VAL A 45 2.55 4.63 9.26
N LEU A 46 1.63 3.75 9.01
CA LEU A 46 2.01 2.34 8.77
C LEU A 46 2.52 2.20 7.34
N GLU A 47 2.91 1.02 6.93
CA GLU A 47 3.41 0.86 5.55
C GLU A 47 2.93 -0.46 4.95
N VAL A 48 3.44 -0.81 3.80
CA VAL A 48 3.01 -2.09 3.15
C VAL A 48 4.20 -2.71 2.40
N PRO A 49 5.10 -3.28 3.13
CA PRO A 49 6.29 -3.92 2.55
C PRO A 49 5.92 -5.29 1.97
N ALA A 50 5.85 -5.39 0.65
CA ALA A 50 5.53 -6.71 0.06
C ALA A 50 6.81 -7.55 0.11
N SER A 51 6.80 -8.74 -0.40
CA SER A 51 8.05 -9.55 -0.32
C SER A 51 8.39 -10.13 -1.69
N ALA A 52 7.97 -9.48 -2.74
CA ALA A 52 8.28 -9.98 -4.11
C ALA A 52 7.32 -9.34 -5.10
N ASP A 53 7.67 -9.34 -6.36
CA ASP A 53 6.78 -8.72 -7.37
C ASP A 53 6.64 -7.22 -7.07
N GLY A 54 5.46 -6.69 -7.13
CA GLY A 54 5.28 -5.24 -6.83
C GLY A 54 4.91 -4.49 -8.10
N ILE A 55 5.14 -5.08 -9.25
CA ILE A 55 4.79 -4.42 -10.54
C ILE A 55 3.53 -3.58 -10.36
N LEU A 56 3.68 -2.30 -10.23
CA LEU A 56 2.49 -1.42 -10.02
C LEU A 56 1.51 -1.59 -11.18
N ASP A 57 0.53 -2.42 -11.00
CA ASP A 57 -0.47 -2.64 -12.08
C ASP A 57 -1.83 -2.10 -11.64
N ALA A 58 -2.11 -2.10 -10.36
CA ALA A 58 -3.43 -1.59 -9.90
C ALA A 58 -3.27 -0.75 -8.62
N VAL A 59 -3.39 0.53 -8.75
CA VAL A 59 -3.27 1.43 -7.54
C VAL A 59 -4.51 2.32 -7.51
N LEU A 60 -5.63 1.77 -7.11
CA LEU A 60 -6.89 2.56 -7.07
C LEU A 60 -6.83 3.63 -5.97
N GLU A 61 -5.79 3.64 -5.20
CA GLU A 61 -5.68 4.66 -4.12
C GLU A 61 -4.33 5.36 -4.25
N ASP A 62 -4.01 5.82 -5.42
CA ASP A 62 -2.72 6.51 -5.64
C ASP A 62 -2.51 7.61 -4.60
N GLU A 63 -1.48 7.47 -3.81
CA GLU A 63 -1.11 8.47 -2.74
C GLU A 63 -2.16 9.58 -2.58
N GLY A 64 -2.84 9.62 -1.47
CA GLY A 64 -3.83 10.70 -1.23
C GLY A 64 -5.24 10.10 -1.19
N THR A 65 -5.47 9.06 -1.93
CA THR A 65 -6.83 8.43 -1.92
C THR A 65 -7.21 8.09 -0.48
N THR A 66 -8.48 8.06 -0.19
CA THR A 66 -8.93 7.73 1.19
C THR A 66 -8.63 6.27 1.50
N VAL A 67 -8.49 5.96 2.75
CA VAL A 67 -8.19 4.55 3.14
C VAL A 67 -8.80 4.29 4.52
N THR A 68 -8.75 3.08 4.98
CA THR A 68 -9.33 2.76 6.32
C THR A 68 -8.41 1.80 7.06
N SER A 69 -8.85 1.30 8.19
CA SER A 69 -8.01 0.35 8.96
C SER A 69 -8.24 -1.07 8.44
N ARG A 70 -8.22 -1.24 7.14
CA ARG A 70 -8.44 -2.58 6.53
C ARG A 70 -8.88 -2.41 5.08
N GLN A 71 -8.41 -1.38 4.40
CA GLN A 71 -8.80 -1.18 2.98
C GLN A 71 -7.58 -1.40 2.08
N ILE A 72 -7.80 -1.83 0.87
CA ILE A 72 -6.65 -2.08 -0.05
C ILE A 72 -6.45 -0.89 -0.99
N LEU A 73 -5.35 -0.19 -0.84
CA LEU A 73 -5.09 0.97 -1.76
C LEU A 73 -5.36 0.48 -3.18
N GLY A 74 -5.00 -0.75 -3.42
CA GLY A 74 -5.18 -1.36 -4.77
C GLY A 74 -4.31 -2.61 -4.83
N ARG A 75 -4.04 -3.12 -6.00
CA ARG A 75 -3.19 -4.33 -6.07
C ARG A 75 -2.15 -4.17 -7.18
N LEU A 76 -1.02 -4.79 -7.01
CA LEU A 76 0.05 -4.69 -8.03
C LEU A 76 0.22 -6.04 -8.73
N ARG A 77 1.35 -6.67 -8.58
CA ARG A 77 1.56 -8.00 -9.24
C ARG A 77 2.18 -8.97 -8.23
N GLU A 78 1.95 -10.25 -8.42
CA GLU A 78 2.53 -11.25 -7.47
C GLU A 78 2.99 -12.48 -8.25
N GLY A 79 3.79 -13.31 -7.64
CA GLY A 79 4.27 -14.54 -8.34
C GLY A 79 5.22 -14.12 -9.48
N ASN A 80 6.33 -14.79 -9.60
CA ASN A 80 7.29 -14.44 -10.67
C ASN A 80 7.16 -15.45 -11.82
N SER A 1 -0.58 -14.32 -6.06
CA SER A 1 -1.47 -13.14 -5.95
C SER A 1 -0.64 -11.86 -6.04
N SER A 2 -1.20 -10.82 -6.60
CA SER A 2 -0.44 -9.54 -6.73
C SER A 2 -0.26 -8.92 -5.34
N VAL A 3 0.18 -7.68 -5.29
CA VAL A 3 0.36 -7.03 -3.96
C VAL A 3 -0.96 -6.44 -3.48
N ASP A 4 -1.92 -7.27 -3.16
CA ASP A 4 -3.21 -6.74 -2.66
C ASP A 4 -2.95 -6.21 -1.24
N ILE A 5 -2.52 -4.99 -1.14
CA ILE A 5 -2.20 -4.43 0.20
C ILE A 5 -3.30 -3.50 0.71
N LEU A 6 -3.36 -3.31 2.00
CA LEU A 6 -4.37 -2.41 2.61
C LEU A 6 -3.66 -1.59 3.69
N VAL A 7 -4.35 -1.17 4.71
CA VAL A 7 -3.68 -0.39 5.78
C VAL A 7 -4.09 -0.95 7.15
N PRO A 8 -3.89 -2.24 7.33
CA PRO A 8 -4.23 -2.93 8.60
C PRO A 8 -3.18 -2.64 9.67
N ASP A 9 -3.09 -1.42 10.11
CA ASP A 9 -2.09 -1.08 11.15
C ASP A 9 -2.77 -0.33 12.30
N LEU A 10 -4.04 -0.04 12.16
CA LEU A 10 -4.76 0.68 13.24
C LEU A 10 -6.09 -0.01 13.52
N PRO A 11 -6.02 -1.15 14.16
CA PRO A 11 -7.21 -1.96 14.50
C PRO A 11 -7.92 -1.40 15.73
N GLU A 12 -8.06 -0.10 15.84
CA GLU A 12 -8.72 0.49 17.02
C GLU A 12 -9.51 1.74 16.60
N SER A 13 -9.15 2.90 17.10
CA SER A 13 -9.88 4.14 16.72
C SER A 13 -10.14 4.14 15.21
N VAL A 14 -11.01 5.00 14.75
CA VAL A 14 -11.31 5.05 13.30
C VAL A 14 -11.12 6.48 12.79
N ALA A 15 -9.91 6.98 12.84
CA ALA A 15 -9.66 8.37 12.35
C ALA A 15 -9.35 8.35 10.85
N ASP A 16 -9.39 7.19 10.25
CA ASP A 16 -9.11 7.10 8.78
C ASP A 16 -7.64 7.44 8.53
N ALA A 17 -7.26 7.61 7.30
CA ALA A 17 -5.84 7.94 6.99
C ALA A 17 -5.73 8.42 5.54
N THR A 18 -4.53 8.60 5.06
CA THR A 18 -4.36 9.07 3.65
C THR A 18 -3.08 8.48 3.05
N VAL A 19 -3.16 7.95 1.86
CA VAL A 19 -1.94 7.37 1.22
C VAL A 19 -0.97 8.50 0.87
N ALA A 20 -0.12 8.86 1.78
CA ALA A 20 0.83 9.97 1.52
C ALA A 20 1.59 9.76 0.20
N THR A 21 2.37 8.71 0.09
CA THR A 21 3.12 8.52 -1.18
C THR A 21 3.63 7.08 -1.34
N TRP A 22 3.26 6.44 -2.43
CA TRP A 22 3.74 5.05 -2.69
C TRP A 22 5.25 5.12 -2.98
N HIS A 23 5.79 4.06 -3.50
CA HIS A 23 7.23 4.04 -3.85
C HIS A 23 7.41 2.99 -4.95
N LYS A 24 6.38 2.79 -5.73
CA LYS A 24 6.47 1.77 -6.83
C LYS A 24 6.15 2.42 -8.17
N LYS A 25 7.07 2.31 -9.11
CA LYS A 25 6.81 2.89 -10.46
C LYS A 25 5.75 2.03 -11.14
N PRO A 26 5.38 2.40 -12.35
CA PRO A 26 4.34 1.66 -13.09
C PRO A 26 4.82 0.26 -13.49
N GLY A 27 4.59 -0.70 -12.63
CA GLY A 27 4.99 -2.10 -12.91
C GLY A 27 6.48 -2.29 -12.67
N ASP A 28 6.98 -1.78 -11.57
CA ASP A 28 8.43 -1.95 -11.30
C ASP A 28 8.80 -3.45 -11.23
N ALA A 29 9.27 -3.93 -10.10
CA ALA A 29 9.66 -5.36 -9.98
C ALA A 29 10.62 -5.52 -8.81
N VAL A 30 10.15 -5.99 -7.69
CA VAL A 30 11.05 -6.14 -6.51
C VAL A 30 11.46 -7.62 -6.36
N VAL A 31 12.25 -7.90 -5.35
CA VAL A 31 12.71 -9.31 -5.12
C VAL A 31 11.94 -9.92 -3.95
N ARG A 32 12.48 -9.81 -2.75
CA ARG A 32 11.79 -10.40 -1.56
C ARG A 32 11.43 -9.27 -0.59
N ASP A 33 10.93 -8.19 -1.11
CA ASP A 33 10.55 -7.00 -0.27
C ASP A 33 10.20 -5.87 -1.22
N GLU A 34 8.95 -5.64 -1.47
CA GLU A 34 8.61 -4.56 -2.44
C GLU A 34 8.25 -3.24 -1.75
N VAL A 35 7.57 -2.39 -2.48
CA VAL A 35 7.18 -1.04 -1.98
C VAL A 35 6.85 -1.03 -0.49
N LEU A 36 6.79 0.16 0.06
CA LEU A 36 6.47 0.36 1.47
C LEU A 36 5.74 1.70 1.56
N VAL A 37 4.65 1.82 0.83
CA VAL A 37 3.89 3.11 0.80
C VAL A 37 3.85 3.76 2.19
N GLU A 38 3.43 4.99 2.23
CA GLU A 38 3.35 5.72 3.53
C GLU A 38 1.98 6.36 3.63
N ILE A 39 1.24 6.02 4.64
CA ILE A 39 -0.12 6.60 4.78
C ILE A 39 -0.10 7.69 5.85
N GLU A 40 -1.25 8.17 6.25
CA GLU A 40 -1.29 9.24 7.28
C GLU A 40 -2.63 9.17 8.04
N THR A 41 -2.62 8.62 9.22
CA THR A 41 -3.89 8.53 10.00
C THR A 41 -3.97 9.68 10.99
N ASP A 42 -2.85 10.07 11.54
CA ASP A 42 -2.85 11.19 12.52
C ASP A 42 -1.47 11.31 13.17
N LYS A 43 -0.51 11.80 12.42
CA LYS A 43 0.87 11.96 12.96
C LYS A 43 1.63 10.65 12.78
N VAL A 44 0.94 9.56 12.70
CA VAL A 44 1.63 8.25 12.53
C VAL A 44 1.42 7.75 11.10
N VAL A 45 2.48 7.36 10.45
CA VAL A 45 2.37 6.85 9.04
C VAL A 45 2.72 5.37 9.00
N LEU A 46 1.82 4.56 8.52
CA LEU A 46 2.09 3.10 8.45
C LEU A 46 2.83 2.80 7.13
N GLU A 47 3.19 1.57 6.89
CA GLU A 47 3.92 1.25 5.64
C GLU A 47 3.23 0.13 4.86
N VAL A 48 3.73 -0.18 3.70
CA VAL A 48 3.13 -1.27 2.87
C VAL A 48 4.25 -2.09 2.23
N PRO A 49 4.92 -2.86 3.04
CA PRO A 49 6.02 -3.71 2.58
C PRO A 49 5.48 -4.98 1.93
N ALA A 50 5.71 -5.17 0.66
CA ALA A 50 5.19 -6.39 0.00
C ALA A 50 6.29 -7.44 -0.04
N SER A 51 6.07 -8.55 -0.66
CA SER A 51 7.14 -9.59 -0.66
C SER A 51 7.39 -10.13 -2.06
N ALA A 52 7.96 -9.32 -2.91
CA ALA A 52 8.32 -9.75 -4.32
C ALA A 52 7.27 -9.30 -5.34
N ASP A 53 7.73 -8.80 -6.47
CA ASP A 53 6.83 -8.34 -7.57
C ASP A 53 6.73 -6.81 -7.56
N GLY A 54 5.97 -6.28 -6.65
CA GLY A 54 5.82 -4.80 -6.57
C GLY A 54 5.63 -4.20 -7.96
N ILE A 55 5.21 -4.98 -8.92
CA ILE A 55 4.99 -4.43 -10.27
C ILE A 55 3.67 -3.67 -10.26
N LEU A 56 3.73 -2.40 -9.95
CA LEU A 56 2.49 -1.57 -9.87
C LEU A 56 1.59 -1.88 -11.06
N ASP A 57 0.46 -2.50 -10.80
CA ASP A 57 -0.48 -2.84 -11.90
C ASP A 57 -1.91 -2.47 -11.50
N ALA A 58 -2.24 -2.51 -10.23
CA ALA A 58 -3.64 -2.18 -9.84
C ALA A 58 -3.65 -1.31 -8.58
N VAL A 59 -2.75 -0.38 -8.47
CA VAL A 59 -2.73 0.52 -7.28
C VAL A 59 -3.72 1.67 -7.53
N LEU A 60 -5.00 1.36 -7.50
CA LEU A 60 -6.04 2.41 -7.76
C LEU A 60 -6.13 3.38 -6.57
N GLU A 61 -5.35 3.18 -5.56
CA GLU A 61 -5.39 4.11 -4.40
C GLU A 61 -4.17 4.99 -4.48
N ASP A 62 -3.85 5.42 -5.67
CA ASP A 62 -2.66 6.26 -5.88
C ASP A 62 -2.51 7.25 -4.73
N GLU A 63 -1.36 7.23 -4.12
CA GLU A 63 -1.08 8.13 -2.96
C GLU A 63 -1.87 9.43 -3.06
N GLY A 64 -2.68 9.72 -2.08
CA GLY A 64 -3.49 10.97 -2.09
C GLY A 64 -4.96 10.60 -1.94
N THR A 65 -5.29 9.35 -2.10
CA THR A 65 -6.71 8.93 -1.96
C THR A 65 -7.04 8.70 -0.49
N THR A 66 -8.28 8.44 -0.18
CA THR A 66 -8.66 8.23 1.25
C THR A 66 -8.67 6.73 1.56
N VAL A 67 -8.29 6.40 2.76
CA VAL A 67 -8.24 4.98 3.18
C VAL A 67 -8.48 4.91 4.68
N THR A 68 -8.70 3.73 5.20
CA THR A 68 -8.93 3.59 6.66
C THR A 68 -7.96 2.54 7.21
N SER A 69 -8.39 1.75 8.16
CA SER A 69 -7.47 0.71 8.71
C SER A 69 -7.24 -0.35 7.63
N ARG A 70 -7.87 -1.48 7.75
CA ARG A 70 -7.67 -2.57 6.74
C ARG A 70 -8.45 -2.27 5.45
N GLN A 71 -8.54 -1.04 5.02
CA GLN A 71 -9.26 -0.76 3.75
C GLN A 71 -8.53 -1.48 2.62
N ILE A 72 -7.94 -0.76 1.70
CA ILE A 72 -7.21 -1.45 0.59
C ILE A 72 -6.61 -0.44 -0.38
N LEU A 73 -5.31 -0.39 -0.48
CA LEU A 73 -4.68 0.56 -1.45
C LEU A 73 -4.93 0.03 -2.84
N GLY A 74 -4.75 -1.24 -3.03
CA GLY A 74 -4.97 -1.85 -4.36
C GLY A 74 -4.09 -3.09 -4.49
N ARG A 75 -3.84 -3.52 -5.68
CA ARG A 75 -3.00 -4.72 -5.87
C ARG A 75 -2.00 -4.46 -6.98
N LEU A 76 -0.78 -4.81 -6.76
CA LEU A 76 0.26 -4.57 -7.80
C LEU A 76 0.26 -5.73 -8.80
N ARG A 77 1.22 -6.59 -8.74
CA ARG A 77 1.25 -7.73 -9.71
C ARG A 77 1.75 -8.99 -9.00
N GLU A 78 1.53 -10.14 -9.59
CA GLU A 78 1.99 -11.40 -8.95
C GLU A 78 2.97 -12.12 -9.89
N GLY A 79 3.38 -13.31 -9.54
CA GLY A 79 4.33 -14.06 -10.41
C GLY A 79 4.10 -15.56 -10.23
N ASN A 80 4.25 -16.31 -11.30
CA ASN A 80 4.04 -17.79 -11.19
C ASN A 80 5.01 -18.50 -12.14
N SER A 1 -2.97 -12.96 -7.42
CA SER A 1 -1.64 -12.84 -8.07
C SER A 1 -1.25 -11.36 -8.18
N SER A 2 -1.29 -10.64 -7.09
CA SER A 2 -0.93 -9.20 -7.14
C SER A 2 -0.74 -8.67 -5.71
N VAL A 3 -0.08 -7.56 -5.56
CA VAL A 3 0.13 -6.99 -4.20
C VAL A 3 -1.14 -6.26 -3.77
N ASP A 4 -2.16 -6.98 -3.40
CA ASP A 4 -3.42 -6.33 -2.95
C ASP A 4 -3.22 -5.86 -1.51
N ILE A 5 -2.54 -4.76 -1.32
CA ILE A 5 -2.29 -4.27 0.05
C ILE A 5 -3.43 -3.38 0.52
N LEU A 6 -3.61 -3.30 1.82
CA LEU A 6 -4.69 -2.44 2.39
C LEU A 6 -4.10 -1.61 3.53
N VAL A 7 -4.91 -1.25 4.50
CA VAL A 7 -4.39 -0.45 5.63
C VAL A 7 -4.87 -1.02 6.96
N PRO A 8 -4.50 -2.25 7.21
CA PRO A 8 -4.88 -2.95 8.46
C PRO A 8 -3.94 -2.54 9.61
N ASP A 9 -3.49 -1.32 9.62
CA ASP A 9 -2.57 -0.87 10.70
C ASP A 9 -3.32 0.08 11.64
N LEU A 10 -4.61 0.01 11.67
CA LEU A 10 -5.39 0.90 12.57
C LEU A 10 -6.39 0.07 13.38
N PRO A 11 -5.87 -0.70 14.29
CA PRO A 11 -6.70 -1.57 15.16
C PRO A 11 -7.35 -0.75 16.28
N GLU A 12 -7.97 -1.42 17.22
CA GLU A 12 -8.62 -0.69 18.35
C GLU A 12 -9.30 0.58 17.83
N SER A 13 -8.62 1.69 17.89
CA SER A 13 -9.22 2.96 17.41
C SER A 13 -9.33 2.93 15.88
N VAL A 14 -9.95 3.92 15.31
CA VAL A 14 -10.10 3.95 13.83
C VAL A 14 -9.96 5.40 13.33
N ALA A 15 -8.76 5.93 13.32
CA ALA A 15 -8.57 7.32 12.85
C ALA A 15 -8.42 7.34 11.33
N ASP A 16 -8.74 6.26 10.68
CA ASP A 16 -8.61 6.21 9.20
C ASP A 16 -7.23 6.71 8.80
N ALA A 17 -7.05 7.05 7.56
CA ALA A 17 -5.72 7.54 7.12
C ALA A 17 -5.83 8.08 5.70
N THR A 18 -4.72 8.28 5.03
CA THR A 18 -4.77 8.81 3.64
C THR A 18 -3.47 8.48 2.91
N VAL A 19 -3.54 7.73 1.84
CA VAL A 19 -2.31 7.40 1.09
C VAL A 19 -1.51 8.67 0.85
N ALA A 20 -0.22 8.63 1.08
CA ALA A 20 0.61 9.85 0.88
C ALA A 20 1.46 9.68 -0.38
N THR A 21 2.27 8.65 -0.45
CA THR A 21 3.11 8.49 -1.67
C THR A 21 3.62 7.04 -1.80
N TRP A 22 3.26 6.37 -2.86
CA TRP A 22 3.74 4.98 -3.07
C TRP A 22 5.25 5.02 -3.36
N HIS A 23 5.79 3.94 -3.85
CA HIS A 23 7.24 3.92 -4.19
C HIS A 23 7.47 2.84 -5.25
N LYS A 24 6.67 2.84 -6.28
CA LYS A 24 6.83 1.81 -7.34
C LYS A 24 6.63 2.42 -8.72
N LYS A 25 7.62 2.37 -9.57
CA LYS A 25 7.44 2.93 -10.93
C LYS A 25 6.33 2.13 -11.61
N PRO A 26 6.02 2.45 -12.85
CA PRO A 26 4.94 1.76 -13.56
C PRO A 26 5.31 0.30 -13.85
N GLY A 27 4.98 -0.56 -12.91
CA GLY A 27 5.28 -2.01 -13.07
C GLY A 27 6.76 -2.28 -12.84
N ASP A 28 7.34 -1.76 -11.80
CA ASP A 28 8.78 -2.02 -11.54
C ASP A 28 9.00 -3.54 -11.40
N ALA A 29 9.41 -4.00 -10.25
CA ALA A 29 9.65 -5.46 -10.07
C ALA A 29 10.50 -5.70 -8.83
N VAL A 30 9.88 -6.04 -7.72
CA VAL A 30 10.68 -6.28 -6.48
C VAL A 30 11.04 -7.77 -6.37
N VAL A 31 11.66 -8.16 -5.29
CA VAL A 31 12.04 -9.58 -5.11
C VAL A 31 11.85 -9.97 -3.63
N ARG A 32 12.57 -9.35 -2.74
CA ARG A 32 12.44 -9.69 -1.30
C ARG A 32 12.32 -8.40 -0.49
N ASP A 33 11.32 -7.61 -0.80
CA ASP A 33 11.09 -6.30 -0.11
C ASP A 33 10.39 -5.36 -1.09
N GLU A 34 9.12 -5.56 -1.29
CA GLU A 34 8.38 -4.70 -2.26
C GLU A 34 8.18 -3.29 -1.73
N VAL A 35 7.43 -2.52 -2.47
CA VAL A 35 7.14 -1.11 -2.10
C VAL A 35 6.77 -1.01 -0.62
N LEU A 36 6.73 0.20 -0.13
CA LEU A 36 6.36 0.46 1.27
C LEU A 36 5.66 1.80 1.29
N VAL A 37 4.55 1.89 0.60
CA VAL A 37 3.81 3.17 0.50
C VAL A 37 3.81 3.89 1.85
N GLU A 38 3.44 5.14 1.86
CA GLU A 38 3.42 5.91 3.12
C GLU A 38 2.05 6.57 3.28
N ILE A 39 1.19 5.96 4.03
CA ILE A 39 -0.17 6.54 4.21
C ILE A 39 -0.10 7.67 5.25
N GLU A 40 -1.22 8.10 5.76
CA GLU A 40 -1.19 9.21 6.76
C GLU A 40 -2.20 8.94 7.88
N THR A 41 -1.85 9.25 9.09
CA THR A 41 -2.80 9.02 10.22
C THR A 41 -2.60 10.11 11.28
N ASP A 42 -2.04 11.22 10.90
CA ASP A 42 -1.83 12.32 11.87
C ASP A 42 -0.83 11.88 12.95
N LYS A 43 0.44 12.08 12.70
CA LYS A 43 1.48 11.67 13.68
C LYS A 43 1.85 10.20 13.46
N VAL A 44 0.95 9.43 12.92
CA VAL A 44 1.27 7.99 12.68
C VAL A 44 1.23 7.71 11.18
N VAL A 45 2.11 6.88 10.71
CA VAL A 45 2.13 6.57 9.25
C VAL A 45 2.32 5.06 9.04
N LEU A 46 1.36 4.41 8.44
CA LEU A 46 1.47 2.96 8.21
C LEU A 46 2.31 2.72 6.95
N GLU A 47 2.81 1.52 6.77
CA GLU A 47 3.64 1.25 5.56
C GLU A 47 2.99 0.14 4.73
N VAL A 48 3.55 -0.15 3.58
CA VAL A 48 2.98 -1.22 2.72
C VAL A 48 4.12 -2.04 2.09
N PRO A 49 4.81 -2.76 2.93
CA PRO A 49 5.94 -3.60 2.50
C PRO A 49 5.44 -4.93 1.93
N ALA A 50 5.56 -5.14 0.64
CA ALA A 50 5.10 -6.44 0.08
C ALA A 50 6.28 -7.40 0.13
N SER A 51 6.11 -8.61 -0.31
CA SER A 51 7.26 -9.56 -0.23
C SER A 51 7.53 -10.16 -1.60
N ALA A 52 8.08 -9.35 -2.48
CA ALA A 52 8.42 -9.81 -3.86
C ALA A 52 7.35 -9.31 -4.84
N ASP A 53 7.66 -9.30 -6.11
CA ASP A 53 6.67 -8.80 -7.10
C ASP A 53 6.45 -7.31 -6.82
N GLY A 54 5.26 -6.82 -6.94
CA GLY A 54 5.02 -5.38 -6.67
C GLY A 54 4.93 -4.60 -7.97
N ILE A 55 5.22 -5.24 -9.08
CA ILE A 55 5.15 -4.53 -10.39
C ILE A 55 3.91 -3.64 -10.39
N LEU A 56 4.08 -2.39 -10.07
CA LEU A 56 2.94 -1.45 -10.02
C LEU A 56 2.00 -1.72 -11.20
N ASP A 57 0.99 -2.50 -10.95
CA ASP A 57 0.02 -2.84 -12.02
C ASP A 57 -1.25 -2.00 -11.86
N ALA A 58 -1.85 -2.00 -10.69
CA ALA A 58 -3.09 -1.20 -10.51
C ALA A 58 -3.18 -0.64 -9.09
N VAL A 59 -2.92 0.63 -8.93
CA VAL A 59 -3.02 1.25 -7.57
C VAL A 59 -4.34 2.00 -7.49
N LEU A 60 -5.39 1.35 -7.05
CA LEU A 60 -6.70 2.04 -6.97
C LEU A 60 -6.68 3.09 -5.86
N GLU A 61 -5.62 3.15 -5.11
CA GLU A 61 -5.55 4.16 -4.02
C GLU A 61 -4.29 5.00 -4.22
N ASP A 62 -4.00 5.36 -5.44
CA ASP A 62 -2.81 6.19 -5.71
C ASP A 62 -2.70 7.28 -4.64
N GLU A 63 -1.54 7.39 -4.04
CA GLU A 63 -1.30 8.43 -2.99
C GLU A 63 -2.21 9.64 -3.18
N GLY A 64 -3.01 9.96 -2.20
CA GLY A 64 -3.93 11.12 -2.32
C GLY A 64 -5.38 10.67 -2.09
N THR A 65 -5.63 9.39 -2.15
CA THR A 65 -7.01 8.89 -1.94
C THR A 65 -7.24 8.64 -0.44
N THR A 66 -8.48 8.59 -0.02
CA THR A 66 -8.76 8.36 1.42
C THR A 66 -8.61 6.87 1.74
N VAL A 67 -8.37 6.55 2.97
CA VAL A 67 -8.19 5.13 3.36
C VAL A 67 -8.66 4.93 4.80
N THR A 68 -8.77 3.71 5.25
CA THR A 68 -9.22 3.45 6.64
C THR A 68 -8.42 2.28 7.21
N SER A 69 -8.98 1.55 8.13
CA SER A 69 -8.25 0.39 8.72
C SER A 69 -8.60 -0.89 7.96
N ARG A 70 -8.35 -0.92 6.68
CA ARG A 70 -8.66 -2.13 5.88
C ARG A 70 -8.76 -1.77 4.39
N GLN A 71 -8.97 -0.52 4.10
CA GLN A 71 -9.07 -0.09 2.68
C GLN A 71 -7.92 -0.70 1.88
N ILE A 72 -8.20 -1.24 0.73
CA ILE A 72 -7.11 -1.85 -0.08
C ILE A 72 -6.47 -0.78 -0.95
N LEU A 73 -5.24 -0.41 -0.67
CA LEU A 73 -4.58 0.63 -1.51
C LEU A 73 -4.74 0.22 -2.97
N GLY A 74 -4.51 -1.03 -3.27
CA GLY A 74 -4.65 -1.49 -4.67
C GLY A 74 -3.80 -2.76 -4.86
N ARG A 75 -3.73 -3.26 -6.05
CA ARG A 75 -2.92 -4.48 -6.28
C ARG A 75 -1.80 -4.18 -7.25
N LEU A 76 -0.66 -4.78 -7.04
CA LEU A 76 0.48 -4.52 -7.94
C LEU A 76 0.84 -5.80 -8.70
N ARG A 77 1.55 -6.68 -8.07
CA ARG A 77 1.93 -7.96 -8.74
C ARG A 77 2.32 -8.99 -7.68
N GLU A 78 1.96 -10.23 -7.88
CA GLU A 78 2.32 -11.28 -6.87
C GLU A 78 2.14 -12.66 -7.50
N GLY A 79 3.04 -13.06 -8.34
CA GLY A 79 2.93 -14.40 -8.99
C GLY A 79 3.75 -15.42 -8.18
N ASN A 80 4.40 -16.32 -8.85
CA ASN A 80 5.21 -17.34 -8.12
C ASN A 80 6.69 -17.13 -8.42
N SER A 1 -2.38 -12.77 -8.38
CA SER A 1 -2.72 -11.94 -9.57
C SER A 1 -1.95 -10.61 -9.51
N SER A 2 -1.87 -10.01 -8.35
CA SER A 2 -1.14 -8.72 -8.22
C SER A 2 -0.79 -8.48 -6.76
N VAL A 3 -0.03 -7.45 -6.46
CA VAL A 3 0.31 -7.17 -5.04
C VAL A 3 -0.95 -6.71 -4.32
N ASP A 4 -1.75 -7.62 -3.84
CA ASP A 4 -2.97 -7.22 -3.10
C ASP A 4 -2.53 -6.74 -1.73
N ILE A 5 -2.13 -5.50 -1.63
CA ILE A 5 -1.63 -5.00 -0.32
C ILE A 5 -2.67 -4.10 0.34
N LEU A 6 -2.73 -4.14 1.65
CA LEU A 6 -3.69 -3.29 2.41
C LEU A 6 -2.97 -2.64 3.58
N VAL A 7 -3.70 -2.11 4.53
CA VAL A 7 -3.03 -1.46 5.68
C VAL A 7 -3.66 -1.92 7.01
N PRO A 8 -3.16 -3.02 7.52
CA PRO A 8 -3.63 -3.59 8.79
C PRO A 8 -2.99 -2.86 9.97
N ASP A 9 -3.11 -1.56 10.02
CA ASP A 9 -2.49 -0.80 11.13
C ASP A 9 -3.58 -0.05 11.92
N LEU A 10 -4.83 -0.29 11.63
CA LEU A 10 -5.91 0.42 12.37
C LEU A 10 -5.57 0.48 13.87
N PRO A 11 -5.37 1.68 14.37
CA PRO A 11 -5.03 1.88 15.78
C PRO A 11 -6.29 1.77 16.65
N GLU A 12 -6.26 2.33 17.83
CA GLU A 12 -7.45 2.24 18.72
C GLU A 12 -8.39 3.42 18.44
N SER A 13 -8.49 3.84 17.21
CA SER A 13 -9.38 4.99 16.87
C SER A 13 -9.83 4.87 15.43
N VAL A 14 -11.00 5.36 15.12
CA VAL A 14 -11.51 5.28 13.71
C VAL A 14 -11.35 6.63 13.03
N ALA A 15 -10.16 7.17 13.04
CA ALA A 15 -9.93 8.49 12.40
C ALA A 15 -9.62 8.29 10.90
N ASP A 16 -9.73 7.09 10.43
CA ASP A 16 -9.43 6.83 8.99
C ASP A 16 -7.98 7.20 8.70
N ALA A 17 -7.63 7.36 7.46
CA ALA A 17 -6.22 7.73 7.13
C ALA A 17 -6.11 8.10 5.65
N THR A 18 -4.91 8.28 5.16
CA THR A 18 -4.74 8.66 3.72
C THR A 18 -3.39 8.18 3.21
N VAL A 19 -3.35 7.65 2.01
CA VAL A 19 -2.06 7.17 1.43
C VAL A 19 -1.24 8.37 0.96
N ALA A 20 -0.29 8.78 1.75
CA ALA A 20 0.55 9.94 1.37
C ALA A 20 1.25 9.69 0.02
N THR A 21 1.97 8.61 -0.13
CA THR A 21 2.65 8.38 -1.44
C THR A 21 3.23 6.97 -1.54
N TRP A 22 2.96 6.29 -2.64
CA TRP A 22 3.50 4.92 -2.85
C TRP A 22 5.02 5.02 -3.06
N HIS A 23 5.60 3.99 -3.60
CA HIS A 23 7.08 4.00 -3.88
C HIS A 23 7.33 3.01 -5.01
N LYS A 24 6.38 2.90 -5.91
CA LYS A 24 6.52 1.94 -7.03
C LYS A 24 6.37 2.67 -8.37
N LYS A 25 7.30 2.47 -9.27
CA LYS A 25 7.19 3.12 -10.60
C LYS A 25 6.21 2.28 -11.43
N PRO A 26 6.03 2.59 -12.70
CA PRO A 26 5.07 1.86 -13.53
C PRO A 26 5.53 0.43 -13.79
N GLY A 27 5.23 -0.44 -12.86
CA GLY A 27 5.61 -1.88 -13.00
C GLY A 27 7.09 -2.08 -12.68
N ASP A 28 7.56 -1.55 -11.59
CA ASP A 28 8.99 -1.74 -11.23
C ASP A 28 9.33 -3.25 -11.18
N ALA A 29 9.58 -3.79 -10.00
CA ALA A 29 9.94 -5.22 -9.87
C ALA A 29 10.70 -5.43 -8.56
N VAL A 30 10.06 -5.89 -7.53
CA VAL A 30 10.76 -6.09 -6.24
C VAL A 30 11.08 -7.58 -6.04
N VAL A 31 11.65 -7.93 -4.93
CA VAL A 31 11.97 -9.36 -4.66
C VAL A 31 11.44 -9.75 -3.26
N ARG A 32 12.31 -10.05 -2.33
CA ARG A 32 11.83 -10.43 -0.96
C ARG A 32 11.64 -9.16 -0.13
N ASP A 33 10.73 -8.31 -0.54
CA ASP A 33 10.47 -7.02 0.18
C ASP A 33 9.98 -5.99 -0.84
N GLU A 34 8.70 -5.75 -0.90
CA GLU A 34 8.18 -4.78 -1.90
C GLU A 34 7.96 -3.40 -1.29
N VAL A 35 7.40 -2.52 -2.07
CA VAL A 35 7.12 -1.13 -1.62
C VAL A 35 6.53 -1.10 -0.22
N LEU A 36 6.67 0.02 0.44
CA LEU A 36 6.11 0.22 1.79
C LEU A 36 5.44 1.59 1.76
N VAL A 37 4.44 1.72 0.95
CA VAL A 37 3.73 3.02 0.78
C VAL A 37 3.59 3.71 2.15
N GLU A 38 3.20 4.94 2.14
CA GLU A 38 3.04 5.69 3.41
C GLU A 38 1.61 6.20 3.48
N ILE A 39 1.01 6.14 4.62
CA ILE A 39 -0.38 6.62 4.75
C ILE A 39 -0.45 7.72 5.80
N GLU A 40 -1.61 8.03 6.30
CA GLU A 40 -1.71 9.12 7.32
C GLU A 40 -2.74 8.73 8.38
N THR A 41 -2.32 8.59 9.61
CA THR A 41 -3.29 8.23 10.68
C THR A 41 -3.40 9.37 11.68
N ASP A 42 -2.33 9.66 12.35
CA ASP A 42 -2.33 10.75 13.36
C ASP A 42 -0.96 10.82 14.02
N LYS A 43 -0.01 11.47 13.38
CA LYS A 43 1.36 11.59 13.93
C LYS A 43 2.18 10.37 13.50
N VAL A 44 1.52 9.27 13.24
CA VAL A 44 2.26 8.05 12.80
C VAL A 44 1.89 7.75 11.34
N VAL A 45 2.66 6.93 10.68
CA VAL A 45 2.35 6.60 9.27
C VAL A 45 2.42 5.08 9.06
N LEU A 46 1.36 4.49 8.60
CA LEU A 46 1.36 3.03 8.38
C LEU A 46 2.06 2.72 7.05
N GLU A 47 2.54 1.53 6.86
CA GLU A 47 3.25 1.20 5.60
C GLU A 47 2.54 0.05 4.87
N VAL A 48 3.02 -0.32 3.72
CA VAL A 48 2.39 -1.43 2.96
C VAL A 48 3.48 -2.23 2.23
N PRO A 49 4.16 -3.06 2.99
CA PRO A 49 5.27 -3.89 2.48
C PRO A 49 4.76 -5.16 1.77
N ALA A 50 4.87 -5.23 0.47
CA ALA A 50 4.44 -6.47 -0.22
C ALA A 50 5.53 -7.50 -0.01
N SER A 51 5.64 -8.50 -0.85
CA SER A 51 6.71 -9.50 -0.63
C SER A 51 7.35 -9.94 -1.94
N ALA A 52 7.06 -9.25 -3.03
CA ALA A 52 7.67 -9.64 -4.33
C ALA A 52 6.86 -9.06 -5.49
N ASP A 53 7.47 -8.94 -6.65
CA ASP A 53 6.74 -8.41 -7.84
C ASP A 53 6.66 -6.89 -7.76
N GLY A 54 5.84 -6.37 -6.90
CA GLY A 54 5.70 -4.90 -6.77
C GLY A 54 5.60 -4.22 -8.14
N ILE A 55 5.31 -4.94 -9.18
CA ILE A 55 5.19 -4.29 -10.51
C ILE A 55 3.94 -3.40 -10.49
N LEU A 56 4.11 -2.18 -10.08
CA LEU A 56 2.97 -1.23 -10.01
C LEU A 56 2.08 -1.42 -11.25
N ASP A 57 0.97 -2.08 -11.08
CA ASP A 57 0.06 -2.32 -12.24
C ASP A 57 -1.34 -1.75 -11.98
N ALA A 58 -1.96 -2.09 -10.88
CA ALA A 58 -3.33 -1.57 -10.65
C ALA A 58 -3.50 -1.09 -9.20
N VAL A 59 -3.08 0.12 -8.91
CA VAL A 59 -3.26 0.65 -7.53
C VAL A 59 -4.69 1.13 -7.38
N LEU A 60 -5.52 0.38 -6.72
CA LEU A 60 -6.93 0.81 -6.56
C LEU A 60 -7.01 2.02 -5.64
N GLU A 61 -5.93 2.32 -4.97
CA GLU A 61 -5.92 3.51 -4.07
C GLU A 61 -4.66 4.32 -4.35
N ASP A 62 -4.47 4.72 -5.59
CA ASP A 62 -3.27 5.51 -5.94
C ASP A 62 -2.98 6.53 -4.85
N GLU A 63 -1.73 6.65 -4.49
CA GLU A 63 -1.34 7.61 -3.42
C GLU A 63 -2.15 8.91 -3.53
N GLY A 64 -2.80 9.31 -2.47
CA GLY A 64 -3.59 10.57 -2.51
C GLY A 64 -5.07 10.26 -2.30
N THR A 65 -5.43 9.01 -2.23
CA THR A 65 -6.85 8.65 -2.02
C THR A 65 -7.10 8.36 -0.54
N THR A 66 -8.30 8.56 -0.08
CA THR A 66 -8.60 8.30 1.36
C THR A 66 -8.54 6.80 1.62
N VAL A 67 -8.29 6.42 2.84
CA VAL A 67 -8.21 4.97 3.16
C VAL A 67 -8.64 4.75 4.62
N THR A 68 -8.96 3.54 4.96
CA THR A 68 -9.40 3.24 6.36
C THR A 68 -8.38 2.29 7.01
N SER A 69 -8.85 1.25 7.66
CA SER A 69 -7.91 0.29 8.31
C SER A 69 -7.15 -0.49 7.24
N ARG A 70 -7.51 -1.73 7.03
CA ARG A 70 -6.81 -2.56 6.01
C ARG A 70 -7.33 -2.24 4.60
N GLN A 71 -7.58 -0.99 4.30
CA GLN A 71 -8.06 -0.64 2.94
C GLN A 71 -7.00 -1.02 1.91
N ILE A 72 -7.23 -2.06 1.17
CA ILE A 72 -6.21 -2.50 0.16
C ILE A 72 -5.67 -1.27 -0.58
N LEU A 73 -4.44 -0.92 -0.35
CA LEU A 73 -3.87 0.26 -1.08
C LEU A 73 -4.11 0.05 -2.57
N GLY A 74 -4.00 -1.16 -3.02
CA GLY A 74 -4.22 -1.44 -4.46
C GLY A 74 -3.45 -2.70 -4.87
N ARG A 75 -3.74 -3.25 -6.00
CA ARG A 75 -3.04 -4.48 -6.43
C ARG A 75 -2.08 -4.14 -7.57
N LEU A 76 -0.90 -4.68 -7.51
CA LEU A 76 0.10 -4.39 -8.58
C LEU A 76 0.26 -5.62 -9.47
N ARG A 77 1.22 -6.45 -9.19
CA ARG A 77 1.42 -7.67 -10.02
C ARG A 77 2.03 -8.78 -9.16
N GLU A 78 1.87 -10.01 -9.57
CA GLU A 78 2.43 -11.13 -8.77
C GLU A 78 2.78 -12.30 -9.70
N GLY A 79 3.58 -13.22 -9.23
CA GLY A 79 3.96 -14.38 -10.09
C GLY A 79 4.45 -15.52 -9.20
N ASN A 80 4.06 -15.53 -7.96
CA ASN A 80 4.51 -16.62 -7.04
C ASN A 80 6.02 -16.55 -6.86
N SER A 1 -1.19 -13.36 -9.43
CA SER A 1 -1.60 -12.67 -8.17
C SER A 1 -1.12 -11.21 -8.22
N SER A 2 -1.16 -10.53 -7.10
CA SER A 2 -0.70 -9.11 -7.08
C SER A 2 -0.58 -8.64 -5.63
N VAL A 3 0.13 -7.57 -5.40
CA VAL A 3 0.27 -7.05 -4.01
C VAL A 3 -1.06 -6.43 -3.58
N ASP A 4 -2.01 -7.23 -3.16
CA ASP A 4 -3.30 -6.67 -2.70
C ASP A 4 -3.11 -6.16 -1.28
N ILE A 5 -2.52 -5.00 -1.14
CA ILE A 5 -2.26 -4.47 0.22
C ILE A 5 -3.41 -3.57 0.68
N LEU A 6 -3.63 -3.53 1.98
CA LEU A 6 -4.71 -2.68 2.52
C LEU A 6 -4.16 -1.89 3.71
N VAL A 7 -5.00 -1.42 4.58
CA VAL A 7 -4.50 -0.64 5.75
C VAL A 7 -5.09 -1.18 7.05
N PRO A 8 -4.85 -2.43 7.32
CA PRO A 8 -5.35 -3.09 8.55
C PRO A 8 -4.45 -2.76 9.74
N ASP A 9 -3.67 -1.71 9.66
CA ASP A 9 -2.76 -1.37 10.78
C ASP A 9 -3.54 -0.64 11.89
N LEU A 10 -4.84 -0.59 11.80
CA LEU A 10 -5.64 0.12 12.86
C LEU A 10 -5.05 -0.19 14.24
N PRO A 11 -4.29 0.76 14.75
CA PRO A 11 -3.66 0.62 16.08
C PRO A 11 -4.69 0.90 17.18
N GLU A 12 -5.53 1.88 16.98
CA GLU A 12 -6.56 2.21 18.00
C GLU A 12 -7.60 3.13 17.37
N SER A 13 -7.44 4.41 17.51
CA SER A 13 -8.41 5.36 16.92
C SER A 13 -7.98 5.68 15.48
N VAL A 14 -8.89 5.60 14.55
CA VAL A 14 -8.54 5.89 13.13
C VAL A 14 -9.80 6.22 12.35
N ALA A 15 -10.26 7.44 12.41
CA ALA A 15 -11.49 7.82 11.67
C ALA A 15 -11.20 7.85 10.16
N ASP A 16 -9.98 7.64 9.77
CA ASP A 16 -9.66 7.66 8.32
C ASP A 16 -8.14 7.76 8.13
N ALA A 17 -7.68 7.90 6.91
CA ALA A 17 -6.23 8.00 6.65
C ALA A 17 -5.99 8.45 5.21
N THR A 18 -4.78 8.43 4.76
CA THR A 18 -4.50 8.85 3.35
C THR A 18 -3.17 8.27 2.86
N VAL A 19 -3.15 7.75 1.66
CA VAL A 19 -1.90 7.18 1.09
C VAL A 19 -0.92 8.32 0.81
N ALA A 20 -0.17 8.73 1.80
CA ALA A 20 0.80 9.84 1.58
C ALA A 20 1.53 9.65 0.26
N THR A 21 2.30 8.60 0.11
CA THR A 21 3.03 8.42 -1.17
C THR A 21 3.56 6.99 -1.33
N TRP A 22 3.20 6.34 -2.41
CA TRP A 22 3.70 4.96 -2.66
C TRP A 22 5.21 5.03 -2.95
N HIS A 23 5.76 3.96 -3.42
CA HIS A 23 7.21 3.95 -3.78
C HIS A 23 7.40 2.92 -4.89
N LYS A 24 6.35 2.65 -5.62
CA LYS A 24 6.43 1.65 -6.71
C LYS A 24 6.11 2.32 -8.06
N LYS A 25 6.97 2.15 -9.02
CA LYS A 25 6.69 2.75 -10.36
C LYS A 25 5.68 1.86 -11.08
N PRO A 26 5.29 2.24 -12.27
CA PRO A 26 4.28 1.47 -13.03
C PRO A 26 4.84 0.13 -13.49
N GLY A 27 4.61 -0.89 -12.70
CA GLY A 27 5.09 -2.25 -13.05
C GLY A 27 6.58 -2.39 -12.76
N ASP A 28 7.03 -1.89 -11.64
CA ASP A 28 8.47 -2.03 -11.32
C ASP A 28 8.85 -3.53 -11.23
N ALA A 29 9.34 -3.98 -10.10
CA ALA A 29 9.73 -5.42 -9.97
C ALA A 29 10.70 -5.56 -8.80
N VAL A 30 10.21 -5.60 -7.60
CA VAL A 30 11.11 -5.72 -6.42
C VAL A 30 11.54 -7.19 -6.26
N VAL A 31 12.15 -7.52 -5.14
CA VAL A 31 12.59 -8.92 -4.92
C VAL A 31 12.20 -9.37 -3.50
N ARG A 32 13.13 -9.34 -2.57
CA ARG A 32 12.80 -9.76 -1.18
C ARG A 32 12.52 -8.53 -0.32
N ASP A 33 11.85 -7.55 -0.88
CA ASP A 33 11.53 -6.31 -0.12
C ASP A 33 10.78 -5.36 -1.07
N GLU A 34 9.48 -5.43 -1.09
CA GLU A 34 8.72 -4.55 -2.03
C GLU A 34 8.50 -3.15 -1.45
N VAL A 35 7.67 -2.39 -2.13
CA VAL A 35 7.36 -1.00 -1.70
C VAL A 35 6.84 -1.00 -0.26
N LEU A 36 6.83 0.16 0.34
CA LEU A 36 6.33 0.32 1.72
C LEU A 36 5.60 1.65 1.74
N VAL A 37 4.57 1.76 0.96
CA VAL A 37 3.81 3.04 0.87
C VAL A 37 3.70 3.69 2.25
N GLU A 38 3.32 4.94 2.28
CA GLU A 38 3.20 5.64 3.58
C GLU A 38 1.82 6.29 3.66
N ILE A 39 0.90 5.64 4.31
CA ILE A 39 -0.46 6.21 4.41
C ILE A 39 -0.47 7.28 5.51
N GLU A 40 -1.63 7.68 5.96
CA GLU A 40 -1.67 8.73 7.01
C GLU A 40 -2.66 8.33 8.09
N THR A 41 -2.18 8.05 9.28
CA THR A 41 -3.10 7.65 10.38
C THR A 41 -3.19 8.79 11.39
N ASP A 42 -3.33 8.47 12.65
CA ASP A 42 -3.43 9.54 13.69
C ASP A 42 -2.04 9.79 14.31
N LYS A 43 -1.22 10.57 13.66
CA LYS A 43 0.14 10.86 14.19
C LYS A 43 1.12 9.77 13.73
N VAL A 44 0.61 8.63 13.39
CA VAL A 44 1.50 7.53 12.94
C VAL A 44 1.24 7.22 11.47
N VAL A 45 2.13 6.51 10.84
CA VAL A 45 1.93 6.18 9.39
C VAL A 45 2.07 4.67 9.19
N LEU A 46 1.09 4.05 8.61
CA LEU A 46 1.16 2.59 8.38
C LEU A 46 2.03 2.32 7.14
N GLU A 47 2.62 1.16 7.04
CA GLU A 47 3.49 0.87 5.87
C GLU A 47 2.85 -0.21 4.98
N VAL A 48 3.43 -0.46 3.84
CA VAL A 48 2.87 -1.49 2.91
C VAL A 48 4.03 -2.25 2.25
N PRO A 49 4.71 -3.05 3.03
CA PRO A 49 5.86 -3.85 2.56
C PRO A 49 5.38 -5.13 1.86
N ALA A 50 5.61 -5.25 0.57
CA ALA A 50 5.21 -6.51 -0.13
C ALA A 50 6.37 -7.48 -0.03
N SER A 51 6.39 -8.52 -0.82
CA SER A 51 7.51 -9.48 -0.71
C SER A 51 7.93 -9.96 -2.11
N ALA A 52 8.33 -9.06 -2.96
CA ALA A 52 8.79 -9.41 -4.35
C ALA A 52 7.72 -9.03 -5.39
N ASP A 53 8.11 -8.92 -6.63
CA ASP A 53 7.16 -8.55 -7.72
C ASP A 53 6.82 -7.06 -7.64
N GLY A 54 5.81 -6.71 -6.90
CA GLY A 54 5.43 -5.26 -6.77
C GLY A 54 5.20 -4.61 -8.13
N ILE A 55 5.18 -5.36 -9.20
CA ILE A 55 4.94 -4.74 -10.53
C ILE A 55 3.63 -3.96 -10.45
N LEU A 56 3.71 -2.70 -10.11
CA LEU A 56 2.48 -1.88 -9.99
C LEU A 56 1.55 -2.15 -11.16
N ASP A 57 0.43 -2.76 -10.90
CA ASP A 57 -0.52 -3.07 -12.00
C ASP A 57 -1.86 -2.36 -11.76
N ALA A 58 -2.36 -2.35 -10.55
CA ALA A 58 -3.67 -1.67 -10.32
C ALA A 58 -3.68 -0.98 -8.95
N VAL A 59 -3.05 0.17 -8.85
CA VAL A 59 -3.06 0.90 -7.55
C VAL A 59 -4.40 1.61 -7.42
N LEU A 60 -5.40 0.95 -6.89
CA LEU A 60 -6.75 1.58 -6.75
C LEU A 60 -6.70 2.69 -5.70
N GLU A 61 -5.60 2.85 -5.03
CA GLU A 61 -5.50 3.93 -4.01
C GLU A 61 -4.24 4.73 -4.28
N ASP A 62 -4.08 5.17 -5.50
CA ASP A 62 -2.89 5.96 -5.86
C ASP A 62 -2.59 6.96 -4.75
N GLU A 63 -1.38 6.97 -4.27
CA GLU A 63 -0.98 7.90 -3.17
C GLU A 63 -1.71 9.23 -3.29
N GLY A 64 -2.45 9.60 -2.28
CA GLY A 64 -3.19 10.90 -2.32
C GLY A 64 -4.70 10.64 -2.27
N THR A 65 -5.09 9.39 -2.24
CA THR A 65 -6.54 9.08 -2.18
C THR A 65 -6.95 8.80 -0.73
N THR A 66 -8.22 8.91 -0.42
CA THR A 66 -8.68 8.65 0.97
C THR A 66 -8.56 7.16 1.28
N VAL A 67 -8.31 6.85 2.51
CA VAL A 67 -8.17 5.42 2.91
C VAL A 67 -8.62 5.26 4.36
N THR A 68 -8.77 4.05 4.82
CA THR A 68 -9.21 3.82 6.22
C THR A 68 -8.39 2.67 6.81
N SER A 69 -8.69 2.27 8.02
CA SER A 69 -7.93 1.15 8.64
C SER A 69 -8.54 -0.18 8.19
N ARG A 70 -8.38 -0.51 6.93
CA ARG A 70 -8.93 -1.79 6.40
C ARG A 70 -9.07 -1.69 4.88
N GLN A 71 -9.14 -0.50 4.38
CA GLN A 71 -9.29 -0.31 2.91
C GLN A 71 -8.12 -0.97 2.17
N ILE A 72 -8.30 -1.27 0.91
CA ILE A 72 -7.20 -1.93 0.14
C ILE A 72 -6.52 -0.89 -0.77
N LEU A 73 -5.28 -0.58 -0.51
CA LEU A 73 -4.59 0.42 -1.39
C LEU A 73 -4.79 -0.01 -2.84
N GLY A 74 -4.57 -1.26 -3.11
CA GLY A 74 -4.75 -1.76 -4.50
C GLY A 74 -3.95 -3.05 -4.67
N ARG A 75 -3.76 -3.49 -5.87
CA ARG A 75 -3.00 -4.74 -6.09
C ARG A 75 -1.89 -4.49 -7.10
N LEU A 76 -0.76 -5.08 -6.88
CA LEU A 76 0.37 -4.89 -7.82
C LEU A 76 0.49 -6.10 -8.74
N ARG A 77 1.44 -6.97 -8.51
CA ARG A 77 1.57 -8.16 -9.39
C ARG A 77 2.28 -9.30 -8.62
N GLU A 78 2.10 -10.51 -9.07
CA GLU A 78 2.75 -11.66 -8.37
C GLU A 78 2.37 -12.96 -9.08
N GLY A 79 2.90 -13.18 -10.25
CA GLY A 79 2.57 -14.43 -10.99
C GLY A 79 3.48 -15.57 -10.51
N ASN A 80 4.76 -15.34 -10.47
CA ASN A 80 5.70 -16.40 -10.01
C ASN A 80 6.99 -15.75 -9.50
N SER A 1 -1.93 -13.38 -10.05
CA SER A 1 -2.28 -12.60 -8.83
C SER A 1 -1.61 -11.23 -8.88
N SER A 2 -1.63 -10.51 -7.79
CA SER A 2 -0.98 -9.17 -7.78
C SER A 2 -0.69 -8.76 -6.34
N VAL A 3 -0.13 -7.60 -6.13
CA VAL A 3 0.16 -7.16 -4.73
C VAL A 3 -1.14 -6.66 -4.11
N ASP A 4 -2.01 -7.55 -3.69
CA ASP A 4 -3.26 -7.12 -3.05
C ASP A 4 -2.90 -6.57 -1.68
N ILE A 5 -2.54 -5.31 -1.62
CA ILE A 5 -2.12 -4.73 -0.32
C ILE A 5 -3.16 -3.74 0.21
N LEU A 6 -3.38 -3.76 1.49
CA LEU A 6 -4.37 -2.82 2.11
C LEU A 6 -3.68 -2.08 3.26
N VAL A 7 -4.40 -1.78 4.31
CA VAL A 7 -3.77 -1.06 5.46
C VAL A 7 -4.18 -1.76 6.77
N PRO A 8 -3.84 -3.02 6.87
CA PRO A 8 -4.16 -3.84 8.06
C PRO A 8 -3.24 -3.50 9.22
N ASP A 9 -3.36 -2.33 9.77
CA ASP A 9 -2.50 -1.94 10.91
C ASP A 9 -3.38 -1.54 12.11
N LEU A 10 -4.67 -1.45 11.88
CA LEU A 10 -5.62 -1.08 12.97
C LEU A 10 -4.97 -0.06 13.91
N PRO A 11 -5.06 1.20 13.54
CA PRO A 11 -4.50 2.30 14.33
C PRO A 11 -5.42 2.62 15.51
N GLU A 12 -4.92 3.35 16.48
CA GLU A 12 -5.77 3.68 17.66
C GLU A 12 -5.69 5.19 17.93
N SER A 13 -5.69 6.00 16.91
CA SER A 13 -5.62 7.47 17.13
C SER A 13 -6.83 8.14 16.46
N VAL A 14 -7.56 7.42 15.67
CA VAL A 14 -8.75 8.01 14.99
C VAL A 14 -9.67 6.89 14.52
N ALA A 15 -9.57 6.52 13.26
CA ALA A 15 -10.45 5.44 12.73
C ALA A 15 -10.45 5.49 11.20
N ASP A 16 -9.30 5.71 10.61
CA ASP A 16 -9.25 5.78 9.11
C ASP A 16 -7.83 6.14 8.68
N ALA A 17 -7.65 6.47 7.44
CA ALA A 17 -6.28 6.83 6.96
C ALA A 17 -6.37 7.41 5.54
N THR A 18 -5.25 7.68 4.94
CA THR A 18 -5.26 8.23 3.56
C THR A 18 -3.90 8.02 2.91
N VAL A 19 -3.88 7.40 1.75
CA VAL A 19 -2.57 7.16 1.07
C VAL A 19 -1.81 8.48 0.97
N ALA A 20 -0.51 8.44 1.14
CA ALA A 20 0.28 9.70 1.06
C ALA A 20 1.28 9.61 -0.09
N THR A 21 2.04 8.55 -0.17
CA THR A 21 3.03 8.45 -1.28
C THR A 21 3.55 7.02 -1.43
N TRP A 22 3.25 6.38 -2.52
CA TRP A 22 3.74 4.99 -2.76
C TRP A 22 5.26 5.03 -2.96
N HIS A 23 5.82 3.99 -3.52
CA HIS A 23 7.29 3.97 -3.79
C HIS A 23 7.58 2.92 -4.84
N LYS A 24 6.61 2.64 -5.67
CA LYS A 24 6.80 1.61 -6.71
C LYS A 24 6.75 2.23 -8.11
N LYS A 25 7.85 2.20 -8.82
CA LYS A 25 7.85 2.77 -10.19
C LYS A 25 6.81 1.97 -11.00
N PRO A 26 6.54 2.40 -12.21
CA PRO A 26 5.53 1.73 -13.05
C PRO A 26 5.98 0.33 -13.43
N GLY A 27 5.52 -0.64 -12.68
CA GLY A 27 5.88 -2.05 -12.96
C GLY A 27 7.27 -2.37 -12.39
N ASP A 28 7.49 -2.05 -11.13
CA ASP A 28 8.80 -2.33 -10.50
C ASP A 28 9.14 -3.83 -10.62
N ALA A 29 9.88 -4.38 -9.68
CA ALA A 29 10.25 -5.82 -9.76
C ALA A 29 11.00 -6.19 -8.48
N VAL A 30 10.31 -6.75 -7.52
CA VAL A 30 10.96 -7.13 -6.25
C VAL A 30 11.04 -8.66 -6.13
N VAL A 31 11.52 -9.15 -5.02
CA VAL A 31 11.62 -10.63 -4.83
C VAL A 31 10.91 -11.03 -3.54
N ARG A 32 11.21 -10.37 -2.45
CA ARG A 32 10.55 -10.71 -1.16
C ARG A 32 10.61 -9.50 -0.22
N ASP A 33 10.00 -8.42 -0.62
CA ASP A 33 9.99 -7.15 0.20
C ASP A 33 10.00 -5.96 -0.75
N GLU A 34 8.88 -5.34 -0.99
CA GLU A 34 8.87 -4.19 -1.94
C GLU A 34 8.13 -2.97 -1.36
N VAL A 35 7.80 -2.04 -2.23
CA VAL A 35 7.11 -0.77 -1.85
C VAL A 35 6.54 -0.79 -0.44
N LEU A 36 6.73 0.29 0.27
CA LEU A 36 6.20 0.44 1.64
C LEU A 36 5.50 1.78 1.66
N VAL A 37 4.47 1.89 0.86
CA VAL A 37 3.71 3.17 0.74
C VAL A 37 3.60 3.87 2.09
N GLU A 38 3.19 5.10 2.08
CA GLU A 38 3.05 5.87 3.35
C GLU A 38 1.64 6.42 3.44
N ILE A 39 0.78 5.71 4.12
CA ILE A 39 -0.62 6.19 4.24
C ILE A 39 -0.70 7.27 5.32
N GLU A 40 -1.86 7.54 5.85
CA GLU A 40 -1.97 8.61 6.88
C GLU A 40 -2.87 8.13 8.02
N THR A 41 -2.65 8.63 9.21
CA THR A 41 -3.50 8.21 10.36
C THR A 41 -3.46 9.28 11.44
N ASP A 42 -3.32 10.52 11.06
CA ASP A 42 -3.28 11.61 12.08
C ASP A 42 -2.30 11.24 13.20
N LYS A 43 -1.08 11.69 13.10
CA LYS A 43 -0.06 11.38 14.14
C LYS A 43 0.59 10.03 13.85
N VAL A 44 -0.11 9.15 13.18
CA VAL A 44 0.48 7.82 12.87
C VAL A 44 0.50 7.62 11.35
N VAL A 45 1.42 6.84 10.86
CA VAL A 45 1.50 6.60 9.39
C VAL A 45 2.05 5.21 9.13
N LEU A 46 1.19 4.25 8.89
CA LEU A 46 1.66 2.87 8.64
C LEU A 46 2.14 2.77 7.19
N GLU A 47 2.86 1.74 6.87
CA GLU A 47 3.36 1.58 5.47
C GLU A 47 2.68 0.39 4.80
N VAL A 48 3.19 -0.05 3.70
CA VAL A 48 2.58 -1.22 3.00
C VAL A 48 3.67 -1.95 2.19
N PRO A 49 4.45 -2.74 2.90
CA PRO A 49 5.56 -3.51 2.30
C PRO A 49 5.04 -4.80 1.65
N ALA A 50 5.07 -4.89 0.34
CA ALA A 50 4.60 -6.16 -0.29
C ALA A 50 5.72 -7.18 -0.05
N SER A 51 5.73 -8.26 -0.77
CA SER A 51 6.81 -9.25 -0.53
C SER A 51 7.16 -9.96 -1.82
N ALA A 52 7.07 -9.26 -2.93
CA ALA A 52 7.41 -9.90 -4.24
C ALA A 52 6.69 -9.15 -5.38
N ASP A 53 7.27 -9.16 -6.55
CA ASP A 53 6.62 -8.47 -7.70
C ASP A 53 6.58 -6.96 -7.48
N GLY A 54 5.50 -6.47 -6.95
CA GLY A 54 5.40 -5.00 -6.72
C GLY A 54 5.18 -4.27 -8.04
N ILE A 55 5.30 -4.94 -9.16
CA ILE A 55 5.08 -4.28 -10.47
C ILE A 55 3.89 -3.32 -10.34
N LEU A 56 4.15 -2.08 -10.06
CA LEU A 56 3.07 -1.09 -9.89
C LEU A 56 2.13 -1.19 -11.10
N ASP A 57 1.12 -2.01 -11.00
CA ASP A 57 0.18 -2.19 -12.14
C ASP A 57 -1.20 -1.59 -11.82
N ALA A 58 -1.73 -1.83 -10.64
CA ALA A 58 -3.07 -1.27 -10.34
C ALA A 58 -3.13 -0.71 -8.92
N VAL A 59 -2.97 0.57 -8.77
CA VAL A 59 -3.06 1.18 -7.41
C VAL A 59 -4.36 2.00 -7.34
N LEU A 60 -5.44 1.38 -6.97
CA LEU A 60 -6.73 2.11 -6.92
C LEU A 60 -6.73 3.16 -5.80
N GLU A 61 -5.69 3.20 -5.03
CA GLU A 61 -5.62 4.21 -3.94
C GLU A 61 -4.32 4.98 -4.06
N ASP A 62 -3.98 5.38 -5.25
CA ASP A 62 -2.73 6.13 -5.45
C ASP A 62 -2.63 7.24 -4.39
N GLU A 63 -1.46 7.39 -3.82
CA GLU A 63 -1.25 8.43 -2.77
C GLU A 63 -2.14 9.64 -3.02
N GLY A 64 -3.16 9.80 -2.22
CA GLY A 64 -4.08 10.97 -2.41
C GLY A 64 -5.53 10.51 -2.22
N THR A 65 -5.75 9.22 -2.10
CA THR A 65 -7.14 8.72 -1.92
C THR A 65 -7.39 8.42 -0.43
N THR A 66 -8.58 7.99 -0.10
CA THR A 66 -8.89 7.69 1.32
C THR A 66 -8.80 6.18 1.57
N VAL A 67 -8.48 5.80 2.77
CA VAL A 67 -8.34 4.36 3.10
C VAL A 67 -8.68 4.18 4.58
N THR A 68 -8.81 2.96 5.03
CA THR A 68 -9.13 2.73 6.46
C THR A 68 -8.20 1.63 7.00
N SER A 69 -8.70 0.77 7.84
CA SER A 69 -7.83 -0.31 8.39
C SER A 69 -7.49 -1.29 7.27
N ARG A 70 -8.11 -2.45 7.25
CA ARG A 70 -7.81 -3.44 6.19
C ARG A 70 -8.55 -3.08 4.89
N GLN A 71 -8.65 -1.82 4.55
CA GLN A 71 -9.34 -1.44 3.29
C GLN A 71 -8.55 -2.01 2.11
N ILE A 72 -7.95 -1.18 1.31
CA ILE A 72 -7.16 -1.71 0.15
C ILE A 72 -6.54 -0.57 -0.64
N LEU A 73 -5.23 -0.50 -0.67
CA LEU A 73 -4.56 0.58 -1.44
C LEU A 73 -4.71 0.28 -2.93
N GLY A 74 -4.39 -0.93 -3.32
CA GLY A 74 -4.51 -1.31 -4.75
C GLY A 74 -3.67 -2.55 -5.00
N ARG A 75 -3.80 -3.15 -6.15
CA ARG A 75 -3.01 -4.37 -6.44
C ARG A 75 -1.97 -4.07 -7.51
N LEU A 76 -0.79 -4.58 -7.32
CA LEU A 76 0.29 -4.35 -8.31
C LEU A 76 0.51 -5.65 -9.08
N ARG A 77 1.37 -6.50 -8.59
CA ARG A 77 1.62 -7.80 -9.27
C ARG A 77 2.20 -8.79 -8.26
N GLU A 78 2.14 -10.06 -8.57
CA GLU A 78 2.68 -11.08 -7.63
C GLU A 78 2.80 -12.42 -8.35
N GLY A 79 3.35 -12.43 -9.54
CA GLY A 79 3.49 -13.71 -10.28
C GLY A 79 4.48 -14.62 -9.55
N ASN A 80 5.70 -14.18 -9.40
CA ASN A 80 6.72 -15.02 -8.70
C ASN A 80 7.17 -16.15 -9.62
N SER A 1 -1.35 -14.07 -8.49
CA SER A 1 -1.76 -13.27 -7.29
C SER A 1 -1.39 -11.80 -7.52
N SER A 2 -1.36 -11.02 -6.47
CA SER A 2 -1.00 -9.58 -6.63
C SER A 2 -0.80 -8.96 -5.25
N VAL A 3 -0.02 -7.90 -5.15
CA VAL A 3 0.20 -7.25 -3.84
C VAL A 3 -1.04 -6.41 -3.50
N ASP A 4 -2.10 -7.04 -3.07
CA ASP A 4 -3.33 -6.28 -2.71
C ASP A 4 -3.16 -5.79 -1.28
N ILE A 5 -2.51 -4.67 -1.10
CA ILE A 5 -2.27 -4.16 0.27
C ILE A 5 -3.41 -3.26 0.74
N LEU A 6 -3.53 -3.13 2.03
CA LEU A 6 -4.57 -2.25 2.64
C LEU A 6 -3.91 -1.49 3.79
N VAL A 7 -4.66 -1.12 4.80
CA VAL A 7 -4.02 -0.39 5.94
C VAL A 7 -4.57 -0.91 7.27
N PRO A 8 -4.43 -2.19 7.48
CA PRO A 8 -4.91 -2.86 8.72
C PRO A 8 -3.92 -2.63 9.87
N ASP A 9 -3.48 -1.42 10.08
CA ASP A 9 -2.52 -1.17 11.18
C ASP A 9 -3.14 -0.17 12.17
N LEU A 10 -4.32 0.30 11.89
CA LEU A 10 -4.97 1.28 12.80
C LEU A 10 -5.71 0.53 13.93
N PRO A 11 -5.52 0.97 15.14
CA PRO A 11 -6.16 0.36 16.32
C PRO A 11 -7.61 0.83 16.43
N GLU A 12 -7.84 2.12 16.43
CA GLU A 12 -9.23 2.64 16.54
C GLU A 12 -10.11 1.94 15.51
N SER A 13 -11.38 2.24 15.50
CA SER A 13 -12.29 1.58 14.51
C SER A 13 -12.32 2.40 13.22
N VAL A 14 -11.76 3.58 13.25
CA VAL A 14 -11.75 4.43 12.03
C VAL A 14 -10.85 5.64 12.24
N ALA A 15 -9.62 5.42 12.62
CA ALA A 15 -8.70 6.57 12.83
C ALA A 15 -8.45 7.27 11.50
N ASP A 16 -8.87 6.67 10.42
CA ASP A 16 -8.67 7.30 9.08
C ASP A 16 -7.19 7.60 8.87
N ALA A 17 -6.80 7.84 7.65
CA ALA A 17 -5.37 8.15 7.36
C ALA A 17 -5.27 8.70 5.94
N THR A 18 -4.09 9.04 5.50
CA THR A 18 -3.94 9.58 4.13
C THR A 18 -2.75 8.92 3.43
N VAL A 19 -2.97 8.43 2.25
CA VAL A 19 -1.85 7.78 1.51
C VAL A 19 -0.92 8.85 0.95
N ALA A 20 0.21 9.04 1.57
CA ALA A 20 1.15 10.08 1.10
C ALA A 20 1.68 9.75 -0.29
N THR A 21 2.38 8.65 -0.47
CA THR A 21 2.91 8.36 -1.84
C THR A 21 3.46 6.93 -1.96
N TRP A 22 3.08 6.23 -2.99
CA TRP A 22 3.60 4.85 -3.22
C TRP A 22 5.08 4.94 -3.58
N HIS A 23 5.64 3.85 -4.02
CA HIS A 23 7.07 3.84 -4.45
C HIS A 23 7.23 2.78 -5.53
N LYS A 24 6.18 2.57 -6.29
CA LYS A 24 6.23 1.53 -7.35
C LYS A 24 5.92 2.15 -8.72
N LYS A 25 6.81 2.00 -9.66
CA LYS A 25 6.56 2.54 -11.01
C LYS A 25 5.52 1.63 -11.69
N PRO A 26 5.18 1.92 -12.92
CA PRO A 26 4.17 1.13 -13.64
C PRO A 26 4.69 -0.27 -13.94
N GLY A 27 4.45 -1.19 -13.04
CA GLY A 27 4.91 -2.58 -13.22
C GLY A 27 6.41 -2.71 -12.97
N ASP A 28 6.90 -2.14 -11.90
CA ASP A 28 8.36 -2.26 -11.62
C ASP A 28 8.74 -3.75 -11.47
N ALA A 29 9.23 -4.16 -10.33
CA ALA A 29 9.63 -5.59 -10.17
C ALA A 29 10.53 -5.74 -8.94
N VAL A 30 9.99 -6.18 -7.84
CA VAL A 30 10.84 -6.34 -6.61
C VAL A 30 11.22 -7.81 -6.43
N VAL A 31 11.88 -8.13 -5.35
CA VAL A 31 12.29 -9.54 -5.10
C VAL A 31 12.13 -9.87 -3.61
N ARG A 32 13.00 -9.37 -2.77
CA ARG A 32 12.89 -9.67 -1.31
C ARG A 32 12.70 -8.37 -0.54
N ASP A 33 11.62 -7.66 -0.82
CA ASP A 33 11.31 -6.36 -0.15
C ASP A 33 10.62 -5.46 -1.16
N GLU A 34 9.33 -5.61 -1.32
CA GLU A 34 8.60 -4.78 -2.33
C GLU A 34 8.41 -3.35 -1.84
N VAL A 35 7.59 -2.61 -2.56
CA VAL A 35 7.32 -1.20 -2.21
C VAL A 35 6.95 -1.07 -0.73
N LEU A 36 6.95 0.15 -0.25
CA LEU A 36 6.60 0.42 1.16
C LEU A 36 5.86 1.75 1.18
N VAL A 37 4.77 1.81 0.47
CA VAL A 37 3.99 3.08 0.38
C VAL A 37 3.96 3.78 1.74
N GLU A 38 3.54 5.02 1.76
CA GLU A 38 3.47 5.75 3.04
C GLU A 38 2.07 6.33 3.19
N ILE A 39 1.55 6.35 4.38
CA ILE A 39 0.18 6.89 4.58
C ILE A 39 0.24 7.94 5.70
N GLU A 40 -0.88 8.35 6.23
CA GLU A 40 -0.86 9.36 7.32
C GLU A 40 -1.96 9.08 8.33
N THR A 41 -1.68 8.27 9.32
CA THR A 41 -2.72 7.96 10.34
C THR A 41 -2.72 9.06 11.41
N ASP A 42 -2.99 8.71 12.64
CA ASP A 42 -3.01 9.74 13.72
C ASP A 42 -1.67 9.73 14.46
N LYS A 43 -0.69 10.46 13.96
CA LYS A 43 0.64 10.52 14.61
C LYS A 43 1.50 9.36 14.11
N VAL A 44 0.89 8.30 13.68
CA VAL A 44 1.68 7.14 13.19
C VAL A 44 1.46 6.96 11.68
N VAL A 45 2.50 6.75 10.94
CA VAL A 45 2.35 6.56 9.47
C VAL A 45 2.84 5.17 9.07
N LEU A 46 1.94 4.27 8.78
CA LEU A 46 2.35 2.90 8.40
C LEU A 46 2.78 2.89 6.93
N GLU A 47 3.17 1.76 6.42
CA GLU A 47 3.62 1.71 4.99
C GLU A 47 3.00 0.49 4.29
N VAL A 48 3.70 -0.05 3.32
CA VAL A 48 3.17 -1.23 2.58
C VAL A 48 4.33 -2.04 2.00
N PRO A 49 5.07 -2.67 2.88
CA PRO A 49 6.23 -3.49 2.49
C PRO A 49 5.78 -4.88 2.01
N ALA A 50 5.81 -5.13 0.71
CA ALA A 50 5.43 -6.48 0.23
C ALA A 50 6.67 -7.35 0.36
N SER A 51 6.64 -8.60 -0.01
CA SER A 51 7.87 -9.43 0.16
C SER A 51 8.35 -10.01 -1.17
N ALA A 52 8.01 -9.38 -2.26
CA ALA A 52 8.47 -9.89 -3.58
C ALA A 52 7.57 -9.31 -4.68
N ASP A 53 8.03 -9.32 -5.90
CA ASP A 53 7.20 -8.77 -6.99
C ASP A 53 6.94 -7.28 -6.71
N GLY A 54 5.76 -6.81 -6.96
CA GLY A 54 5.46 -5.38 -6.72
C GLY A 54 5.14 -4.70 -8.04
N ILE A 55 5.34 -5.40 -9.13
CA ILE A 55 5.03 -4.79 -10.46
C ILE A 55 3.70 -4.05 -10.35
N LEU A 56 3.77 -2.76 -10.16
CA LEU A 56 2.52 -1.96 -10.01
C LEU A 56 1.54 -2.32 -11.11
N ASP A 57 0.70 -3.28 -10.85
CA ASP A 57 -0.30 -3.72 -11.87
C ASP A 57 -1.52 -2.79 -11.83
N ALA A 58 -2.18 -2.65 -10.70
CA ALA A 58 -3.37 -1.76 -10.68
C ALA A 58 -3.57 -1.15 -9.28
N VAL A 59 -3.08 0.04 -9.09
CA VAL A 59 -3.27 0.71 -7.76
C VAL A 59 -4.69 1.29 -7.74
N LEU A 60 -5.60 0.63 -7.09
CA LEU A 60 -7.00 1.14 -7.07
C LEU A 60 -7.09 2.43 -6.26
N GLU A 61 -6.22 2.61 -5.32
CA GLU A 61 -6.26 3.85 -4.51
C GLU A 61 -4.91 4.55 -4.65
N ASP A 62 -4.57 4.90 -5.86
CA ASP A 62 -3.26 5.57 -6.11
C ASP A 62 -2.95 6.54 -4.97
N GLU A 63 -1.71 6.60 -4.57
CA GLU A 63 -1.32 7.51 -3.46
C GLU A 63 -2.06 8.84 -3.56
N GLY A 64 -2.50 9.36 -2.45
CA GLY A 64 -3.22 10.67 -2.46
C GLY A 64 -4.70 10.44 -2.15
N THR A 65 -5.15 9.22 -2.18
CA THR A 65 -6.59 8.94 -1.89
C THR A 65 -6.78 8.80 -0.37
N THR A 66 -8.01 8.67 0.07
CA THR A 66 -8.27 8.54 1.53
C THR A 66 -8.32 7.06 1.91
N VAL A 67 -8.03 6.77 3.14
CA VAL A 67 -8.04 5.36 3.61
C VAL A 67 -8.39 5.31 5.09
N THR A 68 -8.65 4.16 5.61
CA THR A 68 -8.98 4.02 7.05
C THR A 68 -8.17 2.86 7.61
N SER A 69 -8.75 2.00 8.41
CA SER A 69 -7.96 0.85 8.94
C SER A 69 -7.65 -0.09 7.77
N ARG A 70 -8.09 -1.31 7.82
CA ARG A 70 -7.81 -2.24 6.69
C ARG A 70 -8.66 -1.86 5.48
N GLN A 71 -8.25 -0.87 4.72
CA GLN A 71 -9.04 -0.48 3.53
C GLN A 71 -8.39 -1.11 2.30
N ILE A 72 -7.65 -0.36 1.54
CA ILE A 72 -6.99 -0.93 0.34
C ILE A 72 -6.21 0.15 -0.41
N LEU A 73 -4.92 0.06 -0.44
CA LEU A 73 -4.13 1.07 -1.19
C LEU A 73 -4.17 0.72 -2.66
N GLY A 74 -4.09 -0.55 -2.98
CA GLY A 74 -4.14 -0.94 -4.42
C GLY A 74 -3.47 -2.31 -4.62
N ARG A 75 -3.79 -2.98 -5.69
CA ARG A 75 -3.18 -4.31 -5.94
C ARG A 75 -2.07 -4.17 -6.97
N LEU A 76 -1.08 -4.99 -6.85
CA LEU A 76 0.06 -4.90 -7.81
C LEU A 76 0.10 -6.17 -8.68
N ARG A 77 1.26 -6.77 -8.84
CA ARG A 77 1.33 -8.00 -9.69
C ARG A 77 1.57 -9.24 -8.82
N GLU A 78 2.56 -9.21 -7.96
CA GLU A 78 2.83 -10.40 -7.10
C GLU A 78 3.00 -11.64 -7.98
N GLY A 79 3.42 -12.73 -7.40
CA GLY A 79 3.61 -13.96 -8.20
C GLY A 79 4.48 -13.66 -9.43
N ASN A 80 4.09 -14.14 -10.58
CA ASN A 80 4.88 -13.86 -11.81
C ASN A 80 3.99 -13.21 -12.86
N SER A 1 -3.22 -13.13 -7.50
CA SER A 1 -1.80 -13.14 -7.94
C SER A 1 -1.32 -11.72 -8.17
N SER A 2 -1.33 -10.90 -7.16
CA SER A 2 -0.87 -9.49 -7.33
C SER A 2 -0.35 -8.96 -5.99
N VAL A 3 0.08 -7.73 -5.95
CA VAL A 3 0.57 -7.15 -4.67
C VAL A 3 -0.63 -6.63 -3.88
N ASP A 4 -1.22 -7.48 -3.07
CA ASP A 4 -2.40 -7.05 -2.29
C ASP A 4 -1.95 -5.98 -1.29
N ILE A 5 -2.11 -4.73 -1.64
CA ILE A 5 -1.68 -3.64 -0.73
C ILE A 5 -2.89 -3.02 -0.04
N LEU A 6 -2.82 -2.90 1.26
CA LEU A 6 -3.94 -2.31 2.04
C LEU A 6 -3.36 -1.72 3.32
N VAL A 7 -4.18 -1.44 4.31
CA VAL A 7 -3.64 -0.87 5.58
C VAL A 7 -4.00 -1.82 6.74
N PRO A 8 -3.25 -2.88 6.84
CA PRO A 8 -3.47 -3.90 7.88
C PRO A 8 -2.86 -3.44 9.22
N ASP A 9 -3.20 -2.28 9.69
CA ASP A 9 -2.64 -1.80 10.96
C ASP A 9 -3.78 -1.50 11.95
N LEU A 10 -5.00 -1.60 11.50
CA LEU A 10 -6.16 -1.32 12.39
C LEU A 10 -5.84 -0.15 13.33
N PRO A 11 -6.08 1.04 12.83
CA PRO A 11 -5.83 2.28 13.60
C PRO A 11 -6.98 2.52 14.59
N GLU A 12 -6.66 3.00 15.77
CA GLU A 12 -7.72 3.25 16.77
C GLU A 12 -7.52 4.64 17.40
N SER A 13 -8.49 5.10 18.13
CA SER A 13 -8.35 6.44 18.78
C SER A 13 -8.30 7.53 17.70
N VAL A 14 -8.55 7.17 16.48
CA VAL A 14 -8.51 8.19 15.38
C VAL A 14 -9.83 8.13 14.60
N ALA A 15 -9.86 7.45 13.49
CA ALA A 15 -11.13 7.37 12.71
C ALA A 15 -10.84 6.83 11.30
N ASP A 16 -9.63 7.00 10.85
CA ASP A 16 -9.26 6.50 9.49
C ASP A 16 -7.84 6.95 9.16
N ALA A 17 -7.46 6.89 7.91
CA ALA A 17 -6.09 7.32 7.52
C ALA A 17 -6.12 7.89 6.11
N THR A 18 -4.98 8.08 5.51
CA THR A 18 -4.96 8.62 4.12
C THR A 18 -3.66 8.22 3.44
N VAL A 19 -3.69 8.04 2.15
CA VAL A 19 -2.45 7.66 1.43
C VAL A 19 -1.59 8.92 1.25
N ALA A 20 -0.30 8.77 1.26
CA ALA A 20 0.58 9.95 1.10
C ALA A 20 1.43 9.79 -0.15
N THR A 21 2.17 8.71 -0.26
CA THR A 21 3.02 8.55 -1.46
C THR A 21 3.56 7.12 -1.57
N TRP A 22 3.29 6.47 -2.67
CA TRP A 22 3.80 5.09 -2.89
C TRP A 22 5.32 5.15 -3.05
N HIS A 23 5.90 4.06 -3.49
CA HIS A 23 7.36 4.03 -3.73
C HIS A 23 7.63 2.99 -4.82
N LYS A 24 6.64 2.75 -5.64
CA LYS A 24 6.78 1.74 -6.72
C LYS A 24 6.60 2.43 -8.07
N LYS A 25 7.48 2.19 -9.01
CA LYS A 25 7.33 2.81 -10.35
C LYS A 25 6.29 1.98 -11.13
N PRO A 26 5.97 2.41 -12.32
CA PRO A 26 4.96 1.73 -13.15
C PRO A 26 5.46 0.37 -13.64
N GLY A 27 5.02 -0.68 -12.99
CA GLY A 27 5.42 -2.05 -13.40
C GLY A 27 6.79 -2.42 -12.83
N ASP A 28 7.08 -2.02 -11.61
CA ASP A 28 8.39 -2.39 -11.02
C ASP A 28 8.53 -3.92 -10.96
N ALA A 29 9.49 -4.39 -10.21
CA ALA A 29 9.70 -5.86 -10.10
C ALA A 29 10.60 -6.14 -8.89
N VAL A 30 10.05 -6.10 -7.70
CA VAL A 30 10.88 -6.35 -6.48
C VAL A 30 11.11 -7.85 -6.28
N VAL A 31 11.71 -8.21 -5.17
CA VAL A 31 11.98 -9.65 -4.88
C VAL A 31 11.38 -10.03 -3.53
N ARG A 32 12.18 -10.04 -2.49
CA ARG A 32 11.63 -10.41 -1.15
C ARG A 32 11.43 -9.14 -0.31
N ASP A 33 10.87 -8.12 -0.90
CA ASP A 33 10.64 -6.83 -0.18
C ASP A 33 10.16 -5.78 -1.18
N GLU A 34 8.88 -5.59 -1.30
CA GLU A 34 8.37 -4.60 -2.30
C GLU A 34 8.15 -3.22 -1.65
N VAL A 35 7.47 -2.36 -2.35
CA VAL A 35 7.19 -0.98 -1.84
C VAL A 35 6.58 -1.01 -0.45
N LEU A 36 6.60 0.11 0.21
CA LEU A 36 6.01 0.25 1.55
C LEU A 36 5.34 1.62 1.55
N VAL A 37 4.32 1.77 0.75
CA VAL A 37 3.62 3.08 0.63
C VAL A 37 3.53 3.77 2.00
N GLU A 38 3.22 5.03 2.01
CA GLU A 38 3.14 5.77 3.29
C GLU A 38 1.76 6.38 3.44
N ILE A 39 0.93 5.77 4.23
CA ILE A 39 -0.45 6.29 4.42
C ILE A 39 -0.42 7.34 5.54
N GLU A 40 -1.53 7.63 6.16
CA GLU A 40 -1.51 8.65 7.24
C GLU A 40 -2.66 8.41 8.22
N THR A 41 -2.38 7.79 9.33
CA THR A 41 -3.44 7.54 10.33
C THR A 41 -3.07 8.29 11.61
N ASP A 42 -3.51 9.52 11.72
CA ASP A 42 -3.18 10.29 12.94
C ASP A 42 -1.70 10.67 12.87
N LYS A 43 -1.04 10.66 13.98
CA LYS A 43 0.40 11.01 14.00
C LYS A 43 1.20 9.80 13.52
N VAL A 44 0.59 8.65 13.52
CA VAL A 44 1.31 7.43 13.07
C VAL A 44 1.16 7.26 11.56
N VAL A 45 2.13 6.67 10.92
CA VAL A 45 2.05 6.46 9.44
C VAL A 45 2.37 5.00 9.11
N LEU A 46 1.37 4.22 8.78
CA LEU A 46 1.61 2.80 8.46
C LEU A 46 1.97 2.69 6.98
N GLU A 47 2.61 1.61 6.59
CA GLU A 47 2.99 1.46 5.16
C GLU A 47 2.49 0.11 4.61
N VAL A 48 3.00 -0.30 3.48
CA VAL A 48 2.56 -1.60 2.89
C VAL A 48 3.73 -2.28 2.17
N PRO A 49 4.48 -3.05 2.91
CA PRO A 49 5.64 -3.78 2.36
C PRO A 49 5.20 -5.07 1.66
N ALA A 50 5.20 -5.10 0.35
CA ALA A 50 4.83 -6.37 -0.34
C ALA A 50 6.03 -7.30 -0.18
N SER A 51 6.11 -8.37 -0.90
CA SER A 51 7.28 -9.26 -0.72
C SER A 51 7.75 -9.81 -2.06
N ALA A 52 7.47 -9.13 -3.14
CA ALA A 52 7.91 -9.61 -4.48
C ALA A 52 7.04 -9.04 -5.58
N ASP A 53 7.47 -9.15 -6.80
CA ASP A 53 6.66 -8.62 -7.93
C ASP A 53 6.58 -7.11 -7.84
N GLY A 54 5.61 -6.59 -7.14
CA GLY A 54 5.47 -5.11 -7.01
C GLY A 54 5.20 -4.44 -8.36
N ILE A 55 5.29 -5.16 -9.45
CA ILE A 55 5.02 -4.54 -10.77
C ILE A 55 3.76 -3.69 -10.65
N LEU A 56 3.93 -2.41 -10.44
CA LEU A 56 2.75 -1.53 -10.27
C LEU A 56 1.79 -1.74 -11.43
N ASP A 57 0.84 -2.61 -11.25
CA ASP A 57 -0.14 -2.90 -12.32
C ASP A 57 -1.52 -2.32 -11.99
N ALA A 58 -1.92 -2.31 -10.74
CA ALA A 58 -3.27 -1.76 -10.42
C ALA A 58 -3.26 -0.98 -9.10
N VAL A 59 -2.92 0.28 -9.15
CA VAL A 59 -2.96 1.11 -7.90
C VAL A 59 -4.24 1.94 -7.95
N LEU A 60 -5.35 1.34 -7.64
CA LEU A 60 -6.65 2.08 -7.72
C LEU A 60 -6.74 3.13 -6.62
N GLU A 61 -5.76 3.22 -5.76
CA GLU A 61 -5.82 4.24 -4.69
C GLU A 61 -4.46 4.92 -4.56
N ASP A 62 -3.93 5.39 -5.64
CA ASP A 62 -2.61 6.06 -5.60
C ASP A 62 -2.61 7.12 -4.50
N GLU A 63 -1.46 7.38 -3.93
CA GLU A 63 -1.35 8.40 -2.84
C GLU A 63 -2.36 9.53 -3.04
N GLY A 64 -2.94 10.01 -1.97
CA GLY A 64 -3.93 11.11 -2.09
C GLY A 64 -5.35 10.58 -1.82
N THR A 65 -5.53 9.29 -1.91
CA THR A 65 -6.89 8.71 -1.68
C THR A 65 -7.11 8.52 -0.17
N THR A 66 -8.25 8.01 0.22
CA THR A 66 -8.52 7.79 1.66
C THR A 66 -8.63 6.29 1.95
N VAL A 67 -8.34 5.90 3.16
CA VAL A 67 -8.40 4.46 3.51
C VAL A 67 -8.74 4.33 5.00
N THR A 68 -9.03 3.14 5.44
CA THR A 68 -9.37 2.93 6.88
C THR A 68 -8.48 1.81 7.42
N SER A 69 -9.03 0.78 8.00
CA SER A 69 -8.17 -0.31 8.51
C SER A 69 -7.54 -1.06 7.33
N ARG A 70 -7.87 -2.31 7.13
CA ARG A 70 -7.27 -3.07 6.00
C ARG A 70 -8.04 -2.80 4.69
N GLN A 71 -8.22 -1.55 4.33
CA GLN A 71 -8.93 -1.26 3.05
C GLN A 71 -8.08 -1.79 1.89
N ILE A 72 -7.53 -0.94 1.08
CA ILE A 72 -6.69 -1.43 -0.04
C ILE A 72 -6.17 -0.25 -0.88
N LEU A 73 -4.88 -0.06 -0.92
CA LEU A 73 -4.33 1.06 -1.74
C LEU A 73 -4.35 0.63 -3.21
N GLY A 74 -4.46 -0.65 -3.47
CA GLY A 74 -4.50 -1.14 -4.87
C GLY A 74 -3.59 -2.37 -4.99
N ARG A 75 -3.76 -3.13 -6.04
CA ARG A 75 -2.92 -4.36 -6.20
C ARG A 75 -1.97 -4.15 -7.38
N LEU A 76 -0.82 -4.75 -7.32
CA LEU A 76 0.15 -4.58 -8.43
C LEU A 76 0.43 -5.92 -9.11
N ARG A 77 1.25 -6.73 -8.50
CA ARG A 77 1.57 -8.05 -9.10
C ARG A 77 2.19 -8.95 -8.03
N GLU A 78 2.12 -10.24 -8.21
CA GLU A 78 2.70 -11.17 -7.19
C GLU A 78 2.48 -12.61 -7.64
N GLY A 79 3.53 -13.31 -7.99
CA GLY A 79 3.37 -14.73 -8.43
C GLY A 79 4.75 -15.34 -8.66
N ASN A 80 5.51 -14.80 -9.57
CA ASN A 80 6.87 -15.36 -9.83
C ASN A 80 6.76 -16.85 -10.15
N SER A 1 -3.22 -12.66 -8.07
CA SER A 1 -1.87 -12.71 -8.68
C SER A 1 -1.25 -11.31 -8.67
N SER A 2 -1.48 -10.56 -7.62
CA SER A 2 -0.90 -9.18 -7.57
C SER A 2 -0.74 -8.77 -6.10
N VAL A 3 -0.13 -7.64 -5.86
CA VAL A 3 0.06 -7.18 -4.45
C VAL A 3 -1.27 -6.61 -3.93
N ASP A 4 -2.20 -7.46 -3.57
CA ASP A 4 -3.48 -6.95 -3.04
C ASP A 4 -3.21 -6.44 -1.63
N ILE A 5 -2.78 -5.21 -1.52
CA ILE A 5 -2.44 -4.68 -0.18
C ILE A 5 -3.50 -3.67 0.29
N LEU A 6 -3.67 -3.56 1.59
CA LEU A 6 -4.67 -2.62 2.16
C LEU A 6 -4.03 -1.83 3.30
N VAL A 7 -4.84 -1.16 4.10
CA VAL A 7 -4.27 -0.37 5.23
C VAL A 7 -4.96 -0.78 6.53
N PRO A 8 -4.61 -1.96 7.01
CA PRO A 8 -5.18 -2.51 8.25
C PRO A 8 -4.45 -1.92 9.47
N ASP A 9 -3.91 -0.74 9.37
CA ASP A 9 -3.20 -0.14 10.52
C ASP A 9 -3.96 1.10 11.02
N LEU A 10 -5.08 0.89 11.66
CA LEU A 10 -5.86 2.05 12.18
C LEU A 10 -6.71 1.62 13.38
N PRO A 11 -6.06 1.18 14.42
CA PRO A 11 -6.73 0.73 15.65
C PRO A 11 -7.16 1.93 16.49
N GLU A 12 -7.39 1.74 17.76
CA GLU A 12 -7.81 2.87 18.63
C GLU A 12 -9.03 3.55 18.02
N SER A 13 -9.34 4.74 18.47
CA SER A 13 -10.51 5.46 17.92
C SER A 13 -10.10 6.22 16.65
N VAL A 14 -9.39 5.57 15.76
CA VAL A 14 -8.96 6.25 14.52
C VAL A 14 -8.99 5.25 13.35
N ALA A 15 -10.16 4.93 12.88
CA ALA A 15 -10.27 3.96 11.75
C ALA A 15 -10.19 4.70 10.41
N ASP A 16 -9.23 5.57 10.26
CA ASP A 16 -9.11 6.32 8.98
C ASP A 16 -7.69 6.86 8.83
N ALA A 17 -7.17 6.88 7.63
CA ALA A 17 -5.80 7.40 7.41
C ALA A 17 -5.70 8.02 6.02
N THR A 18 -4.52 8.12 5.48
CA THR A 18 -4.36 8.73 4.13
C THR A 18 -3.10 8.21 3.45
N VAL A 19 -3.23 7.69 2.25
CA VAL A 19 -2.03 7.17 1.53
C VAL A 19 -1.12 8.34 1.16
N ALA A 20 -0.15 8.63 2.00
CA ALA A 20 0.76 9.76 1.72
C ALA A 20 1.45 9.59 0.38
N THR A 21 2.20 8.53 0.18
CA THR A 21 2.90 8.37 -1.13
C THR A 21 3.45 6.95 -1.32
N TRP A 22 3.10 6.32 -2.41
CA TRP A 22 3.63 4.96 -2.69
C TRP A 22 5.13 5.09 -2.97
N HIS A 23 5.74 4.07 -3.53
CA HIS A 23 7.18 4.15 -3.86
C HIS A 23 7.44 3.16 -5.01
N LYS A 24 6.66 3.26 -6.05
CA LYS A 24 6.81 2.31 -7.18
C LYS A 24 6.80 3.05 -8.52
N LYS A 25 7.03 2.32 -9.57
CA LYS A 25 7.01 2.91 -10.93
C LYS A 25 6.06 2.05 -11.78
N PRO A 26 5.96 2.32 -13.06
CA PRO A 26 5.05 1.55 -13.93
C PRO A 26 5.53 0.11 -14.11
N GLY A 27 4.85 -0.80 -13.46
CA GLY A 27 5.22 -2.24 -13.56
C GLY A 27 6.59 -2.50 -12.95
N ASP A 28 6.86 -1.97 -11.78
CA ASP A 28 8.18 -2.23 -11.16
C ASP A 28 8.42 -3.75 -11.07
N ALA A 29 9.42 -4.14 -10.32
CA ALA A 29 9.74 -5.59 -10.18
C ALA A 29 10.66 -5.79 -8.97
N VAL A 30 10.10 -5.81 -7.79
CA VAL A 30 10.92 -5.96 -6.56
C VAL A 30 11.32 -7.44 -6.36
N VAL A 31 11.93 -7.74 -5.24
CA VAL A 31 12.34 -9.14 -4.96
C VAL A 31 11.92 -9.54 -3.53
N ARG A 32 12.81 -9.44 -2.58
CA ARG A 32 12.43 -9.83 -1.18
C ARG A 32 12.11 -8.57 -0.38
N ASP A 33 11.50 -7.59 -1.00
CA ASP A 33 11.15 -6.33 -0.28
C ASP A 33 10.45 -5.38 -1.25
N GLU A 34 9.18 -5.56 -1.47
CA GLU A 34 8.47 -4.66 -2.43
C GLU A 34 8.33 -3.24 -1.88
N VAL A 35 7.41 -2.50 -2.43
CA VAL A 35 7.19 -1.09 -2.00
C VAL A 35 6.76 -1.04 -0.53
N LEU A 36 6.87 0.12 0.05
CA LEU A 36 6.47 0.30 1.46
C LEU A 36 5.74 1.64 1.52
N VAL A 37 4.68 1.75 0.78
CA VAL A 37 3.90 3.02 0.74
C VAL A 37 3.84 3.65 2.14
N GLU A 38 3.45 4.88 2.21
CA GLU A 38 3.37 5.55 3.53
C GLU A 38 1.95 6.07 3.72
N ILE A 39 1.43 5.97 4.90
CA ILE A 39 0.05 6.44 5.13
C ILE A 39 0.02 7.40 6.32
N GLU A 40 -1.14 7.86 6.70
CA GLU A 40 -1.22 8.80 7.85
C GLU A 40 -2.43 8.44 8.71
N THR A 41 -2.20 8.05 9.94
CA THR A 41 -3.35 7.68 10.82
C THR A 41 -3.52 8.72 11.92
N ASP A 42 -2.45 9.37 12.29
CA ASP A 42 -2.53 10.41 13.37
C ASP A 42 -1.13 10.66 13.92
N LYS A 43 -0.27 11.28 13.14
CA LYS A 43 1.12 11.55 13.59
C LYS A 43 1.99 10.35 13.30
N VAL A 44 1.40 9.19 13.21
CA VAL A 44 2.20 7.97 12.92
C VAL A 44 1.98 7.57 11.46
N VAL A 45 3.02 7.20 10.77
CA VAL A 45 2.87 6.80 9.35
C VAL A 45 3.27 5.34 9.17
N LEU A 46 2.33 4.47 8.93
CA LEU A 46 2.65 3.04 8.75
C LEU A 46 3.17 2.83 7.33
N GLU A 47 3.29 1.61 6.90
CA GLU A 47 3.80 1.38 5.53
C GLU A 47 3.11 0.17 4.89
N VAL A 48 3.64 -0.31 3.79
CA VAL A 48 3.00 -1.49 3.12
C VAL A 48 4.05 -2.23 2.28
N PRO A 49 4.80 -3.08 2.94
CA PRO A 49 5.88 -3.87 2.31
C PRO A 49 5.32 -5.12 1.61
N ALA A 50 5.48 -5.23 0.32
CA ALA A 50 5.01 -6.46 -0.37
C ALA A 50 6.17 -7.45 -0.35
N SER A 51 5.99 -8.62 -0.87
CA SER A 51 7.12 -9.59 -0.83
C SER A 51 7.49 -10.04 -2.23
N ALA A 52 8.11 -9.16 -2.98
CA ALA A 52 8.55 -9.49 -4.37
C ALA A 52 7.48 -9.07 -5.37
N ASP A 53 7.80 -9.09 -6.64
CA ASP A 53 6.82 -8.69 -7.68
C ASP A 53 6.57 -7.18 -7.59
N GLY A 54 5.49 -6.75 -7.00
CA GLY A 54 5.24 -5.28 -6.89
C GLY A 54 4.95 -4.65 -8.26
N ILE A 55 5.26 -5.31 -9.35
CA ILE A 55 5.00 -4.71 -10.69
C ILE A 55 3.69 -3.92 -10.66
N LEU A 56 3.82 -2.63 -10.51
CA LEU A 56 2.61 -1.76 -10.44
C LEU A 56 1.65 -2.11 -11.57
N ASP A 57 0.59 -2.79 -11.23
CA ASP A 57 -0.42 -3.18 -12.25
C ASP A 57 -1.69 -2.35 -12.08
N ALA A 58 -2.20 -2.24 -10.87
CA ALA A 58 -3.45 -1.44 -10.70
C ALA A 58 -3.51 -0.80 -9.30
N VAL A 59 -2.93 0.36 -9.14
CA VAL A 59 -3.01 1.04 -7.81
C VAL A 59 -4.38 1.71 -7.72
N LEU A 60 -5.37 0.99 -7.25
CA LEU A 60 -6.73 1.58 -7.18
C LEU A 60 -6.78 2.67 -6.10
N GLU A 61 -5.72 2.86 -5.38
CA GLU A 61 -5.71 3.90 -4.33
C GLU A 61 -4.43 4.72 -4.49
N ASP A 62 -4.18 5.20 -5.67
CA ASP A 62 -2.96 5.99 -5.91
C ASP A 62 -2.71 6.94 -4.74
N GLU A 63 -1.50 6.93 -4.24
CA GLU A 63 -1.15 7.80 -3.08
C GLU A 63 -1.89 9.14 -3.14
N GLY A 64 -2.62 9.45 -2.10
CA GLY A 64 -3.36 10.75 -2.07
C GLY A 64 -4.85 10.48 -1.86
N THR A 65 -5.26 9.24 -1.94
CA THR A 65 -6.70 8.91 -1.73
C THR A 65 -6.94 8.61 -0.25
N THR A 66 -8.17 8.64 0.19
CA THR A 66 -8.47 8.34 1.61
C THR A 66 -8.28 6.85 1.87
N VAL A 67 -8.16 6.49 3.11
CA VAL A 67 -7.96 5.06 3.45
C VAL A 67 -8.57 4.77 4.84
N THR A 68 -8.60 3.53 5.23
CA THR A 68 -9.18 3.18 6.55
C THR A 68 -8.39 1.99 7.14
N SER A 69 -8.95 1.32 8.12
CA SER A 69 -8.23 0.16 8.72
C SER A 69 -8.52 -1.11 7.91
N ARG A 70 -8.59 -0.98 6.60
CA ARG A 70 -8.86 -2.16 5.74
C ARG A 70 -9.19 -1.69 4.32
N GLN A 71 -8.55 -0.63 3.87
CA GLN A 71 -8.83 -0.13 2.50
C GLN A 71 -7.76 -0.65 1.55
N ILE A 72 -8.08 -1.64 0.76
CA ILE A 72 -7.07 -2.19 -0.18
C ILE A 72 -6.56 -1.08 -1.09
N LEU A 73 -5.33 -0.67 -0.91
CA LEU A 73 -4.79 0.40 -1.81
C LEU A 73 -5.05 -0.03 -3.24
N GLY A 74 -4.80 -1.28 -3.51
CA GLY A 74 -5.01 -1.81 -4.89
C GLY A 74 -4.21 -3.10 -5.04
N ARG A 75 -3.85 -3.45 -6.24
CA ARG A 75 -3.06 -4.68 -6.43
C ARG A 75 -1.97 -4.45 -7.45
N LEU A 76 -0.80 -4.94 -7.18
CA LEU A 76 0.31 -4.75 -8.14
C LEU A 76 0.59 -6.06 -8.87
N ARG A 77 1.54 -6.82 -8.41
CA ARG A 77 1.86 -8.12 -9.07
C ARG A 77 2.38 -9.09 -8.02
N GLU A 78 2.06 -10.36 -8.17
CA GLU A 78 2.53 -11.36 -7.18
C GLU A 78 2.52 -12.75 -7.82
N GLY A 79 3.45 -13.60 -7.46
CA GLY A 79 3.49 -14.97 -8.04
C GLY A 79 4.68 -15.09 -8.98
N ASN A 80 5.55 -16.04 -8.74
CA ASN A 80 6.73 -16.21 -9.61
C ASN A 80 7.56 -14.92 -9.62
N SER A 1 -3.73 -12.38 -7.28
CA SER A 1 -2.28 -12.71 -7.21
C SER A 1 -1.48 -11.44 -7.49
N SER A 2 -1.25 -10.63 -6.49
CA SER A 2 -0.46 -9.38 -6.69
C SER A 2 -0.16 -8.76 -5.33
N VAL A 3 0.58 -7.67 -5.30
CA VAL A 3 0.89 -7.02 -4.00
C VAL A 3 -0.40 -6.39 -3.44
N ASP A 4 -1.16 -7.15 -2.70
CA ASP A 4 -2.41 -6.61 -2.12
C ASP A 4 -2.02 -5.67 -0.98
N ILE A 5 -2.10 -4.39 -1.20
CA ILE A 5 -1.71 -3.42 -0.13
C ILE A 5 -2.96 -2.81 0.52
N LEU A 6 -2.91 -2.64 1.81
CA LEU A 6 -4.06 -2.05 2.56
C LEU A 6 -3.51 -1.31 3.79
N VAL A 7 -4.34 -1.01 4.74
CA VAL A 7 -3.85 -0.30 5.95
C VAL A 7 -4.37 -0.97 7.23
N PRO A 8 -4.08 -2.25 7.37
CA PRO A 8 -4.51 -3.02 8.54
C PRO A 8 -3.56 -2.79 9.73
N ASP A 9 -3.03 -1.60 9.88
CA ASP A 9 -2.09 -1.35 11.00
C ASP A 9 -2.82 -0.65 12.15
N LEU A 10 -4.12 -0.54 12.08
CA LEU A 10 -4.87 0.13 13.17
C LEU A 10 -6.05 -0.76 13.62
N PRO A 11 -5.93 -1.33 14.79
CA PRO A 11 -6.96 -2.21 15.35
C PRO A 11 -8.13 -1.38 15.90
N GLU A 12 -8.03 -0.94 17.13
CA GLU A 12 -9.12 -0.13 17.72
C GLU A 12 -9.60 0.92 16.71
N SER A 13 -10.77 1.44 16.89
CA SER A 13 -11.28 2.48 15.93
C SER A 13 -10.64 3.83 16.25
N VAL A 14 -10.14 4.49 15.25
CA VAL A 14 -9.49 5.82 15.47
C VAL A 14 -10.16 6.87 14.59
N ALA A 15 -9.57 7.17 13.47
CA ALA A 15 -10.17 8.18 12.56
C ALA A 15 -10.00 7.73 11.11
N ASP A 16 -8.79 7.72 10.65
CA ASP A 16 -8.53 7.29 9.24
C ASP A 16 -7.13 7.73 8.83
N ALA A 17 -6.76 7.47 7.60
CA ALA A 17 -5.40 7.87 7.14
C ALA A 17 -5.49 8.37 5.69
N THR A 18 -4.37 8.52 5.03
CA THR A 18 -4.41 9.01 3.63
C THR A 18 -3.10 8.65 2.92
N VAL A 19 -3.18 7.92 1.83
CA VAL A 19 -1.94 7.56 1.09
C VAL A 19 -1.13 8.82 0.85
N ALA A 20 0.17 8.73 0.83
CA ALA A 20 1.00 9.95 0.62
C ALA A 20 1.97 9.75 -0.55
N THR A 21 2.69 8.66 -0.59
CA THR A 21 3.66 8.48 -1.71
C THR A 21 4.05 7.00 -1.90
N TRP A 22 3.59 6.38 -2.96
CA TRP A 22 3.98 4.97 -3.22
C TRP A 22 5.47 4.93 -3.55
N HIS A 23 5.95 3.87 -4.13
CA HIS A 23 7.39 3.79 -4.51
C HIS A 23 7.53 2.71 -5.58
N LYS A 24 6.63 2.70 -6.53
CA LYS A 24 6.69 1.65 -7.60
C LYS A 24 6.53 2.30 -8.98
N LYS A 25 7.46 2.08 -9.86
CA LYS A 25 7.33 2.63 -11.24
C LYS A 25 6.20 1.83 -11.93
N PRO A 26 5.93 2.12 -13.17
CA PRO A 26 4.86 1.42 -13.89
C PRO A 26 5.19 -0.05 -14.10
N GLY A 27 4.76 -0.89 -13.19
CA GLY A 27 5.03 -2.35 -13.29
C GLY A 27 6.51 -2.64 -13.09
N ASP A 28 7.12 -2.08 -12.07
CA ASP A 28 8.57 -2.36 -11.85
C ASP A 28 8.80 -3.87 -11.71
N ALA A 29 9.18 -4.35 -10.55
CA ALA A 29 9.44 -5.81 -10.38
C ALA A 29 10.27 -6.02 -9.12
N VAL A 30 9.65 -6.39 -8.03
CA VAL A 30 10.42 -6.60 -6.77
C VAL A 30 10.67 -8.10 -6.54
N VAL A 31 11.42 -8.43 -5.51
CA VAL A 31 11.71 -9.87 -5.23
C VAL A 31 11.51 -10.16 -3.74
N ARG A 32 12.38 -9.66 -2.89
CA ARG A 32 12.23 -9.93 -1.43
C ARG A 32 12.25 -8.61 -0.66
N ASP A 33 11.25 -7.78 -0.88
CA ASP A 33 11.15 -6.45 -0.20
C ASP A 33 10.53 -5.46 -1.19
N GLU A 34 9.24 -5.38 -1.23
CA GLU A 34 8.59 -4.46 -2.22
C GLU A 34 8.31 -3.09 -1.63
N VAL A 35 7.69 -2.27 -2.43
CA VAL A 35 7.35 -0.88 -2.03
C VAL A 35 6.88 -0.79 -0.58
N LEU A 36 6.97 0.39 -0.03
CA LEU A 36 6.53 0.65 1.35
C LEU A 36 5.84 2.00 1.33
N VAL A 37 4.77 2.09 0.58
CA VAL A 37 4.03 3.37 0.44
C VAL A 37 4.02 4.13 1.77
N GLU A 38 3.71 5.39 1.74
CA GLU A 38 3.69 6.19 2.98
C GLU A 38 2.31 6.80 3.15
N ILE A 39 1.51 6.21 3.98
CA ILE A 39 0.14 6.75 4.18
C ILE A 39 0.18 7.85 5.24
N GLU A 40 -0.95 8.24 5.76
CA GLU A 40 -0.97 9.33 6.79
C GLU A 40 -2.14 9.14 7.73
N THR A 41 -1.95 8.39 8.79
CA THR A 41 -3.06 8.17 9.75
C THR A 41 -3.12 9.36 10.73
N ASP A 42 -4.03 9.33 11.65
CA ASP A 42 -4.14 10.44 12.64
C ASP A 42 -3.09 10.26 13.73
N LYS A 43 -1.99 10.97 13.64
CA LYS A 43 -0.91 10.85 14.66
C LYS A 43 0.00 9.68 14.31
N VAL A 44 -0.48 8.75 13.54
CA VAL A 44 0.36 7.58 13.17
C VAL A 44 0.58 7.54 11.66
N VAL A 45 1.72 7.10 11.23
CA VAL A 45 2.00 7.02 9.76
C VAL A 45 2.63 5.66 9.45
N LEU A 46 1.86 4.75 8.93
CA LEU A 46 2.40 3.40 8.61
C LEU A 46 2.82 3.34 7.14
N GLU A 47 3.12 2.17 6.66
CA GLU A 47 3.54 2.02 5.26
C GLU A 47 3.07 0.67 4.72
N VAL A 48 3.70 0.14 3.72
CA VAL A 48 3.26 -1.18 3.19
C VAL A 48 4.40 -1.88 2.43
N PRO A 49 5.28 -2.48 3.18
CA PRO A 49 6.43 -3.22 2.61
C PRO A 49 6.00 -4.61 2.13
N ALA A 50 5.84 -4.81 0.85
CA ALA A 50 5.43 -6.16 0.37
C ALA A 50 6.65 -7.08 0.51
N SER A 51 6.58 -8.29 0.06
CA SER A 51 7.76 -9.19 0.22
C SER A 51 8.09 -9.87 -1.11
N ALA A 52 7.67 -9.29 -2.20
CA ALA A 52 7.96 -9.90 -3.53
C ALA A 52 6.98 -9.34 -4.56
N ASP A 53 7.30 -9.45 -5.81
CA ASP A 53 6.37 -8.91 -6.84
C ASP A 53 6.34 -7.39 -6.72
N GLY A 54 5.20 -6.78 -6.81
CA GLY A 54 5.15 -5.30 -6.69
C GLY A 54 5.02 -4.65 -8.06
N ILE A 55 5.13 -5.42 -9.12
CA ILE A 55 4.99 -4.81 -10.47
C ILE A 55 3.74 -3.92 -10.46
N LEU A 56 3.92 -2.65 -10.24
CA LEU A 56 2.77 -1.72 -10.16
C LEU A 56 1.78 -2.05 -11.28
N ASP A 57 0.74 -2.75 -10.94
CA ASP A 57 -0.28 -3.13 -11.96
C ASP A 57 -1.52 -2.26 -11.81
N ALA A 58 -2.09 -2.18 -10.63
CA ALA A 58 -3.32 -1.34 -10.48
C ALA A 58 -3.40 -0.75 -9.07
N VAL A 59 -3.09 0.52 -8.94
CA VAL A 59 -3.19 1.16 -7.60
C VAL A 59 -4.50 1.96 -7.56
N LEU A 60 -5.58 1.34 -7.18
CA LEU A 60 -6.87 2.05 -7.17
C LEU A 60 -6.87 3.13 -6.07
N GLU A 61 -5.86 3.14 -5.26
CA GLU A 61 -5.80 4.17 -4.18
C GLU A 61 -4.55 5.01 -4.39
N ASP A 62 -4.23 5.29 -5.64
CA ASP A 62 -3.04 6.10 -5.94
C ASP A 62 -2.89 7.24 -4.94
N GLU A 63 -1.70 7.45 -4.46
CA GLU A 63 -1.42 8.53 -3.46
C GLU A 63 -2.46 9.65 -3.51
N GLY A 64 -2.84 10.17 -2.38
CA GLY A 64 -3.85 11.26 -2.36
C GLY A 64 -5.23 10.69 -2.10
N THR A 65 -5.37 9.40 -2.18
CA THR A 65 -6.71 8.77 -1.94
C THR A 65 -6.92 8.58 -0.44
N THR A 66 -8.15 8.50 -0.01
CA THR A 66 -8.43 8.30 1.45
C THR A 66 -8.21 6.84 1.82
N VAL A 67 -7.97 6.58 3.07
CA VAL A 67 -7.73 5.18 3.50
C VAL A 67 -8.20 5.01 4.95
N THR A 68 -8.23 3.80 5.44
CA THR A 68 -8.67 3.57 6.84
C THR A 68 -7.76 2.52 7.48
N SER A 69 -8.30 1.70 8.35
CA SER A 69 -7.47 0.65 9.00
C SER A 69 -7.68 -0.68 8.29
N ARG A 70 -7.54 -0.71 6.99
CA ARG A 70 -7.73 -1.99 6.24
C ARG A 70 -7.99 -1.69 4.76
N GLN A 71 -8.37 -0.49 4.44
CA GLN A 71 -8.63 -0.14 3.02
C GLN A 71 -7.46 -0.61 2.16
N ILE A 72 -7.73 -1.39 1.14
CA ILE A 72 -6.63 -1.87 0.27
C ILE A 72 -6.24 -0.78 -0.72
N LEU A 73 -5.06 -0.22 -0.59
CA LEU A 73 -4.65 0.83 -1.55
C LEU A 73 -4.95 0.34 -2.95
N GLY A 74 -4.76 -0.92 -3.17
CA GLY A 74 -5.03 -1.51 -4.50
C GLY A 74 -4.21 -2.79 -4.65
N ARG A 75 -3.96 -3.22 -5.84
CA ARG A 75 -3.18 -4.45 -6.03
C ARG A 75 -2.19 -4.27 -7.16
N LEU A 76 -1.05 -4.87 -7.02
CA LEU A 76 0.00 -4.74 -8.05
C LEU A 76 0.09 -6.07 -8.83
N ARG A 77 1.25 -6.64 -8.97
CA ARG A 77 1.35 -7.92 -9.72
C ARG A 77 1.99 -8.99 -8.84
N GLU A 78 2.11 -10.19 -9.34
CA GLU A 78 2.73 -11.29 -8.53
C GLU A 78 2.98 -12.49 -9.43
N GLY A 79 4.14 -13.08 -9.34
CA GLY A 79 4.44 -14.27 -10.18
C GLY A 79 4.11 -15.55 -9.41
N ASN A 80 4.79 -16.62 -9.71
CA ASN A 80 4.51 -17.90 -8.99
C ASN A 80 3.12 -18.40 -9.38
N SER A 1 -0.46 -14.26 -8.45
CA SER A 1 -0.86 -13.41 -7.28
C SER A 1 -0.38 -11.98 -7.50
N SER A 2 -0.46 -11.15 -6.49
CA SER A 2 -0.01 -9.74 -6.65
C SER A 2 0.04 -9.08 -5.27
N VAL A 3 0.60 -7.90 -5.20
CA VAL A 3 0.67 -7.20 -3.88
C VAL A 3 -0.67 -6.52 -3.61
N ASP A 4 -1.69 -7.28 -3.28
CA ASP A 4 -3.02 -6.70 -2.99
C ASP A 4 -3.02 -6.23 -1.54
N ILE A 5 -2.26 -5.23 -1.24
CA ILE A 5 -2.15 -4.75 0.16
C ILE A 5 -3.31 -3.84 0.56
N LEU A 6 -3.45 -3.62 1.85
CA LEU A 6 -4.54 -2.75 2.38
C LEU A 6 -3.98 -1.91 3.53
N VAL A 7 -4.83 -1.31 4.31
CA VAL A 7 -4.33 -0.46 5.44
C VAL A 7 -5.14 -0.75 6.71
N PRO A 8 -4.99 -1.94 7.22
CA PRO A 8 -5.67 -2.37 8.45
C PRO A 8 -4.96 -1.83 9.69
N ASP A 9 -4.47 -0.62 9.65
CA ASP A 9 -3.75 -0.07 10.82
C ASP A 9 -4.40 1.25 11.26
N LEU A 10 -5.47 1.19 12.01
CA LEU A 10 -6.13 2.44 12.47
C LEU A 10 -6.18 2.44 14.01
N PRO A 11 -6.08 3.63 14.58
CA PRO A 11 -6.12 3.81 16.04
C PRO A 11 -7.56 3.75 16.55
N GLU A 12 -7.83 4.31 17.70
CA GLU A 12 -9.22 4.28 18.24
C GLU A 12 -9.80 5.69 18.25
N SER A 13 -9.00 6.68 17.93
CA SER A 13 -9.52 8.07 17.91
C SER A 13 -9.47 8.61 16.48
N VAL A 14 -9.33 7.75 15.52
CA VAL A 14 -9.28 8.18 14.09
C VAL A 14 -9.49 6.95 13.21
N ALA A 15 -10.71 6.65 12.90
CA ALA A 15 -11.01 5.46 12.04
C ALA A 15 -10.84 5.82 10.56
N ASP A 16 -9.79 6.52 10.23
CA ASP A 16 -9.57 6.91 8.81
C ASP A 16 -8.09 7.29 8.62
N ALA A 17 -7.53 6.99 7.48
CA ALA A 17 -6.11 7.34 7.24
C ALA A 17 -5.94 7.94 5.85
N THR A 18 -4.72 8.04 5.39
CA THR A 18 -4.51 8.61 4.04
C THR A 18 -3.23 8.02 3.40
N VAL A 19 -3.33 7.58 2.19
CA VAL A 19 -2.14 7.01 1.49
C VAL A 19 -1.15 8.13 1.18
N ALA A 20 -0.31 8.47 2.11
CA ALA A 20 0.65 9.58 1.87
C ALA A 20 1.34 9.40 0.51
N THR A 21 2.09 8.35 0.32
CA THR A 21 2.77 8.20 -1.01
C THR A 21 3.32 6.78 -1.21
N TRP A 22 2.97 6.14 -2.31
CA TRP A 22 3.51 4.79 -2.59
C TRP A 22 5.02 4.93 -2.86
N HIS A 23 5.63 3.95 -3.46
CA HIS A 23 7.08 4.04 -3.77
C HIS A 23 7.37 3.10 -4.93
N LYS A 24 6.40 2.90 -5.79
CA LYS A 24 6.60 1.97 -6.93
C LYS A 24 6.50 2.74 -8.25
N LYS A 25 7.05 2.17 -9.29
CA LYS A 25 6.99 2.82 -10.63
C LYS A 25 5.98 2.03 -11.47
N PRO A 26 5.81 2.40 -12.72
CA PRO A 26 4.85 1.70 -13.59
C PRO A 26 5.30 0.28 -13.89
N GLY A 27 4.60 -0.69 -13.35
CA GLY A 27 4.98 -2.11 -13.57
C GLY A 27 6.40 -2.38 -13.10
N ASP A 28 6.79 -1.87 -11.97
CA ASP A 28 8.16 -2.14 -11.48
C ASP A 28 8.40 -3.65 -11.35
N ALA A 29 9.43 -4.03 -10.64
CA ALA A 29 9.74 -5.48 -10.48
C ALA A 29 10.72 -5.63 -9.31
N VAL A 30 10.21 -5.75 -8.12
CA VAL A 30 11.11 -5.88 -6.93
C VAL A 30 11.65 -7.31 -6.81
N VAL A 31 12.40 -7.57 -5.77
CA VAL A 31 12.98 -8.94 -5.57
C VAL A 31 12.56 -9.49 -4.21
N ARG A 32 13.23 -9.09 -3.16
CA ARG A 32 12.86 -9.60 -1.80
C ARG A 32 12.58 -8.40 -0.90
N ASP A 33 11.92 -7.40 -1.43
CA ASP A 33 11.60 -6.18 -0.64
C ASP A 33 10.87 -5.19 -1.55
N GLU A 34 9.59 -5.34 -1.71
CA GLU A 34 8.84 -4.42 -2.63
C GLU A 34 8.53 -3.09 -1.94
N VAL A 35 7.71 -2.30 -2.59
CA VAL A 35 7.32 -0.97 -2.05
C VAL A 35 6.86 -1.06 -0.61
N LEU A 36 6.86 0.06 0.06
CA LEU A 36 6.41 0.13 1.47
C LEU A 36 5.63 1.44 1.58
N VAL A 37 4.56 1.55 0.85
CA VAL A 37 3.76 2.79 0.83
C VAL A 37 3.69 3.40 2.24
N GLU A 38 3.26 4.63 2.33
CA GLU A 38 3.16 5.29 3.65
C GLU A 38 1.76 5.86 3.79
N ILE A 39 1.12 5.62 4.89
CA ILE A 39 -0.26 6.12 5.07
C ILE A 39 -0.29 7.10 6.24
N GLU A 40 -1.45 7.53 6.65
CA GLU A 40 -1.54 8.51 7.78
C GLU A 40 -2.60 8.06 8.77
N THR A 41 -2.24 7.90 10.02
CA THR A 41 -3.23 7.49 11.05
C THR A 41 -3.32 8.57 12.13
N ASP A 42 -2.76 8.33 13.27
CA ASP A 42 -2.81 9.35 14.37
C ASP A 42 -1.40 9.58 14.92
N LYS A 43 -0.58 10.29 14.18
CA LYS A 43 0.82 10.56 14.62
C LYS A 43 1.73 9.42 14.17
N VAL A 44 1.16 8.27 13.92
CA VAL A 44 1.98 7.12 13.47
C VAL A 44 1.78 6.91 11.96
N VAL A 45 2.81 6.52 11.27
CA VAL A 45 2.68 6.30 9.80
C VAL A 45 3.01 4.85 9.46
N LEU A 46 2.02 4.06 9.17
CA LEU A 46 2.27 2.63 8.82
C LEU A 46 2.73 2.55 7.37
N GLU A 47 2.98 1.36 6.89
CA GLU A 47 3.43 1.24 5.48
C GLU A 47 2.99 -0.11 4.90
N VAL A 48 3.59 -0.53 3.82
CA VAL A 48 3.19 -1.83 3.22
C VAL A 48 4.34 -2.42 2.39
N PRO A 49 5.26 -3.04 3.08
CA PRO A 49 6.44 -3.66 2.45
C PRO A 49 6.08 -5.03 1.86
N ALA A 50 6.12 -5.19 0.56
CA ALA A 50 5.81 -6.53 -0.02
C ALA A 50 7.09 -7.35 0.11
N SER A 51 7.19 -8.48 -0.52
CA SER A 51 8.44 -9.28 -0.36
C SER A 51 8.95 -9.76 -1.71
N ALA A 52 8.48 -9.19 -2.78
CA ALA A 52 8.95 -9.61 -4.13
C ALA A 52 7.95 -9.16 -5.18
N ASP A 53 8.35 -9.09 -6.41
CA ASP A 53 7.39 -8.64 -7.45
C ASP A 53 7.02 -7.18 -7.16
N GLY A 54 5.80 -6.80 -7.34
CA GLY A 54 5.41 -5.39 -7.06
C GLY A 54 5.03 -4.69 -8.37
N ILE A 55 5.34 -5.30 -9.49
CA ILE A 55 5.00 -4.68 -10.80
C ILE A 55 3.68 -3.93 -10.69
N LEU A 56 3.76 -2.64 -10.49
CA LEU A 56 2.53 -1.81 -10.35
C LEU A 56 1.54 -2.21 -11.44
N ASP A 57 0.52 -2.94 -11.08
CA ASP A 57 -0.48 -3.37 -12.11
C ASP A 57 -1.84 -2.72 -11.81
N ALA A 58 -2.30 -2.76 -10.58
CA ALA A 58 -3.63 -2.15 -10.30
C ALA A 58 -3.62 -1.44 -8.94
N VAL A 59 -3.04 -0.27 -8.85
CA VAL A 59 -3.05 0.47 -7.56
C VAL A 59 -4.41 1.18 -7.43
N LEU A 60 -5.38 0.49 -6.91
CA LEU A 60 -6.75 1.08 -6.79
C LEU A 60 -6.78 2.19 -5.73
N GLU A 61 -5.69 2.45 -5.08
CA GLU A 61 -5.67 3.54 -4.06
C GLU A 61 -4.43 4.39 -4.28
N ASP A 62 -4.26 4.89 -5.47
CA ASP A 62 -3.08 5.72 -5.77
C ASP A 62 -2.82 6.69 -4.63
N GLU A 63 -1.63 6.68 -4.13
CA GLU A 63 -1.25 7.58 -2.99
C GLU A 63 -1.96 8.93 -3.11
N GLY A 64 -2.62 9.34 -2.06
CA GLY A 64 -3.33 10.65 -2.08
C GLY A 64 -4.82 10.44 -1.90
N THR A 65 -5.27 9.21 -1.95
CA THR A 65 -6.72 8.93 -1.77
C THR A 65 -6.99 8.58 -0.30
N THR A 66 -8.24 8.54 0.08
CA THR A 66 -8.57 8.22 1.50
C THR A 66 -8.55 6.70 1.70
N VAL A 67 -8.39 6.28 2.91
CA VAL A 67 -8.34 4.82 3.19
C VAL A 67 -8.88 4.56 4.60
N THR A 68 -9.07 3.31 4.95
CA THR A 68 -9.60 2.99 6.31
C THR A 68 -8.76 1.86 6.91
N SER A 69 -9.28 1.18 7.91
CA SER A 69 -8.52 0.07 8.52
C SER A 69 -8.76 -1.23 7.75
N ARG A 70 -8.80 -1.15 6.45
CA ARG A 70 -9.04 -2.38 5.64
C ARG A 70 -9.33 -1.98 4.19
N GLN A 71 -8.69 -0.95 3.70
CA GLN A 71 -8.93 -0.52 2.29
C GLN A 71 -7.73 -0.93 1.43
N ILE A 72 -7.84 -2.03 0.75
CA ILE A 72 -6.70 -2.49 -0.11
C ILE A 72 -6.12 -1.30 -0.87
N LEU A 73 -4.91 -0.90 -0.57
CA LEU A 73 -4.30 0.23 -1.30
C LEU A 73 -4.30 -0.13 -2.78
N GLY A 74 -3.95 -1.34 -3.10
CA GLY A 74 -3.95 -1.73 -4.53
C GLY A 74 -3.18 -3.03 -4.73
N ARG A 75 -3.45 -3.72 -5.80
CA ARG A 75 -2.74 -4.98 -6.07
C ARG A 75 -1.67 -4.74 -7.11
N LEU A 76 -0.52 -5.31 -6.94
CA LEU A 76 0.57 -5.10 -7.92
C LEU A 76 0.72 -6.35 -8.79
N ARG A 77 1.76 -7.13 -8.57
CA ARG A 77 1.94 -8.35 -9.39
C ARG A 77 2.72 -9.39 -8.58
N GLU A 78 2.54 -10.65 -8.87
CA GLU A 78 3.27 -11.71 -8.12
C GLU A 78 3.51 -12.91 -9.03
N GLY A 79 3.94 -12.69 -10.24
CA GLY A 79 4.20 -13.81 -11.16
C GLY A 79 2.89 -14.19 -11.88
N ASN A 80 2.98 -14.95 -12.94
CA ASN A 80 1.75 -15.34 -13.67
C ASN A 80 1.96 -16.69 -14.35
N SER A 1 0.02 -13.96 -6.73
CA SER A 1 -1.14 -13.26 -7.35
C SER A 1 -0.78 -11.79 -7.60
N SER A 2 -0.78 -10.99 -6.57
CA SER A 2 -0.44 -9.55 -6.75
C SER A 2 -0.25 -8.89 -5.38
N VAL A 3 0.32 -7.71 -5.35
CA VAL A 3 0.52 -7.03 -4.04
C VAL A 3 -0.82 -6.38 -3.63
N ASP A 4 -1.75 -7.16 -3.16
CA ASP A 4 -3.06 -6.59 -2.74
C ASP A 4 -2.88 -6.02 -1.34
N ILE A 5 -2.28 -4.86 -1.24
CA ILE A 5 -2.03 -4.28 0.10
C ILE A 5 -3.17 -3.35 0.52
N LEU A 6 -3.35 -3.20 1.81
CA LEU A 6 -4.41 -2.31 2.33
C LEU A 6 -3.86 -1.56 3.54
N VAL A 7 -4.69 -1.07 4.41
CA VAL A 7 -4.16 -0.35 5.60
C VAL A 7 -4.83 -0.86 6.88
N PRO A 8 -4.75 -2.16 7.10
CA PRO A 8 -5.31 -2.78 8.31
C PRO A 8 -4.35 -2.62 9.48
N ASP A 9 -3.73 -1.48 9.63
CA ASP A 9 -2.76 -1.28 10.73
C ASP A 9 -3.40 -0.41 11.83
N LEU A 10 -4.61 0.02 11.64
CA LEU A 10 -5.26 0.87 12.67
C LEU A 10 -6.54 0.18 13.17
N PRO A 11 -6.41 -0.57 14.23
CA PRO A 11 -7.54 -1.29 14.84
C PRO A 11 -8.40 -0.33 15.65
N GLU A 12 -8.12 -0.17 16.92
CA GLU A 12 -8.92 0.76 17.76
C GLU A 12 -8.82 2.16 17.17
N SER A 13 -9.53 3.11 17.73
CA SER A 13 -9.46 4.50 17.18
C SER A 13 -9.70 4.46 15.68
N VAL A 14 -10.91 4.75 15.26
CA VAL A 14 -11.21 4.73 13.79
C VAL A 14 -10.81 6.07 13.17
N ALA A 15 -9.65 6.58 13.50
CA ALA A 15 -9.23 7.88 12.91
C ALA A 15 -8.97 7.69 11.42
N ASP A 16 -8.81 6.47 10.99
CA ASP A 16 -8.55 6.21 9.55
C ASP A 16 -7.19 6.78 9.17
N ALA A 17 -6.95 6.98 7.91
CA ALA A 17 -5.64 7.53 7.47
C ALA A 17 -5.76 8.04 6.04
N THR A 18 -4.66 8.24 5.37
CA THR A 18 -4.73 8.74 3.97
C THR A 18 -3.42 8.45 3.24
N VAL A 19 -3.49 7.82 2.10
CA VAL A 19 -2.24 7.53 1.34
C VAL A 19 -1.47 8.84 1.15
N ALA A 20 -0.19 8.75 0.93
CA ALA A 20 0.62 9.98 0.74
C ALA A 20 1.41 9.87 -0.55
N THR A 21 2.26 8.88 -0.67
CA THR A 21 3.05 8.75 -1.93
C THR A 21 3.61 7.33 -2.07
N TRP A 22 3.24 6.65 -3.12
CA TRP A 22 3.76 5.27 -3.36
C TRP A 22 5.26 5.35 -3.68
N HIS A 23 5.81 4.25 -4.09
CA HIS A 23 7.24 4.21 -4.50
C HIS A 23 7.39 3.08 -5.51
N LYS A 24 6.42 2.94 -6.37
CA LYS A 24 6.48 1.83 -7.37
C LYS A 24 6.19 2.34 -8.78
N LYS A 25 7.16 2.24 -9.66
CA LYS A 25 6.94 2.66 -11.07
C LYS A 25 5.89 1.72 -11.68
N PRO A 26 5.52 1.97 -12.92
CA PRO A 26 4.51 1.15 -13.61
C PRO A 26 5.03 -0.26 -13.88
N GLY A 27 4.75 -1.16 -12.99
CA GLY A 27 5.19 -2.58 -13.16
C GLY A 27 6.65 -2.75 -12.77
N ASP A 28 7.03 -2.23 -11.63
CA ASP A 28 8.45 -2.37 -11.19
C ASP A 28 8.83 -3.85 -11.08
N ALA A 29 9.49 -4.24 -10.02
CA ALA A 29 9.91 -5.66 -9.86
C ALA A 29 10.85 -5.76 -8.66
N VAL A 30 10.34 -6.11 -7.51
CA VAL A 30 11.21 -6.22 -6.31
C VAL A 30 11.49 -7.70 -6.01
N VAL A 31 12.08 -7.99 -4.89
CA VAL A 31 12.37 -9.40 -4.54
C VAL A 31 11.96 -9.66 -3.07
N ARG A 32 12.89 -9.89 -2.19
CA ARG A 32 12.51 -10.12 -0.77
C ARG A 32 12.44 -8.77 -0.05
N ASP A 33 11.49 -7.94 -0.46
CA ASP A 33 11.31 -6.58 0.14
C ASP A 33 10.74 -5.66 -0.93
N GLU A 34 9.48 -5.37 -0.87
CA GLU A 34 8.86 -4.50 -1.91
C GLU A 34 8.66 -3.07 -1.42
N VAL A 35 7.90 -2.31 -2.17
CA VAL A 35 7.63 -0.89 -1.83
C VAL A 35 7.08 -0.76 -0.42
N LEU A 36 7.05 0.45 0.08
CA LEU A 36 6.52 0.74 1.42
C LEU A 36 5.84 2.09 1.34
N VAL A 37 4.78 2.17 0.56
CA VAL A 37 4.07 3.47 0.39
C VAL A 37 4.01 4.23 1.71
N GLU A 38 3.60 5.46 1.68
CA GLU A 38 3.51 6.24 2.94
C GLU A 38 2.09 6.76 3.10
N ILE A 39 1.36 6.21 4.02
CA ILE A 39 -0.04 6.66 4.22
C ILE A 39 -0.06 7.77 5.28
N GLU A 40 -1.20 8.05 5.85
CA GLU A 40 -1.24 9.14 6.87
C GLU A 40 -2.38 8.89 7.86
N THR A 41 -2.08 8.40 9.03
CA THR A 41 -3.15 8.15 10.03
C THR A 41 -3.22 9.33 11.01
N ASP A 42 -2.86 9.13 12.25
CA ASP A 42 -2.91 10.25 13.24
C ASP A 42 -1.55 10.38 13.92
N LYS A 43 -0.66 11.15 13.33
CA LYS A 43 0.69 11.33 13.92
C LYS A 43 1.61 10.20 13.46
N VAL A 44 1.06 9.04 13.20
CA VAL A 44 1.90 7.91 12.75
C VAL A 44 1.47 7.49 11.35
N VAL A 45 2.41 7.06 10.54
CA VAL A 45 2.05 6.63 9.16
C VAL A 45 2.51 5.19 8.93
N LEU A 46 1.61 4.31 8.59
CA LEU A 46 1.98 2.91 8.35
C LEU A 46 2.59 2.79 6.95
N GLU A 47 3.16 1.66 6.62
CA GLU A 47 3.78 1.50 5.29
C GLU A 47 3.14 0.34 4.53
N VAL A 48 3.60 0.09 3.33
CA VAL A 48 3.03 -1.03 2.52
C VAL A 48 4.19 -1.87 1.96
N PRO A 49 4.81 -2.63 2.83
CA PRO A 49 5.95 -3.49 2.46
C PRO A 49 5.49 -4.80 1.81
N ALA A 50 5.60 -4.93 0.52
CA ALA A 50 5.20 -6.22 -0.12
C ALA A 50 6.35 -7.20 0.11
N SER A 51 6.47 -8.21 -0.68
CA SER A 51 7.59 -9.16 -0.45
C SER A 51 8.14 -9.68 -1.78
N ALA A 52 7.78 -9.06 -2.87
CA ALA A 52 8.31 -9.53 -4.20
C ALA A 52 7.40 -9.05 -5.33
N ASP A 53 7.93 -8.93 -6.52
CA ASP A 53 7.10 -8.47 -7.69
C ASP A 53 6.85 -6.97 -7.60
N GLY A 54 5.89 -6.56 -6.84
CA GLY A 54 5.59 -5.09 -6.71
C GLY A 54 5.33 -4.45 -8.08
N ILE A 55 5.27 -5.23 -9.13
CA ILE A 55 5.00 -4.64 -10.46
C ILE A 55 3.70 -3.82 -10.37
N LEU A 56 3.84 -2.54 -10.20
CA LEU A 56 2.63 -1.68 -10.07
C LEU A 56 1.68 -1.96 -11.23
N ASP A 57 0.79 -2.89 -11.04
CA ASP A 57 -0.17 -3.23 -12.12
C ASP A 57 -1.51 -2.54 -11.88
N ALA A 58 -1.97 -2.50 -10.65
CA ALA A 58 -3.28 -1.83 -10.39
C ALA A 58 -3.26 -1.06 -9.07
N VAL A 59 -3.24 0.24 -9.15
CA VAL A 59 -3.25 1.07 -7.91
C VAL A 59 -4.51 1.94 -7.94
N LEU A 60 -5.49 1.63 -7.13
CA LEU A 60 -6.75 2.44 -7.13
C LEU A 60 -6.73 3.46 -6.01
N GLU A 61 -6.09 3.14 -4.91
CA GLU A 61 -6.03 4.09 -3.77
C GLU A 61 -4.69 4.82 -3.82
N ASP A 62 -4.21 5.09 -5.00
CA ASP A 62 -2.92 5.78 -5.15
C ASP A 62 -2.82 6.94 -4.17
N GLU A 63 -1.62 7.34 -3.86
CA GLU A 63 -1.42 8.47 -2.90
C GLU A 63 -2.48 9.55 -3.13
N GLY A 64 -2.98 10.13 -2.07
CA GLY A 64 -4.01 11.19 -2.23
C GLY A 64 -5.40 10.62 -1.93
N THR A 65 -5.54 9.32 -2.00
CA THR A 65 -6.86 8.70 -1.72
C THR A 65 -7.01 8.47 -0.22
N THR A 66 -8.21 8.28 0.24
CA THR A 66 -8.43 8.05 1.70
C THR A 66 -8.18 6.58 2.03
N VAL A 67 -8.00 6.28 3.28
CA VAL A 67 -7.74 4.87 3.67
C VAL A 67 -8.28 4.66 5.10
N THR A 68 -8.33 3.43 5.54
CA THR A 68 -8.86 3.15 6.91
C THR A 68 -8.10 1.95 7.51
N SER A 69 -8.76 1.18 8.33
CA SER A 69 -8.08 0.00 8.93
C SER A 69 -8.27 -1.22 8.04
N ARG A 70 -8.31 -1.00 6.75
CA ARG A 70 -8.49 -2.14 5.79
C ARG A 70 -8.71 -1.61 4.37
N GLN A 71 -8.22 -0.44 4.05
CA GLN A 71 -8.41 0.09 2.67
C GLN A 71 -7.28 -0.41 1.78
N ILE A 72 -7.61 -1.10 0.73
CA ILE A 72 -6.57 -1.64 -0.18
C ILE A 72 -5.89 -0.49 -0.95
N LEU A 73 -4.64 -0.23 -0.66
CA LEU A 73 -3.93 0.84 -1.42
C LEU A 73 -4.05 0.51 -2.89
N GLY A 74 -3.98 -0.75 -3.20
CA GLY A 74 -4.08 -1.17 -4.62
C GLY A 74 -3.38 -2.52 -4.78
N ARG A 75 -3.63 -3.18 -5.87
CA ARG A 75 -2.98 -4.50 -6.09
C ARG A 75 -2.00 -4.38 -7.22
N LEU A 76 -0.88 -5.02 -7.10
CA LEU A 76 0.14 -4.93 -8.18
C LEU A 76 0.34 -6.33 -8.78
N ARG A 77 1.55 -6.77 -8.97
CA ARG A 77 1.77 -8.12 -9.54
C ARG A 77 2.42 -9.01 -8.48
N GLU A 78 2.43 -10.30 -8.70
CA GLU A 78 3.04 -11.22 -7.70
C GLU A 78 3.14 -12.62 -8.28
N GLY A 79 3.55 -12.74 -9.52
CA GLY A 79 3.66 -14.09 -10.14
C GLY A 79 2.35 -14.84 -9.94
N ASN A 80 2.35 -16.12 -10.23
CA ASN A 80 1.10 -16.92 -10.05
C ASN A 80 1.14 -17.63 -8.69
N SER A 1 -1.70 -14.26 -6.37
CA SER A 1 -2.33 -13.01 -6.89
C SER A 1 -1.31 -11.88 -6.88
N SER A 2 -1.65 -10.75 -7.43
CA SER A 2 -0.69 -9.61 -7.46
C SER A 2 -0.50 -9.07 -6.04
N VAL A 3 0.14 -7.94 -5.89
CA VAL A 3 0.34 -7.38 -4.54
C VAL A 3 -0.99 -6.89 -3.99
N ASP A 4 -1.72 -7.72 -3.31
CA ASP A 4 -3.00 -7.29 -2.72
C ASP A 4 -2.65 -6.52 -1.45
N ILE A 5 -2.24 -5.30 -1.60
CA ILE A 5 -1.82 -4.49 -0.42
C ILE A 5 -2.98 -3.65 0.13
N LEU A 6 -3.10 -3.61 1.43
CA LEU A 6 -4.18 -2.83 2.08
C LEU A 6 -3.60 -2.05 3.26
N VAL A 7 -4.43 -1.55 4.13
CA VAL A 7 -3.91 -0.79 5.30
C VAL A 7 -4.59 -1.29 6.58
N PRO A 8 -4.30 -2.52 6.93
CA PRO A 8 -4.86 -3.16 8.12
C PRO A 8 -4.09 -2.72 9.38
N ASP A 9 -3.76 -1.46 9.48
CA ASP A 9 -3.01 -0.98 10.66
C ASP A 9 -3.98 -0.48 11.73
N LEU A 10 -5.01 -1.25 12.03
CA LEU A 10 -6.02 -0.87 13.06
C LEU A 10 -5.40 0.08 14.10
N PRO A 11 -5.64 1.35 13.91
CA PRO A 11 -5.12 2.40 14.82
C PRO A 11 -5.97 2.46 16.09
N GLU A 12 -5.67 3.39 16.97
CA GLU A 12 -6.47 3.52 18.22
C GLU A 12 -7.36 4.75 18.15
N SER A 13 -7.24 5.53 17.11
CA SER A 13 -8.08 6.75 16.98
C SER A 13 -8.00 7.27 15.54
N VAL A 14 -8.38 6.45 14.59
CA VAL A 14 -8.33 6.90 13.16
C VAL A 14 -9.26 6.02 12.34
N ALA A 15 -10.53 6.34 12.30
CA ALA A 15 -11.50 5.53 11.52
C ALA A 15 -10.99 5.36 10.08
N ASP A 16 -10.09 6.21 9.67
CA ASP A 16 -9.56 6.10 8.28
C ASP A 16 -8.26 6.89 8.16
N ALA A 17 -7.36 6.43 7.34
CA ALA A 17 -6.07 7.16 7.17
C ALA A 17 -6.06 7.82 5.79
N THR A 18 -4.90 8.17 5.30
CA THR A 18 -4.85 8.81 3.96
C THR A 18 -3.52 8.48 3.26
N VAL A 19 -3.58 7.81 2.15
CA VAL A 19 -2.32 7.47 1.43
C VAL A 19 -1.50 8.74 1.27
N ALA A 20 -0.19 8.62 1.21
CA ALA A 20 0.64 9.84 1.07
C ALA A 20 1.73 9.65 0.01
N THR A 21 2.39 8.51 -0.03
CA THR A 21 3.45 8.35 -1.06
C THR A 21 3.86 6.87 -1.25
N TRP A 22 3.50 6.29 -2.36
CA TRP A 22 3.91 4.88 -2.64
C TRP A 22 5.44 4.87 -2.85
N HIS A 23 5.96 3.80 -3.38
CA HIS A 23 7.42 3.73 -3.66
C HIS A 23 7.61 2.82 -4.87
N LYS A 24 6.64 2.77 -5.74
CA LYS A 24 6.74 1.90 -6.94
C LYS A 24 6.56 2.72 -8.21
N LYS A 25 7.23 2.34 -9.27
CA LYS A 25 7.08 3.06 -10.56
C LYS A 25 6.07 2.26 -11.40
N PRO A 26 5.90 2.59 -12.66
CA PRO A 26 4.92 1.88 -13.49
C PRO A 26 5.35 0.44 -13.76
N GLY A 27 5.05 -0.42 -12.83
CA GLY A 27 5.39 -1.86 -12.98
C GLY A 27 6.87 -2.08 -12.67
N ASP A 28 7.36 -1.57 -11.57
CA ASP A 28 8.79 -1.78 -11.23
C ASP A 28 9.11 -3.29 -11.17
N ALA A 29 9.45 -3.81 -10.01
CA ALA A 29 9.79 -5.26 -9.88
C ALA A 29 10.65 -5.43 -8.62
N VAL A 30 10.07 -5.89 -7.55
CA VAL A 30 10.87 -6.05 -6.30
C VAL A 30 11.23 -7.53 -6.09
N VAL A 31 11.86 -7.85 -4.99
CA VAL A 31 12.24 -9.28 -4.72
C VAL A 31 11.76 -9.68 -3.32
N ARG A 32 12.64 -9.65 -2.35
CA ARG A 32 12.23 -10.05 -0.96
C ARG A 32 11.98 -8.80 -0.11
N ASP A 33 11.40 -7.79 -0.69
CA ASP A 33 11.12 -6.53 0.06
C ASP A 33 10.39 -5.57 -0.87
N GLU A 34 9.10 -5.62 -0.92
CA GLU A 34 8.35 -4.73 -1.84
C GLU A 34 8.03 -3.37 -1.19
N VAL A 35 7.59 -2.45 -2.00
CA VAL A 35 7.23 -1.08 -1.54
C VAL A 35 6.67 -1.06 -0.13
N LEU A 36 6.75 0.08 0.50
CA LEU A 36 6.21 0.27 1.86
C LEU A 36 5.55 1.64 1.83
N VAL A 37 4.55 1.78 1.00
CA VAL A 37 3.85 3.08 0.84
C VAL A 37 3.72 3.79 2.20
N GLU A 38 3.36 5.04 2.17
CA GLU A 38 3.20 5.79 3.44
C GLU A 38 1.77 6.25 3.53
N ILE A 39 1.26 6.41 4.72
CA ILE A 39 -0.16 6.83 4.85
C ILE A 39 -0.27 7.86 5.98
N GLU A 40 -1.46 8.23 6.36
CA GLU A 40 -1.62 9.24 7.43
C GLU A 40 -2.55 8.70 8.53
N THR A 41 -2.06 8.59 9.73
CA THR A 41 -2.90 8.07 10.84
C THR A 41 -3.00 9.14 11.93
N ASP A 42 -3.02 8.75 13.18
CA ASP A 42 -3.11 9.75 14.28
C ASP A 42 -1.70 10.16 14.72
N LYS A 43 -1.02 10.92 13.89
CA LYS A 43 0.37 11.37 14.22
C LYS A 43 1.36 10.32 13.75
N VAL A 44 0.93 9.10 13.62
CA VAL A 44 1.85 8.03 13.17
C VAL A 44 1.63 7.76 11.67
N VAL A 45 2.58 7.16 11.02
CA VAL A 45 2.42 6.89 9.57
C VAL A 45 2.69 5.40 9.30
N LEU A 46 1.66 4.64 9.03
CA LEU A 46 1.86 3.20 8.76
C LEU A 46 2.32 3.03 7.30
N GLU A 47 2.81 1.87 6.95
CA GLU A 47 3.28 1.67 5.57
C GLU A 47 2.62 0.43 4.95
N VAL A 48 3.15 -0.06 3.87
CA VAL A 48 2.54 -1.27 3.22
C VAL A 48 3.62 -2.06 2.45
N PRO A 49 4.22 -3.00 3.15
CA PRO A 49 5.29 -3.84 2.59
C PRO A 49 4.73 -5.03 1.79
N ALA A 50 5.10 -5.16 0.54
CA ALA A 50 4.63 -6.34 -0.25
C ALA A 50 5.75 -7.36 -0.20
N SER A 51 5.55 -8.53 -0.71
CA SER A 51 6.65 -9.53 -0.64
C SER A 51 7.07 -9.96 -2.03
N ALA A 52 7.78 -9.11 -2.72
CA ALA A 52 8.26 -9.42 -4.10
C ALA A 52 7.23 -8.96 -5.14
N ASP A 53 7.64 -8.89 -6.38
CA ASP A 53 6.71 -8.46 -7.45
C ASP A 53 6.34 -6.97 -7.29
N GLY A 54 5.18 -6.69 -6.75
CA GLY A 54 4.76 -5.28 -6.58
C GLY A 54 4.81 -4.49 -7.91
N ILE A 55 5.09 -5.14 -9.01
CA ILE A 55 5.12 -4.40 -10.30
C ILE A 55 3.86 -3.54 -10.39
N LEU A 56 3.98 -2.28 -10.06
CA LEU A 56 2.81 -1.38 -10.07
C LEU A 56 1.97 -1.61 -11.33
N ASP A 57 0.82 -2.20 -11.17
CA ASP A 57 -0.05 -2.47 -12.34
C ASP A 57 -1.49 -2.03 -12.03
N ALA A 58 -1.94 -2.17 -10.80
CA ALA A 58 -3.34 -1.75 -10.50
C ALA A 58 -3.41 -0.96 -9.19
N VAL A 59 -2.76 0.17 -9.12
CA VAL A 59 -2.83 0.97 -7.86
C VAL A 59 -4.16 1.74 -7.85
N LEU A 60 -5.22 1.11 -7.42
CA LEU A 60 -6.55 1.77 -7.41
C LEU A 60 -6.63 2.81 -6.28
N GLU A 61 -5.63 2.88 -5.43
CA GLU A 61 -5.66 3.87 -4.34
C GLU A 61 -4.40 4.72 -4.43
N ASP A 62 -4.10 5.19 -5.60
CA ASP A 62 -2.89 6.03 -5.79
C ASP A 62 -2.85 7.12 -4.73
N GLU A 63 -1.67 7.36 -4.21
CA GLU A 63 -1.48 8.41 -3.15
C GLU A 63 -2.53 9.51 -3.26
N GLY A 64 -2.94 10.06 -2.13
CA GLY A 64 -3.96 11.14 -2.17
C GLY A 64 -5.36 10.54 -1.95
N THR A 65 -5.49 9.25 -2.05
CA THR A 65 -6.83 8.62 -1.85
C THR A 65 -7.02 8.27 -0.37
N THR A 66 -8.25 8.20 0.08
CA THR A 66 -8.50 7.87 1.50
C THR A 66 -8.32 6.38 1.72
N VAL A 67 -8.14 5.98 2.94
CA VAL A 67 -7.94 4.54 3.23
C VAL A 67 -8.47 4.25 4.64
N THR A 68 -8.48 3.01 5.04
CA THR A 68 -8.98 2.67 6.40
C THR A 68 -8.02 1.68 7.07
N SER A 69 -8.42 1.07 8.14
CA SER A 69 -7.54 0.10 8.82
C SER A 69 -7.79 -1.29 8.24
N ARG A 70 -8.05 -1.37 6.97
CA ARG A 70 -8.31 -2.69 6.33
C ARG A 70 -8.77 -2.47 4.89
N GLN A 71 -8.27 -1.45 4.23
CA GLN A 71 -8.69 -1.19 2.83
C GLN A 71 -7.54 -1.57 1.89
N ILE A 72 -7.85 -2.07 0.72
CA ILE A 72 -6.76 -2.46 -0.22
C ILE A 72 -6.32 -1.25 -1.06
N LEU A 73 -5.12 -0.77 -0.87
CA LEU A 73 -4.65 0.37 -1.69
C LEU A 73 -4.82 -0.02 -3.15
N GLY A 74 -4.83 -1.29 -3.41
CA GLY A 74 -4.98 -1.77 -4.80
C GLY A 74 -4.08 -2.98 -5.00
N ARG A 75 -3.90 -3.40 -6.22
CA ARG A 75 -3.03 -4.56 -6.48
C ARG A 75 -1.99 -4.19 -7.53
N LEU A 76 -0.83 -4.74 -7.42
CA LEU A 76 0.23 -4.42 -8.42
C LEU A 76 0.29 -5.53 -9.46
N ARG A 77 1.13 -6.50 -9.25
CA ARG A 77 1.25 -7.62 -10.24
C ARG A 77 1.53 -8.93 -9.51
N GLU A 78 1.23 -10.03 -10.13
CA GLU A 78 1.48 -11.36 -9.48
C GLU A 78 2.61 -12.07 -10.20
N GLY A 79 3.27 -12.98 -9.54
CA GLY A 79 4.39 -13.72 -10.20
C GLY A 79 4.60 -15.06 -9.50
N ASN A 80 4.23 -16.14 -10.13
CA ASN A 80 4.42 -17.48 -9.50
C ASN A 80 5.76 -18.06 -9.92
N SER A 1 -2.55 -13.15 -8.86
CA SER A 1 -1.08 -12.91 -8.79
C SER A 1 -0.81 -11.41 -8.81
N SER A 2 -1.11 -10.73 -7.74
CA SER A 2 -0.88 -9.25 -7.70
C SER A 2 -0.57 -8.83 -6.26
N VAL A 3 0.05 -7.69 -6.08
CA VAL A 3 0.35 -7.23 -4.70
C VAL A 3 -0.93 -6.71 -4.07
N ASP A 4 -1.79 -7.58 -3.60
CA ASP A 4 -3.05 -7.12 -2.96
C ASP A 4 -2.68 -6.57 -1.59
N ILE A 5 -2.27 -5.33 -1.54
CA ILE A 5 -1.85 -4.75 -0.23
C ILE A 5 -2.92 -3.81 0.31
N LEU A 6 -3.04 -3.75 1.61
CA LEU A 6 -4.04 -2.86 2.25
C LEU A 6 -3.40 -2.21 3.48
N VAL A 7 -4.19 -1.73 4.41
CA VAL A 7 -3.60 -1.09 5.62
C VAL A 7 -4.22 -1.71 6.88
N PRO A 8 -3.96 -2.98 7.08
CA PRO A 8 -4.47 -3.73 8.25
C PRO A 8 -3.63 -3.43 9.48
N ASP A 9 -3.59 -2.19 9.91
CA ASP A 9 -2.79 -1.85 11.10
C ASP A 9 -3.70 -1.40 12.23
N LEU A 10 -4.91 -1.01 11.89
CA LEU A 10 -5.91 -0.57 12.92
C LEU A 10 -5.21 0.10 14.10
N PRO A 11 -5.17 1.41 14.09
CA PRO A 11 -4.54 2.20 15.16
C PRO A 11 -5.47 2.27 16.38
N GLU A 12 -5.17 3.14 17.31
CA GLU A 12 -6.03 3.24 18.53
C GLU A 12 -7.22 4.18 18.25
N SER A 13 -7.45 4.51 17.00
CA SER A 13 -8.59 5.41 16.68
C SER A 13 -9.16 5.04 15.32
N VAL A 14 -10.29 5.58 14.97
CA VAL A 14 -10.90 5.26 13.65
C VAL A 14 -11.18 6.56 12.88
N ALA A 15 -10.17 7.36 12.69
CA ALA A 15 -10.37 8.64 11.94
C ALA A 15 -10.02 8.42 10.47
N ASP A 16 -9.91 7.19 10.06
CA ASP A 16 -9.55 6.90 8.64
C ASP A 16 -8.06 7.14 8.42
N ALA A 17 -7.68 7.44 7.20
CA ALA A 17 -6.24 7.69 6.92
C ALA A 17 -6.09 8.23 5.49
N THR A 18 -4.89 8.33 5.00
CA THR A 18 -4.69 8.84 3.63
C THR A 18 -3.40 8.27 3.03
N VAL A 19 -3.43 7.86 1.79
CA VAL A 19 -2.21 7.29 1.14
C VAL A 19 -1.21 8.42 0.86
N ALA A 20 -0.42 8.78 1.83
CA ALA A 20 0.55 9.89 1.62
C ALA A 20 1.29 9.70 0.29
N THR A 21 2.06 8.66 0.14
CA THR A 21 2.80 8.49 -1.15
C THR A 21 3.35 7.07 -1.32
N TRP A 22 3.01 6.42 -2.40
CA TRP A 22 3.54 5.04 -2.66
C TRP A 22 5.05 5.16 -2.90
N HIS A 23 5.64 4.10 -3.37
CA HIS A 23 7.09 4.12 -3.69
C HIS A 23 7.33 3.07 -4.78
N LYS A 24 6.31 2.76 -5.53
CA LYS A 24 6.43 1.74 -6.60
C LYS A 24 6.22 2.39 -7.96
N LYS A 25 7.19 2.33 -8.82
CA LYS A 25 7.04 2.94 -10.17
C LYS A 25 5.98 2.14 -10.95
N PRO A 26 5.66 2.61 -12.12
CA PRO A 26 4.65 1.96 -12.97
C PRO A 26 5.15 0.63 -13.52
N GLY A 27 4.84 -0.44 -12.84
CA GLY A 27 5.27 -1.78 -13.30
C GLY A 27 6.69 -2.10 -12.81
N ASP A 28 7.03 -1.71 -11.62
CA ASP A 28 8.38 -2.02 -11.11
C ASP A 28 8.55 -3.54 -11.00
N ALA A 29 9.53 -4.00 -10.26
CA ALA A 29 9.75 -5.46 -10.13
C ALA A 29 10.64 -5.76 -8.93
N VAL A 30 10.08 -5.75 -7.75
CA VAL A 30 10.89 -6.03 -6.52
C VAL A 30 11.09 -7.56 -6.39
N VAL A 31 11.67 -7.98 -5.30
CA VAL A 31 11.90 -9.44 -5.10
C VAL A 31 11.48 -9.82 -3.66
N ARG A 32 12.36 -9.70 -2.71
CA ARG A 32 11.99 -10.07 -1.32
C ARG A 32 11.85 -8.79 -0.47
N ASP A 33 10.92 -7.95 -0.83
CA ASP A 33 10.68 -6.66 -0.09
C ASP A 33 10.20 -5.61 -1.08
N GLU A 34 8.91 -5.50 -1.28
CA GLU A 34 8.40 -4.51 -2.26
C GLU A 34 8.18 -3.13 -1.61
N VAL A 35 7.49 -2.27 -2.31
CA VAL A 35 7.21 -0.90 -1.80
C VAL A 35 6.66 -0.94 -0.38
N LEU A 36 6.70 0.20 0.26
CA LEU A 36 6.16 0.33 1.64
C LEU A 36 5.46 1.67 1.68
N VAL A 37 4.42 1.80 0.90
CA VAL A 37 3.66 3.07 0.82
C VAL A 37 3.56 3.73 2.21
N GLU A 38 3.18 4.97 2.24
CA GLU A 38 3.06 5.68 3.54
C GLU A 38 1.67 6.30 3.64
N ILE A 39 0.87 5.81 4.54
CA ILE A 39 -0.49 6.37 4.68
C ILE A 39 -0.50 7.41 5.79
N GLU A 40 -1.64 7.84 6.25
CA GLU A 40 -1.69 8.87 7.33
C GLU A 40 -2.72 8.47 8.39
N THR A 41 -2.37 8.62 9.63
CA THR A 41 -3.31 8.26 10.73
C THR A 41 -3.30 9.37 11.79
N ASP A 42 -3.27 9.02 13.05
CA ASP A 42 -3.25 10.06 14.11
C ASP A 42 -1.81 10.32 14.56
N LYS A 43 -1.04 11.00 13.74
CA LYS A 43 0.38 11.31 14.08
C LYS A 43 1.27 10.15 13.64
N VAL A 44 0.72 8.98 13.51
CA VAL A 44 1.54 7.82 13.09
C VAL A 44 1.23 7.48 11.62
N VAL A 45 2.08 6.70 11.00
CA VAL A 45 1.85 6.34 9.58
C VAL A 45 2.32 4.90 9.34
N LEU A 46 1.41 4.00 9.07
CA LEU A 46 1.79 2.60 8.83
C LEU A 46 2.31 2.47 7.39
N GLU A 47 2.92 1.36 7.06
CA GLU A 47 3.45 1.20 5.68
C GLU A 47 2.73 0.06 4.94
N VAL A 48 3.22 -0.30 3.79
CA VAL A 48 2.59 -1.40 3.02
C VAL A 48 3.69 -2.16 2.24
N PRO A 49 4.41 -2.99 2.95
CA PRO A 49 5.52 -3.77 2.38
C PRO A 49 5.03 -5.03 1.68
N ALA A 50 5.19 -5.11 0.37
CA ALA A 50 4.78 -6.36 -0.33
C ALA A 50 5.90 -7.37 -0.13
N SER A 51 5.99 -8.37 -0.94
CA SER A 51 7.09 -9.37 -0.73
C SER A 51 7.69 -9.80 -2.06
N ALA A 52 7.36 -9.13 -3.14
CA ALA A 52 7.94 -9.52 -4.45
C ALA A 52 7.08 -8.96 -5.59
N ASP A 53 7.56 -9.04 -6.80
CA ASP A 53 6.78 -8.51 -7.95
C ASP A 53 6.68 -6.99 -7.84
N GLY A 54 5.70 -6.49 -7.15
CA GLY A 54 5.56 -5.01 -7.00
C GLY A 54 5.24 -4.33 -8.33
N ILE A 55 5.40 -4.99 -9.45
CA ILE A 55 5.09 -4.35 -10.76
C ILE A 55 3.78 -3.57 -10.61
N LEU A 56 3.87 -2.29 -10.35
CA LEU A 56 2.65 -1.48 -10.16
C LEU A 56 1.72 -1.66 -11.35
N ASP A 57 0.75 -2.53 -11.22
CA ASP A 57 -0.19 -2.77 -12.33
C ASP A 57 -1.57 -2.21 -11.99
N ALA A 58 -2.02 -2.36 -10.76
CA ALA A 58 -3.36 -1.82 -10.42
C ALA A 58 -3.34 -1.15 -9.04
N VAL A 59 -3.08 0.13 -8.98
CA VAL A 59 -3.09 0.83 -7.67
C VAL A 59 -4.47 1.46 -7.49
N LEU A 60 -5.37 0.75 -6.87
CA LEU A 60 -6.76 1.29 -6.68
C LEU A 60 -6.75 2.45 -5.67
N GLU A 61 -5.63 2.77 -5.11
CA GLU A 61 -5.58 3.88 -4.13
C GLU A 61 -4.33 4.71 -4.40
N ASP A 62 -4.19 5.17 -5.61
CA ASP A 62 -3.01 5.98 -5.97
C ASP A 62 -2.74 6.99 -4.86
N GLU A 63 -1.53 6.99 -4.35
CA GLU A 63 -1.16 7.92 -3.25
C GLU A 63 -1.89 9.27 -3.38
N GLY A 64 -2.61 9.65 -2.37
CA GLY A 64 -3.35 10.94 -2.40
C GLY A 64 -4.84 10.68 -2.27
N THR A 65 -5.25 9.44 -2.27
CA THR A 65 -6.70 9.11 -2.14
C THR A 65 -7.03 8.89 -0.67
N THR A 66 -8.23 8.45 -0.37
CA THR A 66 -8.62 8.21 1.04
C THR A 66 -8.37 6.75 1.40
N VAL A 67 -8.14 6.50 2.65
CA VAL A 67 -7.88 5.11 3.10
C VAL A 67 -8.35 4.95 4.55
N THR A 68 -8.37 3.75 5.05
CA THR A 68 -8.83 3.53 6.45
C THR A 68 -8.05 2.35 7.05
N SER A 69 -8.69 1.47 7.77
CA SER A 69 -7.97 0.31 8.34
C SER A 69 -7.57 -0.61 7.20
N ARG A 70 -8.15 -1.77 7.09
CA ARG A 70 -7.81 -2.69 5.96
C ARG A 70 -8.35 -2.12 4.65
N GLN A 71 -7.67 -1.17 4.07
CA GLN A 71 -8.15 -0.58 2.79
C GLN A 71 -7.12 -0.89 1.71
N ILE A 72 -7.32 -1.94 0.96
CA ILE A 72 -6.35 -2.30 -0.10
C ILE A 72 -5.86 -1.06 -0.83
N LEU A 73 -4.63 -0.67 -0.63
CA LEU A 73 -4.11 0.52 -1.33
C LEU A 73 -4.15 0.24 -2.83
N GLY A 74 -4.05 -1.00 -3.22
CA GLY A 74 -4.10 -1.33 -4.67
C GLY A 74 -3.36 -2.64 -4.93
N ARG A 75 -3.73 -3.31 -5.99
CA ARG A 75 -3.05 -4.60 -6.32
C ARG A 75 -2.09 -4.38 -7.48
N LEU A 76 -0.93 -4.94 -7.37
CA LEU A 76 0.07 -4.77 -8.47
C LEU A 76 0.31 -6.11 -9.16
N ARG A 77 1.41 -6.75 -8.88
CA ARG A 77 1.69 -8.07 -9.53
C ARG A 77 2.27 -9.03 -8.50
N GLU A 78 2.29 -10.30 -8.80
CA GLU A 78 2.83 -11.30 -7.83
C GLU A 78 3.61 -12.38 -8.58
N GLY A 79 4.64 -12.90 -7.98
CA GLY A 79 5.44 -13.96 -8.67
C GLY A 79 4.50 -15.03 -9.22
N ASN A 80 4.25 -16.07 -8.47
CA ASN A 80 3.34 -17.14 -8.94
C ASN A 80 2.26 -17.41 -7.90
N SER A 1 -0.26 -13.96 -4.71
CA SER A 1 1.00 -13.76 -5.49
C SER A 1 1.24 -12.26 -5.70
N SER A 2 0.19 -11.50 -5.87
CA SER A 2 0.37 -10.04 -6.09
C SER A 2 0.43 -9.32 -4.74
N VAL A 3 0.97 -8.13 -4.72
CA VAL A 3 1.06 -7.39 -3.43
C VAL A 3 -0.30 -6.74 -3.14
N ASP A 4 -1.25 -7.50 -2.70
CA ASP A 4 -2.57 -6.93 -2.37
C ASP A 4 -2.47 -6.33 -0.97
N ILE A 5 -2.18 -5.06 -0.87
CA ILE A 5 -2.04 -4.45 0.48
C ILE A 5 -3.23 -3.57 0.83
N LEU A 6 -3.42 -3.32 2.10
CA LEU A 6 -4.54 -2.46 2.57
C LEU A 6 -4.04 -1.59 3.74
N VAL A 7 -4.93 -1.06 4.53
CA VAL A 7 -4.47 -0.21 5.65
C VAL A 7 -5.12 -0.61 6.98
N PRO A 8 -5.10 -1.87 7.30
CA PRO A 8 -5.67 -2.38 8.56
C PRO A 8 -4.67 -2.19 9.71
N ASP A 9 -3.98 -1.09 9.73
CA ASP A 9 -2.97 -0.88 10.81
C ASP A 9 -3.37 0.29 11.71
N LEU A 10 -4.26 1.12 11.27
CA LEU A 10 -4.67 2.28 12.13
C LEU A 10 -4.84 1.83 13.59
N PRO A 11 -3.85 2.14 14.40
CA PRO A 11 -3.87 1.77 15.83
C PRO A 11 -4.76 2.74 16.61
N GLU A 12 -6.05 2.54 16.58
CA GLU A 12 -6.97 3.44 17.34
C GLU A 12 -6.78 4.88 16.85
N SER A 13 -7.02 5.13 15.60
CA SER A 13 -6.86 6.52 15.06
C SER A 13 -8.17 7.28 15.22
N VAL A 14 -8.46 8.19 14.33
CA VAL A 14 -9.72 8.97 14.42
C VAL A 14 -10.87 8.15 13.84
N ALA A 15 -10.56 7.30 12.90
CA ALA A 15 -11.61 6.46 12.28
C ALA A 15 -11.11 5.94 10.93
N ASP A 16 -10.15 6.61 10.36
CA ASP A 16 -9.61 6.17 9.05
C ASP A 16 -8.21 6.74 8.85
N ALA A 17 -7.70 6.73 7.65
CA ALA A 17 -6.34 7.28 7.41
C ALA A 17 -6.28 7.92 6.03
N THR A 18 -5.11 8.00 5.45
CA THR A 18 -4.98 8.62 4.11
C THR A 18 -3.67 8.17 3.46
N VAL A 19 -3.74 7.72 2.24
CA VAL A 19 -2.50 7.28 1.53
C VAL A 19 -1.63 8.51 1.27
N ALA A 20 -0.51 8.61 1.92
CA ALA A 20 0.37 9.78 1.70
C ALA A 20 1.13 9.63 0.38
N THR A 21 1.87 8.56 0.20
CA THR A 21 2.61 8.43 -1.10
C THR A 21 3.25 7.03 -1.24
N TRP A 22 2.99 6.37 -2.33
CA TRP A 22 3.60 5.03 -2.57
C TRP A 22 5.09 5.21 -2.81
N HIS A 23 5.74 4.17 -3.27
CA HIS A 23 7.18 4.24 -3.59
C HIS A 23 7.45 3.23 -4.69
N LYS A 24 6.52 3.12 -5.62
CA LYS A 24 6.69 2.12 -6.72
C LYS A 24 6.44 2.77 -8.08
N LYS A 25 7.23 2.43 -9.05
CA LYS A 25 7.04 2.99 -10.42
C LYS A 25 6.08 2.04 -11.16
N PRO A 26 5.76 2.35 -12.39
CA PRO A 26 4.81 1.53 -13.16
C PRO A 26 5.36 0.13 -13.46
N GLY A 27 4.83 -0.85 -12.76
CA GLY A 27 5.26 -2.26 -12.95
C GLY A 27 6.75 -2.43 -12.66
N ASP A 28 7.22 -1.91 -11.57
CA ASP A 28 8.66 -2.05 -11.25
C ASP A 28 9.04 -3.55 -11.15
N ALA A 29 9.52 -3.99 -10.02
CA ALA A 29 9.92 -5.41 -9.86
C ALA A 29 10.88 -5.54 -8.68
N VAL A 30 10.38 -5.95 -7.53
CA VAL A 30 11.28 -6.08 -6.35
C VAL A 30 11.61 -7.56 -6.12
N VAL A 31 12.37 -7.83 -5.08
CA VAL A 31 12.74 -9.25 -4.78
C VAL A 31 12.39 -9.54 -3.30
N ARG A 32 13.38 -9.71 -2.46
CA ARG A 32 13.07 -9.98 -1.02
C ARG A 32 13.00 -8.64 -0.28
N ASP A 33 12.01 -7.85 -0.60
CA ASP A 33 11.83 -6.50 0.04
C ASP A 33 11.14 -5.59 -0.97
N GLU A 34 9.87 -5.34 -0.80
CA GLU A 34 9.15 -4.49 -1.79
C GLU A 34 8.80 -3.11 -1.21
N VAL A 35 8.03 -2.38 -1.96
CA VAL A 35 7.60 -1.01 -1.56
C VAL A 35 7.15 -0.98 -0.11
N LEU A 36 6.95 0.20 0.40
CA LEU A 36 6.50 0.40 1.79
C LEU A 36 5.70 1.70 1.81
N VAL A 37 4.66 1.75 1.03
CA VAL A 37 3.82 2.98 0.93
C VAL A 37 3.67 3.62 2.31
N GLU A 38 3.24 4.84 2.34
CA GLU A 38 3.05 5.54 3.65
C GLU A 38 1.61 6.00 3.73
N ILE A 39 1.05 6.02 4.90
CA ILE A 39 -0.36 6.45 5.03
C ILE A 39 -0.49 7.41 6.22
N GLU A 40 -1.69 7.79 6.56
CA GLU A 40 -1.87 8.75 7.69
C GLU A 40 -3.17 8.44 8.43
N THR A 41 -3.11 7.68 9.49
CA THR A 41 -4.34 7.34 10.25
C THR A 41 -4.63 8.43 11.27
N ASP A 42 -3.64 8.78 12.03
CA ASP A 42 -3.82 9.85 13.06
C ASP A 42 -2.53 10.01 13.85
N LYS A 43 -1.56 10.69 13.28
CA LYS A 43 -0.25 10.90 13.96
C LYS A 43 0.67 9.72 13.65
N VAL A 44 0.10 8.58 13.37
CA VAL A 44 0.94 7.40 13.05
C VAL A 44 0.91 7.15 11.53
N VAL A 45 1.93 6.53 11.00
CA VAL A 45 1.96 6.27 9.54
C VAL A 45 2.16 4.78 9.27
N LEU A 46 1.18 4.14 8.69
CA LEU A 46 1.30 2.69 8.41
C LEU A 46 2.14 2.51 7.14
N GLU A 47 2.71 1.34 6.95
CA GLU A 47 3.56 1.13 5.74
C GLU A 47 3.01 -0.04 4.90
N VAL A 48 3.67 -0.36 3.83
CA VAL A 48 3.22 -1.48 2.96
C VAL A 48 4.44 -2.22 2.42
N PRO A 49 5.14 -2.89 3.31
CA PRO A 49 6.35 -3.64 2.98
C PRO A 49 6.00 -5.01 2.39
N ALA A 50 6.17 -5.18 1.10
CA ALA A 50 5.86 -6.49 0.47
C ALA A 50 7.12 -7.35 0.53
N SER A 51 7.20 -8.38 -0.25
CA SER A 51 8.42 -9.23 -0.19
C SER A 51 8.81 -9.74 -1.57
N ALA A 52 8.30 -9.13 -2.63
CA ALA A 52 8.67 -9.59 -4.00
C ALA A 52 7.64 -9.11 -5.02
N ASP A 53 8.00 -9.14 -6.29
CA ASP A 53 7.05 -8.69 -7.35
C ASP A 53 7.02 -7.16 -7.41
N GLY A 54 6.34 -6.56 -6.49
CA GLY A 54 6.26 -5.07 -6.46
C GLY A 54 6.11 -4.48 -7.86
N ILE A 55 5.65 -5.24 -8.81
CA ILE A 55 5.46 -4.67 -10.18
C ILE A 55 4.12 -3.94 -10.20
N LEU A 56 4.13 -2.67 -9.94
CA LEU A 56 2.85 -1.90 -9.89
C LEU A 56 1.96 -2.30 -11.06
N ASP A 57 0.82 -2.86 -10.77
CA ASP A 57 -0.10 -3.28 -11.86
C ASP A 57 -1.53 -2.80 -11.54
N ALA A 58 -1.97 -2.93 -10.32
CA ALA A 58 -3.36 -2.47 -10.01
C ALA A 58 -3.38 -1.62 -8.73
N VAL A 59 -2.96 -0.39 -8.82
CA VAL A 59 -2.99 0.50 -7.62
C VAL A 59 -4.31 1.27 -7.64
N LEU A 60 -5.37 0.65 -7.18
CA LEU A 60 -6.70 1.34 -7.20
C LEU A 60 -6.74 2.49 -6.20
N GLU A 61 -5.96 2.42 -5.15
CA GLU A 61 -5.96 3.52 -4.16
C GLU A 61 -4.65 4.29 -4.32
N ASP A 62 -4.32 4.63 -5.54
CA ASP A 62 -3.06 5.37 -5.81
C ASP A 62 -2.84 6.41 -4.72
N GLU A 63 -1.62 6.55 -4.28
CA GLU A 63 -1.30 7.53 -3.21
C GLU A 63 -2.13 8.81 -3.37
N GLY A 64 -2.66 9.30 -2.28
CA GLY A 64 -3.46 10.56 -2.34
C GLY A 64 -4.95 10.23 -2.16
N THR A 65 -5.30 8.97 -2.12
CA THR A 65 -6.73 8.60 -1.95
C THR A 65 -7.01 8.32 -0.48
N THR A 66 -8.26 8.40 -0.07
CA THR A 66 -8.60 8.15 1.35
C THR A 66 -8.41 6.67 1.66
N VAL A 67 -8.31 6.32 2.91
CA VAL A 67 -8.11 4.90 3.27
C VAL A 67 -8.74 4.63 4.64
N THR A 68 -8.74 3.40 5.07
CA THR A 68 -9.33 3.07 6.40
C THR A 68 -8.61 1.85 6.98
N SER A 69 -9.26 1.09 7.81
CA SER A 69 -8.60 -0.11 8.40
C SER A 69 -8.83 -1.33 7.49
N ARG A 70 -8.47 -1.22 6.24
CA ARG A 70 -8.66 -2.36 5.30
C ARG A 70 -8.66 -1.87 3.84
N GLN A 71 -8.76 -0.59 3.62
CA GLN A 71 -8.78 -0.08 2.23
C GLN A 71 -7.56 -0.60 1.47
N ILE A 72 -7.74 -1.58 0.64
CA ILE A 72 -6.59 -2.14 -0.13
C ILE A 72 -5.90 -1.00 -0.89
N LEU A 73 -4.70 -0.63 -0.52
CA LEU A 73 -4.00 0.45 -1.26
C LEU A 73 -3.99 0.08 -2.73
N GLY A 74 -3.96 -1.20 -3.01
CA GLY A 74 -3.97 -1.64 -4.43
C GLY A 74 -3.11 -2.91 -4.57
N ARG A 75 -3.40 -3.71 -5.55
CA ARG A 75 -2.61 -4.94 -5.76
C ARG A 75 -1.52 -4.64 -6.77
N LEU A 76 -0.39 -5.23 -6.62
CA LEU A 76 0.73 -4.96 -7.56
C LEU A 76 0.59 -5.86 -8.80
N ARG A 77 1.49 -6.79 -8.98
CA ARG A 77 1.40 -7.67 -10.17
C ARG A 77 1.17 -9.13 -9.76
N GLU A 78 0.63 -9.93 -10.64
CA GLU A 78 0.39 -11.37 -10.30
C GLU A 78 -0.22 -12.07 -11.51
N GLY A 79 0.22 -13.26 -11.80
CA GLY A 79 -0.33 -14.01 -12.97
C GLY A 79 0.82 -14.57 -13.81
N ASN A 80 0.58 -14.85 -15.06
CA ASN A 80 1.65 -15.40 -15.92
C ASN A 80 1.17 -15.43 -17.38
N SER A 1 -1.49 -13.65 -6.56
CA SER A 1 -2.20 -12.87 -7.62
C SER A 1 -1.52 -11.51 -7.79
N SER A 2 -1.45 -10.73 -6.75
CA SER A 2 -0.80 -9.40 -6.86
C SER A 2 -0.59 -8.81 -5.45
N VAL A 3 -0.04 -7.63 -5.36
CA VAL A 3 0.18 -7.02 -4.03
C VAL A 3 -1.13 -6.38 -3.56
N ASP A 4 -2.12 -7.18 -3.22
CA ASP A 4 -3.40 -6.62 -2.74
C ASP A 4 -3.19 -6.10 -1.33
N ILE A 5 -2.69 -4.90 -1.20
CA ILE A 5 -2.42 -4.35 0.16
C ILE A 5 -3.54 -3.42 0.61
N LEU A 6 -3.59 -3.16 1.89
CA LEU A 6 -4.63 -2.24 2.46
C LEU A 6 -4.01 -1.51 3.66
N VAL A 7 -4.81 -0.98 4.53
CA VAL A 7 -4.24 -0.26 5.71
C VAL A 7 -4.95 -0.72 6.99
N PRO A 8 -4.93 -2.00 7.24
CA PRO A 8 -5.55 -2.59 8.44
C PRO A 8 -4.64 -2.44 9.65
N ASP A 9 -3.92 -1.36 9.77
CA ASP A 9 -3.02 -1.18 10.92
C ASP A 9 -3.65 -0.22 11.93
N LEU A 10 -4.80 0.32 11.62
CA LEU A 10 -5.45 1.26 12.57
C LEU A 10 -6.90 0.83 12.81
N PRO A 11 -7.05 -0.31 13.45
CA PRO A 11 -8.38 -0.86 13.77
C PRO A 11 -8.99 -0.14 14.96
N GLU A 12 -8.32 -0.14 16.09
CA GLU A 12 -8.87 0.55 17.29
C GLU A 12 -9.42 1.91 16.87
N SER A 13 -10.37 2.42 17.62
CA SER A 13 -10.95 3.74 17.28
C SER A 13 -11.23 3.79 15.76
N VAL A 14 -11.27 4.96 15.20
CA VAL A 14 -11.54 5.07 13.73
C VAL A 14 -10.98 6.40 13.21
N ALA A 15 -9.71 6.64 13.37
CA ALA A 15 -9.13 7.91 12.89
C ALA A 15 -8.82 7.80 11.40
N ASP A 16 -8.88 6.61 10.86
CA ASP A 16 -8.59 6.43 9.42
C ASP A 16 -7.15 6.88 9.15
N ALA A 17 -6.86 7.30 7.96
CA ALA A 17 -5.48 7.75 7.66
C ALA A 17 -5.43 8.42 6.28
N THR A 18 -4.28 8.51 5.69
CA THR A 18 -4.18 9.17 4.36
C THR A 18 -2.97 8.66 3.59
N VAL A 19 -3.16 8.15 2.41
CA VAL A 19 -2.02 7.64 1.61
C VAL A 19 -1.10 8.81 1.24
N ALA A 20 0.04 8.90 1.85
CA ALA A 20 0.97 10.02 1.56
C ALA A 20 1.64 9.82 0.20
N THR A 21 2.36 8.75 0.00
CA THR A 21 3.03 8.56 -1.34
C THR A 21 3.59 7.15 -1.51
N TRP A 22 3.25 6.50 -2.59
CA TRP A 22 3.78 5.13 -2.87
C TRP A 22 5.29 5.21 -3.15
N HIS A 23 5.85 4.15 -3.67
CA HIS A 23 7.29 4.14 -4.03
C HIS A 23 7.47 3.12 -5.15
N LYS A 24 6.43 2.90 -5.91
CA LYS A 24 6.50 1.91 -7.03
C LYS A 24 6.23 2.61 -8.37
N LYS A 25 6.99 2.27 -9.37
CA LYS A 25 6.75 2.89 -10.71
C LYS A 25 5.72 2.03 -11.44
N PRO A 26 5.36 2.40 -12.64
CA PRO A 26 4.35 1.66 -13.41
C PRO A 26 4.87 0.30 -13.87
N GLY A 27 4.41 -0.74 -13.22
CA GLY A 27 4.83 -2.11 -13.58
C GLY A 27 6.25 -2.40 -13.11
N ASP A 28 6.62 -1.96 -11.93
CA ASP A 28 7.99 -2.26 -11.44
C ASP A 28 8.18 -3.78 -11.37
N ALA A 29 9.23 -4.22 -10.70
CA ALA A 29 9.49 -5.69 -10.60
C ALA A 29 10.47 -5.93 -9.45
N VAL A 30 10.00 -5.90 -8.24
CA VAL A 30 10.90 -6.12 -7.07
C VAL A 30 11.18 -7.61 -6.87
N VAL A 31 12.13 -7.91 -6.02
CA VAL A 31 12.47 -9.34 -5.73
C VAL A 31 12.02 -9.69 -4.32
N ARG A 32 12.90 -9.61 -3.35
CA ARG A 32 12.51 -9.96 -1.96
C ARG A 32 12.41 -8.67 -1.13
N ASP A 33 11.69 -7.70 -1.60
CA ASP A 33 11.53 -6.40 -0.88
C ASP A 33 10.77 -5.42 -1.78
N GLU A 34 9.48 -5.34 -1.63
CA GLU A 34 8.70 -4.43 -2.51
C GLU A 34 8.32 -3.13 -1.78
N VAL A 35 7.93 -2.13 -2.54
CA VAL A 35 7.56 -0.80 -1.97
C VAL A 35 6.97 -0.91 -0.57
N LEU A 36 7.00 0.19 0.12
CA LEU A 36 6.44 0.30 1.47
C LEU A 36 5.77 1.66 1.51
N VAL A 37 4.71 1.80 0.75
CA VAL A 37 4.00 3.09 0.66
C VAL A 37 3.96 3.78 2.03
N GLU A 38 3.63 5.02 2.06
CA GLU A 38 3.58 5.75 3.35
C GLU A 38 2.17 6.27 3.54
N ILE A 39 1.69 6.31 4.75
CA ILE A 39 0.32 6.79 4.99
C ILE A 39 0.34 7.76 6.19
N GLU A 40 -0.80 8.16 6.68
CA GLU A 40 -0.82 9.10 7.83
C GLU A 40 -2.06 8.85 8.69
N THR A 41 -1.91 8.88 9.98
CA THR A 41 -3.09 8.64 10.86
C THR A 41 -3.15 9.72 11.95
N ASP A 42 -2.58 10.88 11.68
CA ASP A 42 -2.59 11.99 12.68
C ASP A 42 -1.40 11.88 13.62
N LYS A 43 -0.45 11.10 13.25
CA LYS A 43 0.76 10.93 14.11
C LYS A 43 1.46 9.64 13.72
N VAL A 44 0.72 8.64 13.33
CA VAL A 44 1.36 7.34 12.95
C VAL A 44 1.38 7.20 11.42
N VAL A 45 2.37 6.55 10.89
CA VAL A 45 2.44 6.39 9.41
C VAL A 45 2.84 4.95 9.06
N LEU A 46 1.89 4.11 8.78
CA LEU A 46 2.20 2.71 8.43
C LEU A 46 2.65 2.66 6.97
N GLU A 47 2.91 1.50 6.44
CA GLU A 47 3.36 1.44 5.03
C GLU A 47 2.77 0.24 4.30
N VAL A 48 3.37 -0.14 3.20
CA VAL A 48 2.85 -1.30 2.40
C VAL A 48 4.04 -2.07 1.81
N PRO A 49 4.70 -2.83 2.66
CA PRO A 49 5.86 -3.62 2.25
C PRO A 49 5.44 -4.92 1.58
N ALA A 50 5.66 -5.06 0.30
CA ALA A 50 5.29 -6.34 -0.37
C ALA A 50 6.52 -7.24 -0.31
N SER A 51 6.55 -8.34 -1.01
CA SER A 51 7.76 -9.20 -0.91
C SER A 51 8.25 -9.63 -2.30
N ALA A 52 7.78 -8.99 -3.33
CA ALA A 52 8.24 -9.37 -4.70
C ALA A 52 7.27 -8.84 -5.74
N ASP A 53 7.53 -9.11 -6.99
CA ASP A 53 6.63 -8.62 -8.06
C ASP A 53 6.57 -7.10 -8.03
N GLY A 54 5.67 -6.54 -7.27
CA GLY A 54 5.55 -5.06 -7.19
C GLY A 54 5.12 -4.43 -8.52
N ILE A 55 5.17 -5.16 -9.60
CA ILE A 55 4.76 -4.57 -10.91
C ILE A 55 3.46 -3.80 -10.70
N LEU A 56 3.55 -2.51 -10.53
CA LEU A 56 2.33 -1.69 -10.29
C LEU A 56 1.32 -2.03 -11.37
N ASP A 57 0.43 -2.93 -11.07
CA ASP A 57 -0.60 -3.36 -12.06
C ASP A 57 -1.92 -2.63 -11.80
N ALA A 58 -2.33 -2.49 -10.57
CA ALA A 58 -3.63 -1.80 -10.32
C ALA A 58 -3.62 -1.02 -9.02
N VAL A 59 -3.02 0.14 -9.00
CA VAL A 59 -3.03 0.97 -7.76
C VAL A 59 -4.38 1.70 -7.69
N LEU A 60 -5.41 1.03 -7.22
CA LEU A 60 -6.75 1.67 -7.17
C LEU A 60 -6.74 2.79 -6.13
N GLU A 61 -5.71 2.87 -5.34
CA GLU A 61 -5.63 3.94 -4.33
C GLU A 61 -4.34 4.72 -4.54
N ASP A 62 -4.10 5.15 -5.76
CA ASP A 62 -2.87 5.91 -6.05
C ASP A 62 -2.58 6.89 -4.91
N GLU A 63 -1.36 6.94 -4.47
CA GLU A 63 -0.98 7.84 -3.34
C GLU A 63 -1.79 9.13 -3.38
N GLY A 64 -2.29 9.54 -2.25
CA GLY A 64 -3.10 10.79 -2.19
C GLY A 64 -4.55 10.45 -1.87
N THR A 65 -4.91 9.20 -1.97
CA THR A 65 -6.32 8.80 -1.66
C THR A 65 -6.46 8.56 -0.15
N THR A 66 -7.66 8.67 0.36
CA THR A 66 -7.86 8.46 1.82
C THR A 66 -7.68 6.98 2.15
N VAL A 67 -7.56 6.67 3.40
CA VAL A 67 -7.36 5.25 3.80
C VAL A 67 -7.97 5.04 5.20
N THR A 68 -8.08 3.81 5.62
CA THR A 68 -8.66 3.53 6.95
C THR A 68 -8.00 2.29 7.55
N SER A 69 -8.73 1.53 8.33
CA SER A 69 -8.14 0.31 8.94
C SER A 69 -8.38 -0.88 8.01
N ARG A 70 -8.32 -0.65 6.73
CA ARG A 70 -8.53 -1.76 5.76
C ARG A 70 -8.82 -1.21 4.36
N GLN A 71 -8.28 -0.07 4.02
CA GLN A 71 -8.53 0.50 2.66
C GLN A 71 -7.54 -0.11 1.69
N ILE A 72 -7.86 -1.24 1.11
CA ILE A 72 -6.93 -1.88 0.15
C ILE A 72 -6.37 -0.83 -0.82
N LEU A 73 -5.11 -0.50 -0.68
CA LEU A 73 -4.52 0.50 -1.63
C LEU A 73 -4.78 0.01 -3.04
N GLY A 74 -4.60 -1.26 -3.25
CA GLY A 74 -4.82 -1.84 -4.61
C GLY A 74 -4.01 -3.12 -4.73
N ARG A 75 -3.74 -3.56 -5.93
CA ARG A 75 -2.96 -4.79 -6.10
C ARG A 75 -1.89 -4.59 -7.16
N LEU A 76 -0.70 -5.02 -6.88
CA LEU A 76 0.40 -4.86 -7.88
C LEU A 76 0.57 -6.17 -8.65
N ARG A 77 1.50 -6.98 -8.24
CA ARG A 77 1.72 -8.28 -8.96
C ARG A 77 2.34 -9.29 -7.99
N GLU A 78 2.28 -10.56 -8.33
CA GLU A 78 2.86 -11.59 -7.43
C GLU A 78 3.11 -12.88 -8.23
N GLY A 79 3.29 -13.98 -7.55
CA GLY A 79 3.54 -15.26 -8.27
C GLY A 79 5.04 -15.44 -8.48
N ASN A 80 5.59 -16.52 -7.97
CA ASN A 80 7.05 -16.75 -8.14
C ASN A 80 7.41 -18.13 -7.58
N SER A 1 -3.23 -13.34 -7.06
CA SER A 1 -1.77 -13.30 -7.32
C SER A 1 -1.35 -11.85 -7.58
N SER A 2 -1.33 -11.04 -6.56
CA SER A 2 -0.92 -9.62 -6.75
C SER A 2 -0.74 -8.95 -5.38
N VAL A 3 0.00 -7.88 -5.33
CA VAL A 3 0.21 -7.18 -4.03
C VAL A 3 -1.06 -6.40 -3.68
N ASP A 4 -2.06 -7.07 -3.17
CA ASP A 4 -3.30 -6.37 -2.79
C ASP A 4 -3.13 -5.86 -1.38
N ILE A 5 -2.47 -4.75 -1.22
CA ILE A 5 -2.22 -4.23 0.15
C ILE A 5 -3.36 -3.36 0.64
N LEU A 6 -3.43 -3.16 1.93
CA LEU A 6 -4.49 -2.31 2.54
C LEU A 6 -3.89 -1.56 3.73
N VAL A 7 -4.71 -0.97 4.56
CA VAL A 7 -4.17 -0.24 5.74
C VAL A 7 -4.95 -0.63 7.00
N PRO A 8 -4.95 -1.91 7.29
CA PRO A 8 -5.65 -2.44 8.48
C PRO A 8 -4.79 -2.25 9.74
N ASP A 9 -4.12 -1.14 9.85
CA ASP A 9 -3.27 -0.90 11.05
C ASP A 9 -3.87 0.21 11.91
N LEU A 10 -5.17 0.30 11.97
CA LEU A 10 -5.81 1.36 12.78
C LEU A 10 -7.06 0.80 13.47
N PRO A 11 -6.83 0.06 14.53
CA PRO A 11 -7.92 -0.57 15.31
C PRO A 11 -8.59 0.45 16.23
N GLU A 12 -7.83 1.35 16.80
CA GLU A 12 -8.41 2.37 17.70
C GLU A 12 -9.56 3.10 16.99
N SER A 13 -10.08 4.13 17.59
CA SER A 13 -11.20 4.88 16.94
C SER A 13 -10.65 5.72 15.77
N VAL A 14 -9.36 5.68 15.57
CA VAL A 14 -8.77 6.46 14.45
C VAL A 14 -8.50 5.51 13.27
N ALA A 15 -9.51 4.84 12.80
CA ALA A 15 -9.33 3.89 11.67
C ALA A 15 -9.37 4.65 10.34
N ASP A 16 -8.70 5.77 10.25
CA ASP A 16 -8.70 6.54 8.99
C ASP A 16 -7.28 7.03 8.68
N ALA A 17 -6.89 7.02 7.44
CA ALA A 17 -5.54 7.48 7.07
C ALA A 17 -5.57 8.12 5.68
N THR A 18 -4.44 8.23 5.04
CA THR A 18 -4.42 8.84 3.68
C THR A 18 -3.12 8.46 2.96
N VAL A 19 -3.22 7.70 1.90
CA VAL A 19 -1.99 7.33 1.15
C VAL A 19 -1.15 8.59 0.94
N ALA A 20 0.14 8.51 1.12
CA ALA A 20 0.98 9.74 0.95
C ALA A 20 1.96 9.57 -0.21
N THR A 21 2.71 8.51 -0.25
CA THR A 21 3.68 8.37 -1.38
C THR A 21 4.11 6.90 -1.59
N TRP A 22 3.68 6.31 -2.68
CA TRP A 22 4.08 4.90 -2.98
C TRP A 22 5.58 4.91 -3.29
N HIS A 23 6.07 3.86 -3.88
CA HIS A 23 7.51 3.81 -4.26
C HIS A 23 7.64 2.82 -5.41
N LYS A 24 6.61 2.71 -6.21
CA LYS A 24 6.64 1.75 -7.35
C LYS A 24 6.35 2.47 -8.66
N LYS A 25 7.04 2.13 -9.70
CA LYS A 25 6.79 2.75 -11.03
C LYS A 25 5.73 1.88 -11.72
N PRO A 26 5.37 2.19 -12.95
CA PRO A 26 4.33 1.42 -13.65
C PRO A 26 4.79 -0.01 -13.91
N GLY A 27 4.50 -0.89 -12.98
CA GLY A 27 4.88 -2.32 -13.13
C GLY A 27 6.39 -2.49 -12.95
N ASP A 28 6.95 -1.91 -11.93
CA ASP A 28 8.41 -2.06 -11.72
C ASP A 28 8.80 -3.56 -11.59
N ALA A 29 9.24 -3.99 -10.44
CA ALA A 29 9.64 -5.40 -10.26
C ALA A 29 10.59 -5.50 -9.06
N VAL A 30 10.10 -5.94 -7.93
CA VAL A 30 10.99 -6.03 -6.74
C VAL A 30 11.42 -7.49 -6.51
N VAL A 31 12.08 -7.76 -5.42
CA VAL A 31 12.54 -9.14 -5.13
C VAL A 31 12.16 -9.51 -3.68
N ARG A 32 13.13 -9.70 -2.82
CA ARG A 32 12.80 -10.06 -1.41
C ARG A 32 12.61 -8.76 -0.60
N ASP A 33 11.61 -7.99 -0.95
CA ASP A 33 11.32 -6.70 -0.25
C ASP A 33 10.67 -5.75 -1.25
N GLU A 34 9.38 -5.62 -1.24
CA GLU A 34 8.71 -4.74 -2.24
C GLU A 34 8.46 -3.34 -1.68
N VAL A 35 7.80 -2.54 -2.47
CA VAL A 35 7.47 -1.15 -2.07
C VAL A 35 7.06 -1.08 -0.60
N LEU A 36 7.02 0.12 -0.09
CA LEU A 36 6.62 0.35 1.32
C LEU A 36 5.92 1.69 1.33
N VAL A 37 4.82 1.79 0.62
CA VAL A 37 4.08 3.07 0.52
C VAL A 37 4.05 3.78 1.88
N GLU A 38 3.69 5.02 1.90
CA GLU A 38 3.66 5.77 3.18
C GLU A 38 2.29 6.44 3.34
N ILE A 39 1.41 5.80 4.04
CA ILE A 39 0.06 6.38 4.24
C ILE A 39 0.12 7.45 5.34
N GLU A 40 -1.00 7.90 5.82
CA GLU A 40 -0.98 8.96 6.87
C GLU A 40 -2.25 8.88 7.72
N THR A 41 -2.12 8.68 9.00
CA THR A 41 -3.32 8.61 9.88
C THR A 41 -3.30 9.76 10.89
N ASP A 42 -2.80 9.53 12.05
CA ASP A 42 -2.75 10.62 13.08
C ASP A 42 -1.49 10.45 13.94
N LYS A 43 -0.38 11.00 13.49
CA LYS A 43 0.89 10.88 14.25
C LYS A 43 1.60 9.58 13.86
N VAL A 44 0.87 8.61 13.40
CA VAL A 44 1.50 7.33 13.00
C VAL A 44 1.50 7.22 11.47
N VAL A 45 2.32 6.36 10.93
CA VAL A 45 2.37 6.21 9.45
C VAL A 45 2.79 4.78 9.09
N LEU A 46 1.84 3.94 8.78
CA LEU A 46 2.17 2.55 8.43
C LEU A 46 2.67 2.51 6.98
N GLU A 47 3.22 1.41 6.55
CA GLU A 47 3.73 1.34 5.15
C GLU A 47 3.11 0.16 4.41
N VAL A 48 3.70 -0.23 3.31
CA VAL A 48 3.15 -1.37 2.52
C VAL A 48 4.31 -2.17 1.91
N PRO A 49 4.96 -2.94 2.76
CA PRO A 49 6.10 -3.78 2.37
C PRO A 49 5.63 -5.10 1.74
N ALA A 50 5.66 -5.23 0.44
CA ALA A 50 5.25 -6.52 -0.17
C ALA A 50 6.44 -7.47 -0.05
N SER A 51 6.48 -8.53 -0.80
CA SER A 51 7.65 -9.45 -0.65
C SER A 51 8.20 -9.87 -2.01
N ALA A 52 7.76 -9.24 -3.08
CA ALA A 52 8.30 -9.61 -4.42
C ALA A 52 7.36 -9.13 -5.53
N ASP A 53 7.86 -8.98 -6.71
CA ASP A 53 7.01 -8.52 -7.86
C ASP A 53 6.81 -7.01 -7.79
N GLY A 54 6.00 -6.55 -6.88
CA GLY A 54 5.74 -5.09 -6.77
C GLY A 54 5.51 -4.46 -8.14
N ILE A 55 5.22 -5.24 -9.14
CA ILE A 55 4.99 -4.63 -10.46
C ILE A 55 3.68 -3.84 -10.38
N LEU A 56 3.79 -2.60 -10.05
CA LEU A 56 2.60 -1.73 -9.90
C LEU A 56 1.61 -1.97 -11.05
N ASP A 57 0.70 -2.89 -10.85
CA ASP A 57 -0.30 -3.19 -11.91
C ASP A 57 -1.50 -2.25 -11.77
N ALA A 58 -2.10 -2.18 -10.61
CA ALA A 58 -3.27 -1.27 -10.46
C ALA A 58 -3.35 -0.70 -9.05
N VAL A 59 -2.99 0.55 -8.88
CA VAL A 59 -3.06 1.17 -7.53
C VAL A 59 -4.44 1.82 -7.39
N LEU A 60 -5.39 1.11 -6.87
CA LEU A 60 -6.75 1.68 -6.73
C LEU A 60 -6.75 2.78 -5.67
N GLU A 61 -5.66 2.97 -5.00
CA GLU A 61 -5.60 4.04 -3.97
C GLU A 61 -4.36 4.89 -4.23
N ASP A 62 -4.11 5.20 -5.46
CA ASP A 62 -2.93 6.03 -5.80
C ASP A 62 -2.80 7.17 -4.79
N GLU A 63 -1.62 7.35 -4.26
CA GLU A 63 -1.35 8.43 -3.25
C GLU A 63 -2.39 9.56 -3.31
N GLY A 64 -2.78 10.05 -2.17
CA GLY A 64 -3.78 11.15 -2.13
C GLY A 64 -5.18 10.59 -1.87
N THR A 65 -5.36 9.31 -2.04
CA THR A 65 -6.69 8.70 -1.79
C THR A 65 -6.90 8.50 -0.29
N THR A 66 -8.12 8.31 0.13
CA THR A 66 -8.39 8.11 1.59
C THR A 66 -8.33 6.63 1.92
N VAL A 67 -8.20 6.31 3.17
CA VAL A 67 -8.11 4.89 3.59
C VAL A 67 -8.69 4.75 5.00
N THR A 68 -8.85 3.54 5.47
CA THR A 68 -9.41 3.33 6.84
C THR A 68 -8.61 2.22 7.52
N SER A 69 -9.22 1.51 8.43
CA SER A 69 -8.48 0.42 9.14
C SER A 69 -8.67 -0.88 8.35
N ARG A 70 -8.63 -0.80 7.04
CA ARG A 70 -8.80 -2.02 6.21
C ARG A 70 -9.08 -1.63 4.76
N GLN A 71 -8.49 -0.57 4.29
CA GLN A 71 -8.72 -0.14 2.88
C GLN A 71 -7.57 -0.65 2.01
N ILE A 72 -7.86 -1.48 1.03
CA ILE A 72 -6.78 -2.00 0.15
C ILE A 72 -6.25 -0.88 -0.73
N LEU A 73 -5.02 -0.46 -0.52
CA LEU A 73 -4.47 0.61 -1.39
C LEU A 73 -4.74 0.22 -2.83
N GLY A 74 -4.56 -1.03 -3.13
CA GLY A 74 -4.81 -1.52 -4.51
C GLY A 74 -4.10 -2.85 -4.69
N ARG A 75 -3.97 -3.30 -5.90
CA ARG A 75 -3.29 -4.59 -6.14
C ARG A 75 -2.21 -4.40 -7.20
N LEU A 76 -1.17 -5.17 -7.10
CA LEU A 76 -0.07 -5.03 -8.07
C LEU A 76 0.05 -6.33 -8.88
N ARG A 77 1.23 -6.87 -9.04
CA ARG A 77 1.38 -8.12 -9.85
C ARG A 77 1.63 -9.31 -8.92
N GLU A 78 2.60 -9.20 -8.05
CA GLU A 78 2.90 -10.33 -7.12
C GLU A 78 2.91 -11.65 -7.91
N GLY A 79 2.95 -12.76 -7.24
CA GLY A 79 2.96 -14.07 -7.96
C GLY A 79 4.41 -14.45 -8.30
N ASN A 80 4.62 -15.06 -9.43
CA ASN A 80 6.00 -15.45 -9.83
C ASN A 80 6.92 -14.23 -9.76
N SER A 1 -2.53 -12.64 -8.51
CA SER A 1 -1.38 -12.41 -9.43
C SER A 1 -0.93 -10.95 -9.32
N SER A 2 -1.11 -10.35 -8.18
CA SER A 2 -0.69 -8.93 -8.01
C SER A 2 -0.50 -8.63 -6.52
N VAL A 3 0.16 -7.54 -6.20
CA VAL A 3 0.38 -7.20 -4.77
C VAL A 3 -0.95 -6.79 -4.14
N ASP A 4 -1.75 -7.74 -3.72
CA ASP A 4 -3.02 -7.39 -3.07
C ASP A 4 -2.68 -6.85 -1.68
N ILE A 5 -2.37 -5.59 -1.61
CA ILE A 5 -1.97 -5.02 -0.29
C ILE A 5 -3.03 -4.06 0.24
N LEU A 6 -3.21 -4.06 1.53
CA LEU A 6 -4.21 -3.16 2.17
C LEU A 6 -3.51 -2.39 3.31
N VAL A 7 -4.12 -2.29 4.45
CA VAL A 7 -3.46 -1.56 5.57
C VAL A 7 -4.14 -1.96 6.89
N PRO A 8 -3.96 -3.20 7.28
CA PRO A 8 -4.55 -3.73 8.52
C PRO A 8 -3.76 -3.28 9.74
N ASP A 9 -3.77 -2.01 10.02
CA ASP A 9 -3.03 -1.49 11.19
C ASP A 9 -3.93 -0.57 12.01
N LEU A 10 -5.22 -0.60 11.75
CA LEU A 10 -6.19 0.26 12.50
C LEU A 10 -5.72 0.45 13.95
N PRO A 11 -5.01 1.55 14.17
CA PRO A 11 -4.49 1.89 15.51
C PRO A 11 -5.61 2.49 16.37
N GLU A 12 -5.26 3.26 17.37
CA GLU A 12 -6.30 3.87 18.24
C GLU A 12 -7.45 4.39 17.38
N SER A 13 -8.64 3.94 17.66
CA SER A 13 -9.82 4.39 16.85
C SER A 13 -9.73 5.90 16.62
N VAL A 14 -9.43 6.30 15.41
CA VAL A 14 -9.34 7.75 15.10
C VAL A 14 -10.53 8.17 14.23
N ALA A 15 -10.40 7.97 12.96
CA ALA A 15 -11.50 8.35 12.03
C ALA A 15 -11.22 7.81 10.64
N ASP A 16 -9.97 7.75 10.27
CA ASP A 16 -9.60 7.25 8.92
C ASP A 16 -8.12 7.51 8.66
N ALA A 17 -7.72 7.60 7.42
CA ALA A 17 -6.29 7.86 7.11
C ALA A 17 -6.13 8.22 5.64
N THR A 18 -4.93 8.27 5.15
CA THR A 18 -4.73 8.62 3.71
C THR A 18 -3.38 8.11 3.21
N VAL A 19 -3.36 7.54 2.03
CA VAL A 19 -2.08 7.03 1.46
C VAL A 19 -1.13 8.19 1.18
N ALA A 20 -0.38 8.60 2.16
CA ALA A 20 0.57 9.73 1.95
C ALA A 20 1.27 9.59 0.60
N THR A 21 2.03 8.55 0.40
CA THR A 21 2.73 8.42 -0.91
C THR A 21 3.31 7.02 -1.10
N TRP A 22 3.03 6.40 -2.22
CA TRP A 22 3.59 5.05 -2.51
C TRP A 22 5.10 5.17 -2.72
N HIS A 23 5.71 4.13 -3.22
CA HIS A 23 7.17 4.17 -3.50
C HIS A 23 7.43 3.25 -4.69
N LYS A 24 6.41 3.04 -5.50
CA LYS A 24 6.56 2.13 -6.68
C LYS A 24 6.28 2.91 -7.96
N LYS A 25 7.19 2.89 -8.90
CA LYS A 25 6.95 3.61 -10.18
C LYS A 25 6.04 2.71 -11.06
N PRO A 26 5.83 3.06 -12.30
CA PRO A 26 4.93 2.28 -13.17
C PRO A 26 5.49 0.90 -13.50
N GLY A 27 4.94 -0.10 -12.86
CA GLY A 27 5.39 -1.50 -13.10
C GLY A 27 6.87 -1.66 -12.80
N ASP A 28 7.33 -1.17 -11.68
CA ASP A 28 8.77 -1.32 -11.35
C ASP A 28 9.19 -2.80 -11.39
N ALA A 29 9.59 -3.37 -10.28
CA ALA A 29 10.03 -4.79 -10.25
C ALA A 29 10.85 -5.02 -8.98
N VAL A 30 10.25 -5.58 -7.97
CA VAL A 30 11.00 -5.80 -6.70
C VAL A 30 11.46 -7.26 -6.57
N VAL A 31 12.23 -7.54 -5.56
CA VAL A 31 12.71 -8.93 -5.31
C VAL A 31 12.30 -9.35 -3.90
N ARG A 32 13.14 -9.16 -2.93
CA ARG A 32 12.79 -9.54 -1.53
C ARG A 32 12.65 -8.25 -0.70
N ASP A 33 11.67 -7.44 -1.01
CA ASP A 33 11.45 -6.15 -0.29
C ASP A 33 10.69 -5.21 -1.23
N GLU A 34 9.41 -5.35 -1.33
CA GLU A 34 8.61 -4.49 -2.26
C GLU A 34 8.17 -3.18 -1.60
N VAL A 35 7.56 -2.32 -2.39
CA VAL A 35 7.08 -0.99 -1.90
C VAL A 35 6.63 -1.04 -0.44
N LEU A 36 6.67 0.11 0.20
CA LEU A 36 6.24 0.23 1.61
C LEU A 36 5.51 1.57 1.70
N VAL A 37 4.46 1.70 0.94
CA VAL A 37 3.69 2.98 0.91
C VAL A 37 3.60 3.59 2.32
N GLU A 38 3.14 4.81 2.41
CA GLU A 38 3.03 5.47 3.74
C GLU A 38 1.67 6.13 3.83
N ILE A 39 0.77 5.53 4.55
CA ILE A 39 -0.58 6.12 4.68
C ILE A 39 -0.55 7.22 5.74
N GLU A 40 -1.69 7.65 6.20
CA GLU A 40 -1.71 8.73 7.23
C GLU A 40 -2.81 8.46 8.25
N THR A 41 -2.49 7.75 9.30
CA THR A 41 -3.52 7.48 10.34
C THR A 41 -3.49 8.57 11.41
N ASP A 42 -3.10 9.76 11.03
CA ASP A 42 -3.04 10.88 12.01
C ASP A 42 -1.79 10.75 12.89
N LYS A 43 -0.63 11.02 12.33
CA LYS A 43 0.64 10.92 13.09
C LYS A 43 1.18 9.50 12.98
N VAL A 44 0.32 8.55 12.79
CA VAL A 44 0.79 7.14 12.68
C VAL A 44 0.73 6.69 11.21
N VAL A 45 1.82 6.82 10.50
CA VAL A 45 1.83 6.41 9.07
C VAL A 45 2.35 4.98 8.97
N LEU A 46 1.49 4.03 8.74
CA LEU A 46 1.92 2.62 8.62
C LEU A 46 2.50 2.40 7.23
N GLU A 47 3.06 1.23 6.97
CA GLU A 47 3.65 0.99 5.63
C GLU A 47 2.93 -0.14 4.92
N VAL A 48 3.37 -0.47 3.72
CA VAL A 48 2.72 -1.58 2.96
C VAL A 48 3.82 -2.32 2.17
N PRO A 49 4.53 -3.17 2.87
CA PRO A 49 5.64 -3.95 2.31
C PRO A 49 5.14 -5.18 1.55
N ALA A 50 5.44 -5.28 0.27
CA ALA A 50 5.03 -6.50 -0.48
C ALA A 50 6.24 -7.42 -0.49
N SER A 51 6.10 -8.63 -0.91
CA SER A 51 7.29 -9.52 -0.89
C SER A 51 7.64 -9.97 -2.30
N ALA A 52 8.27 -9.10 -3.03
CA ALA A 52 8.69 -9.41 -4.44
C ALA A 52 7.60 -8.92 -5.40
N ASP A 53 7.90 -8.90 -6.68
CA ASP A 53 6.89 -8.40 -7.64
C ASP A 53 6.60 -6.93 -7.32
N GLY A 54 5.37 -6.57 -7.13
CA GLY A 54 5.08 -5.14 -6.80
C GLY A 54 5.00 -4.33 -8.08
N ILE A 55 5.33 -4.91 -9.22
CA ILE A 55 5.25 -4.15 -10.50
C ILE A 55 3.94 -3.35 -10.48
N LEU A 56 4.02 -2.09 -10.14
CA LEU A 56 2.78 -1.26 -10.07
C LEU A 56 1.88 -1.53 -11.26
N ASP A 57 0.96 -2.45 -11.11
CA ASP A 57 0.03 -2.78 -12.21
C ASP A 57 -1.36 -2.21 -11.89
N ALA A 58 -1.75 -2.21 -10.65
CA ALA A 58 -3.10 -1.66 -10.31
C ALA A 58 -3.08 -1.03 -8.91
N VAL A 59 -2.99 0.27 -8.85
CA VAL A 59 -2.99 0.95 -7.52
C VAL A 59 -4.33 1.66 -7.35
N LEU A 60 -5.30 1.01 -6.79
CA LEU A 60 -6.64 1.64 -6.61
C LEU A 60 -6.56 2.74 -5.55
N GLU A 61 -5.43 2.88 -4.92
CA GLU A 61 -5.28 3.95 -3.89
C GLU A 61 -4.04 4.76 -4.24
N ASP A 62 -3.97 5.24 -5.45
CA ASP A 62 -2.80 6.04 -5.89
C ASP A 62 -2.48 7.13 -4.89
N GLU A 63 -1.25 7.15 -4.42
CA GLU A 63 -0.78 8.18 -3.44
C GLU A 63 -1.80 9.29 -3.18
N GLY A 64 -2.53 9.21 -2.11
CA GLY A 64 -3.53 10.27 -1.79
C GLY A 64 -4.89 9.66 -1.50
N THR A 65 -5.26 8.62 -2.20
CA THR A 65 -6.59 7.99 -1.96
C THR A 65 -6.82 7.87 -0.44
N THR A 66 -8.05 8.02 -0.01
CA THR A 66 -8.34 7.94 1.45
C THR A 66 -8.57 6.49 1.86
N VAL A 67 -8.08 6.13 3.00
CA VAL A 67 -8.24 4.74 3.49
C VAL A 67 -8.27 4.77 5.03
N THR A 68 -8.64 3.67 5.65
CA THR A 68 -8.67 3.64 7.13
C THR A 68 -7.74 2.55 7.65
N SER A 69 -7.84 1.40 7.07
CA SER A 69 -6.97 0.26 7.50
C SER A 69 -7.12 -0.89 6.54
N ARG A 70 -8.20 -1.59 6.61
CA ARG A 70 -8.43 -2.76 5.72
C ARG A 70 -8.89 -2.29 4.32
N GLN A 71 -8.37 -1.21 3.83
CA GLN A 71 -8.78 -0.73 2.47
C GLN A 71 -7.66 -1.08 1.49
N ILE A 72 -7.79 -2.17 0.78
CA ILE A 72 -6.74 -2.57 -0.19
C ILE A 72 -6.21 -1.35 -0.94
N LEU A 73 -4.98 -0.98 -0.69
CA LEU A 73 -4.39 0.19 -1.41
C LEU A 73 -4.52 -0.06 -2.90
N GLY A 74 -4.27 -1.28 -3.31
CA GLY A 74 -4.36 -1.61 -4.76
C GLY A 74 -3.55 -2.88 -5.03
N ARG A 75 -3.71 -3.46 -6.17
CA ARG A 75 -2.94 -4.69 -6.48
C ARG A 75 -1.89 -4.41 -7.53
N LEU A 76 -0.73 -4.94 -7.36
CA LEU A 76 0.36 -4.70 -8.34
C LEU A 76 0.75 -6.02 -9.02
N ARG A 77 1.83 -6.62 -8.62
CA ARG A 77 2.27 -7.90 -9.25
C ARG A 77 2.55 -8.94 -8.16
N GLU A 78 2.41 -10.20 -8.47
CA GLU A 78 2.68 -11.26 -7.47
C GLU A 78 2.94 -12.59 -8.18
N GLY A 79 2.89 -13.68 -7.46
CA GLY A 79 3.14 -15.00 -8.09
C GLY A 79 1.92 -15.90 -7.89
N ASN A 80 2.05 -17.16 -8.21
CA ASN A 80 0.89 -18.09 -8.03
C ASN A 80 1.34 -19.52 -8.34
#